data_8GOJ
# 
_entry.id   8GOJ 
# 
_audit_conform.dict_name       mmcif_pdbx.dic 
_audit_conform.dict_version    5.376 
_audit_conform.dict_location   http://mmcif.pdb.org/dictionaries/ascii/mmcif_pdbx.dic 
# 
loop_
_database_2.database_id 
_database_2.database_code 
_database_2.pdbx_database_accession 
_database_2.pdbx_DOI 
PDB   8GOJ         pdb_00008goj 10.2210/pdb8goj/pdb 
WWPDB D_1300031771 ?            ?                   
# 
_pdbx_database_status.status_code                     REL 
_pdbx_database_status.status_code_sf                  REL 
_pdbx_database_status.status_code_mr                  ? 
_pdbx_database_status.entry_id                        8GOJ 
_pdbx_database_status.recvd_initial_deposition_date   2022-08-25 
_pdbx_database_status.SG_entry                        N 
_pdbx_database_status.deposit_site                    PDBJ 
_pdbx_database_status.process_site                    PDBJ 
_pdbx_database_status.status_code_cs                  ? 
_pdbx_database_status.status_code_nmr_data            ? 
_pdbx_database_status.methods_development_category    ? 
_pdbx_database_status.pdb_format_compatible           Y 
# 
_audit_author.name               'Kumasaka, T.' 
_audit_author.pdbx_ordinal       1 
_audit_author.identifier_ORCID   0000-0001-9289-1557 
# 
_citation.abstract                  ? 
_citation.abstract_id_CAS           ? 
_citation.book_id_ISBN              ? 
_citation.book_publisher            ? 
_citation.book_publisher_city       ? 
_citation.book_title                ? 
_citation.coordinate_linkage        ? 
_citation.country                   ? 
_citation.database_id_Medline       ? 
_citation.details                   ? 
_citation.id                        primary 
_citation.journal_abbrev            'To Be Published' 
_citation.journal_id_ASTM           ? 
_citation.journal_id_CSD            0353 
_citation.journal_id_ISSN           ? 
_citation.journal_full              ? 
_citation.journal_issue             ? 
_citation.journal_volume            ? 
_citation.language                  ? 
_citation.page_first                ? 
_citation.page_last                 ? 
_citation.title                     
'Design of interchain Glu-Arg salt-bridges stabilizing heterotetrameric coiled-coil derived from Lac repressor.' 
_citation.year                      ? 
_citation.database_id_CSD           ? 
_citation.pdbx_database_id_DOI      ? 
_citation.pdbx_database_id_PubMed   ? 
_citation.pdbx_database_id_patent   ? 
_citation.unpublished_flag          ? 
# 
loop_
_citation_author.citation_id 
_citation_author.name 
_citation_author.ordinal 
_citation_author.identifier_ORCID 
primary 'Otsuka, Y.'   1 ? 
primary 'Kumasaka, T.' 2 ? 
# 
_cell.angle_alpha                  90.000 
_cell.angle_alpha_esd              ? 
_cell.angle_beta                   102.910 
_cell.angle_beta_esd               ? 
_cell.angle_gamma                  90.000 
_cell.angle_gamma_esd              ? 
_cell.entry_id                     8GOJ 
_cell.details                      ? 
_cell.formula_units_Z              ? 
_cell.length_a                     22.840 
_cell.length_a_esd                 ? 
_cell.length_b                     41.900 
_cell.length_b_esd                 ? 
_cell.length_c                     38.840 
_cell.length_c_esd                 ? 
_cell.volume                       36230.156 
_cell.volume_esd                   ? 
_cell.Z_PDB                        4 
_cell.reciprocal_angle_alpha       ? 
_cell.reciprocal_angle_beta        ? 
_cell.reciprocal_angle_gamma       ? 
_cell.reciprocal_angle_alpha_esd   ? 
_cell.reciprocal_angle_beta_esd    ? 
_cell.reciprocal_angle_gamma_esd   ? 
_cell.reciprocal_length_a          ? 
_cell.reciprocal_length_b          ? 
_cell.reciprocal_length_c          ? 
_cell.reciprocal_length_a_esd      ? 
_cell.reciprocal_length_b_esd      ? 
_cell.reciprocal_length_c_esd      ? 
_cell.pdbx_unique_axis             ? 
_cell.pdbx_esd_method              ? 
# 
_symmetry.entry_id                         8GOJ 
_symmetry.cell_setting                     ? 
_symmetry.Int_Tables_number                4 
_symmetry.space_group_name_Hall            'P 2yb' 
_symmetry.space_group_name_H-M             'P 1 21 1' 
_symmetry.pdbx_full_space_group_name_H-M   ? 
# 
loop_
_entity.id 
_entity.type 
_entity.src_method 
_entity.pdbx_description 
_entity.formula_weight 
_entity.pdbx_number_of_molecules 
_entity.pdbx_ec 
_entity.pdbx_mutation 
_entity.pdbx_fragment 
_entity.details 
1 polymer     syn 'Lac23ys_EE, an acidic mutant of LacI C-terminal tetramerization helix' 2550.773 2  ? ? ? ? 
2 polymer     syn 'Lac23ys_KK, a basic mutant of LacI C-terminal tetramerization helix'   2551.038 2  ? ? ? ? 
3 non-polymer syn 'ZINC ION'                                                              65.409   2  ? ? ? ? 
4 water       nat water                                                                   18.015   48 ? ? ? ? 
# 
loop_
_entity_poly.entity_id 
_entity_poly.type 
_entity_poly.nstd_linkage 
_entity_poly.nstd_monomer 
_entity_poly.pdbx_seq_one_letter_code 
_entity_poly.pdbx_seq_one_letter_code_can 
_entity_poly.pdbx_strand_id 
_entity_poly.pdbx_target_identifier 
1 'polypeptide(L)' no no TASPRALADELEQLAYEVERLSS TASPRALADELEQLAYEVERLSS A,C ? 
2 'polypeptide(L)' no no TASPRALADKLKQLAYKVKRLSS TASPRALADKLKQLAYKVKRLSS B,D ? 
# 
loop_
_entity_poly_seq.entity_id 
_entity_poly_seq.num 
_entity_poly_seq.mon_id 
_entity_poly_seq.hetero 
1 1  THR n 
1 2  ALA n 
1 3  SER n 
1 4  PRO n 
1 5  ARG n 
1 6  ALA n 
1 7  LEU n 
1 8  ALA n 
1 9  ASP n 
1 10 GLU n 
1 11 LEU n 
1 12 GLU n 
1 13 GLN n 
1 14 LEU n 
1 15 ALA n 
1 16 TYR n 
1 17 GLU n 
1 18 VAL n 
1 19 GLU n 
1 20 ARG n 
1 21 LEU n 
1 22 SER n 
1 23 SER n 
2 1  THR n 
2 2  ALA n 
2 3  SER n 
2 4  PRO n 
2 5  ARG n 
2 6  ALA n 
2 7  LEU n 
2 8  ALA n 
2 9  ASP n 
2 10 LYS n 
2 11 LEU n 
2 12 LYS n 
2 13 GLN n 
2 14 LEU n 
2 15 ALA n 
2 16 TYR n 
2 17 LYS n 
2 18 VAL n 
2 19 LYS n 
2 20 ARG n 
2 21 LEU n 
2 22 SER n 
2 23 SER n 
# 
loop_
_pdbx_entity_src_syn.entity_id 
_pdbx_entity_src_syn.pdbx_src_id 
_pdbx_entity_src_syn.pdbx_alt_source_flag 
_pdbx_entity_src_syn.pdbx_beg_seq_num 
_pdbx_entity_src_syn.pdbx_end_seq_num 
_pdbx_entity_src_syn.organism_scientific 
_pdbx_entity_src_syn.organism_common_name 
_pdbx_entity_src_syn.ncbi_taxonomy_id 
_pdbx_entity_src_syn.details 
1 1 sample 1 23 'Escherichia coli' ? 562 ? 
2 1 sample 1 23 'Escherichia coli' ? 562 ? 
# 
loop_
_struct_ref.id 
_struct_ref.db_name 
_struct_ref.db_code 
_struct_ref.pdbx_db_accession 
_struct_ref.pdbx_db_isoform 
_struct_ref.entity_id 
_struct_ref.pdbx_seq_one_letter_code 
_struct_ref.pdbx_align_begin 
1 PDB 8GOJ 8GOJ ? 1 ? 1 
2 PDB 8GOJ 8GOJ ? 2 ? 1 
# 
loop_
_struct_ref_seq.align_id 
_struct_ref_seq.ref_id 
_struct_ref_seq.pdbx_PDB_id_code 
_struct_ref_seq.pdbx_strand_id 
_struct_ref_seq.seq_align_beg 
_struct_ref_seq.pdbx_seq_align_beg_ins_code 
_struct_ref_seq.seq_align_end 
_struct_ref_seq.pdbx_seq_align_end_ins_code 
_struct_ref_seq.pdbx_db_accession 
_struct_ref_seq.db_align_beg 
_struct_ref_seq.pdbx_db_align_beg_ins_code 
_struct_ref_seq.db_align_end 
_struct_ref_seq.pdbx_db_align_end_ins_code 
_struct_ref_seq.pdbx_auth_seq_align_beg 
_struct_ref_seq.pdbx_auth_seq_align_end 
1 1 8GOJ A 1 ? 23 ? 8GOJ 1 ? 23 ? 1 23 
2 2 8GOJ B 1 ? 23 ? 8GOJ 1 ? 23 ? 1 23 
3 1 8GOJ C 1 ? 23 ? 8GOJ 1 ? 23 ? 1 23 
4 2 8GOJ D 1 ? 23 ? 8GOJ 1 ? 23 ? 1 23 
# 
loop_
_chem_comp.id 
_chem_comp.type 
_chem_comp.mon_nstd_flag 
_chem_comp.name 
_chem_comp.pdbx_synonyms 
_chem_comp.formula 
_chem_comp.formula_weight 
ALA 'L-peptide linking' y ALANINE         ? 'C3 H7 N O2'     89.093  
ARG 'L-peptide linking' y ARGININE        ? 'C6 H15 N4 O2 1' 175.209 
ASP 'L-peptide linking' y 'ASPARTIC ACID' ? 'C4 H7 N O4'     133.103 
GLN 'L-peptide linking' y GLUTAMINE       ? 'C5 H10 N2 O3'   146.144 
GLU 'L-peptide linking' y 'GLUTAMIC ACID' ? 'C5 H9 N O4'     147.129 
HOH non-polymer         . WATER           ? 'H2 O'           18.015  
LEU 'L-peptide linking' y LEUCINE         ? 'C6 H13 N O2'    131.173 
LYS 'L-peptide linking' y LYSINE          ? 'C6 H15 N2 O2 1' 147.195 
PRO 'L-peptide linking' y PROLINE         ? 'C5 H9 N O2'     115.130 
SER 'L-peptide linking' y SERINE          ? 'C3 H7 N O3'     105.093 
THR 'L-peptide linking' y THREONINE       ? 'C4 H9 N O3'     119.119 
TYR 'L-peptide linking' y TYROSINE        ? 'C9 H11 N O3'    181.189 
VAL 'L-peptide linking' y VALINE          ? 'C5 H11 N O2'    117.146 
ZN  non-polymer         . 'ZINC ION'      ? 'Zn 2'           65.409  
# 
_exptl.absorpt_coefficient_mu     ? 
_exptl.absorpt_correction_T_max   ? 
_exptl.absorpt_correction_T_min   ? 
_exptl.absorpt_correction_type    ? 
_exptl.absorpt_process_details    ? 
_exptl.entry_id                   8GOJ 
_exptl.crystals_number            1 
_exptl.details                    ? 
_exptl.method                     'X-RAY DIFFRACTION' 
_exptl.method_details             ? 
# 
_exptl_crystal.colour                       ? 
_exptl_crystal.density_diffrn               ? 
_exptl_crystal.density_Matthews             1.78 
_exptl_crystal.density_method               ? 
_exptl_crystal.density_percent_sol          30.72 
_exptl_crystal.description                  ? 
_exptl_crystal.F_000                        ? 
_exptl_crystal.id                           1 
_exptl_crystal.preparation                  ? 
_exptl_crystal.size_max                     ? 
_exptl_crystal.size_mid                     ? 
_exptl_crystal.size_min                     ? 
_exptl_crystal.size_rad                     ? 
_exptl_crystal.colour_lustre                ? 
_exptl_crystal.colour_modifier              ? 
_exptl_crystal.colour_primary               ? 
_exptl_crystal.density_meas                 ? 
_exptl_crystal.density_meas_esd             ? 
_exptl_crystal.density_meas_gt              ? 
_exptl_crystal.density_meas_lt              ? 
_exptl_crystal.density_meas_temp            ? 
_exptl_crystal.density_meas_temp_esd        ? 
_exptl_crystal.density_meas_temp_gt         ? 
_exptl_crystal.density_meas_temp_lt         ? 
_exptl_crystal.pdbx_crystal_image_url       ? 
_exptl_crystal.pdbx_crystal_image_format    ? 
_exptl_crystal.pdbx_mosaicity               ? 
_exptl_crystal.pdbx_mosaicity_esd           ? 
_exptl_crystal.pdbx_mosaic_method           ? 
_exptl_crystal.pdbx_mosaic_block_size       ? 
_exptl_crystal.pdbx_mosaic_block_size_esd   ? 
# 
_exptl_crystal_grow.apparatus       ? 
_exptl_crystal_grow.atmosphere      ? 
_exptl_crystal_grow.crystal_id      1 
_exptl_crystal_grow.details         ? 
_exptl_crystal_grow.method          'VAPOR DIFFUSION, SITTING DROP' 
_exptl_crystal_grow.method_ref      ? 
_exptl_crystal_grow.pH              6.5 
_exptl_crystal_grow.pressure        ? 
_exptl_crystal_grow.pressure_esd    ? 
_exptl_crystal_grow.seeding         ? 
_exptl_crystal_grow.seeding_ref     ? 
_exptl_crystal_grow.temp            293 
_exptl_crystal_grow.temp_details    ? 
_exptl_crystal_grow.temp_esd        ? 
_exptl_crystal_grow.time            ? 
_exptl_crystal_grow.pdbx_details    '25% PEG 200,  0.10M Zinc Sulfate,  0.1M MES pH6.5' 
_exptl_crystal_grow.pdbx_pH_range   ? 
# 
_diffrn.ambient_environment              ? 
_diffrn.ambient_temp                     100 
_diffrn.ambient_temp_details             ? 
_diffrn.ambient_temp_esd                 ? 
_diffrn.crystal_id                       1 
_diffrn.crystal_support                  ? 
_diffrn.crystal_treatment                ? 
_diffrn.details                          ? 
_diffrn.id                               1 
_diffrn.ambient_pressure                 ? 
_diffrn.ambient_pressure_esd             ? 
_diffrn.ambient_pressure_gt              ? 
_diffrn.ambient_pressure_lt              ? 
_diffrn.ambient_temp_gt                  ? 
_diffrn.ambient_temp_lt                  ? 
_diffrn.pdbx_serial_crystal_experiment   N 
# 
_diffrn_detector.details                      ? 
_diffrn_detector.detector                     PIXEL 
_diffrn_detector.diffrn_id                    1 
_diffrn_detector.type                         'DECTRIS PILATUS 6M' 
_diffrn_detector.area_resol_mean              ? 
_diffrn_detector.dtime                        ? 
_diffrn_detector.pdbx_frames_total            ? 
_diffrn_detector.pdbx_collection_time_total   ? 
_diffrn_detector.pdbx_collection_date         2020-01-29 
_diffrn_detector.pdbx_frequency               ? 
# 
_diffrn_radiation.collimation                      ? 
_diffrn_radiation.diffrn_id                        1 
_diffrn_radiation.filter_edge                      ? 
_diffrn_radiation.inhomogeneity                    ? 
_diffrn_radiation.monochromator                    ? 
_diffrn_radiation.polarisn_norm                    ? 
_diffrn_radiation.polarisn_ratio                   ? 
_diffrn_radiation.probe                            ? 
_diffrn_radiation.type                             ? 
_diffrn_radiation.xray_symbol                      ? 
_diffrn_radiation.wavelength_id                    1 
_diffrn_radiation.pdbx_monochromatic_or_laue_m_l   M 
_diffrn_radiation.pdbx_wavelength_list             ? 
_diffrn_radiation.pdbx_wavelength                  ? 
_diffrn_radiation.pdbx_diffrn_protocol             'SINGLE WAVELENGTH' 
_diffrn_radiation.pdbx_analyzer                    ? 
_diffrn_radiation.pdbx_scattering_type             x-ray 
# 
_diffrn_radiation_wavelength.id           1 
_diffrn_radiation_wavelength.wavelength   1.0 
_diffrn_radiation_wavelength.wt           1.0 
# 
_diffrn_source.current                     ? 
_diffrn_source.details                     ? 
_diffrn_source.diffrn_id                   1 
_diffrn_source.power                       ? 
_diffrn_source.size                        ? 
_diffrn_source.source                      SYNCHROTRON 
_diffrn_source.target                      ? 
_diffrn_source.type                        'SPRING-8 BEAMLINE BL45XU' 
_diffrn_source.voltage                     ? 
_diffrn_source.take-off_angle              ? 
_diffrn_source.pdbx_wavelength_list        1.0 
_diffrn_source.pdbx_wavelength             ? 
_diffrn_source.pdbx_synchrotron_beamline   BL45XU 
_diffrn_source.pdbx_synchrotron_site       SPring-8 
# 
_reflns.B_iso_Wilson_estimate                          13.79 
_reflns.entry_id                                       8GOJ 
_reflns.data_reduction_details                         ? 
_reflns.data_reduction_method                          ? 
_reflns.d_resolution_high                              1.38 
_reflns.d_resolution_low                               37.86 
_reflns.details                                        ? 
_reflns.limit_h_max                                    ? 
_reflns.limit_h_min                                    ? 
_reflns.limit_k_max                                    ? 
_reflns.limit_k_min                                    ? 
_reflns.limit_l_max                                    ? 
_reflns.limit_l_min                                    ? 
_reflns.number_all                                     ? 
_reflns.number_obs                                     14393 
_reflns.observed_criterion                             ? 
_reflns.observed_criterion_F_max                       ? 
_reflns.observed_criterion_F_min                       ? 
_reflns.observed_criterion_I_max                       ? 
_reflns.observed_criterion_I_min                       ? 
_reflns.observed_criterion_sigma_F                     ? 
_reflns.observed_criterion_sigma_I                     ? 
_reflns.percent_possible_obs                           92.34 
_reflns.R_free_details                                 ? 
_reflns.Rmerge_F_all                                   ? 
_reflns.Rmerge_F_obs                                   ? 
_reflns.Friedel_coverage                               ? 
_reflns.number_gt                                      ? 
_reflns.threshold_expression                           ? 
_reflns.pdbx_redundancy                                6.5 
_reflns.pdbx_Rmerge_I_obs                              0.08715 
_reflns.pdbx_Rmerge_I_all                              ? 
_reflns.pdbx_Rsym_value                                ? 
_reflns.pdbx_netI_over_av_sigmaI                       ? 
_reflns.pdbx_netI_over_sigmaI                          10.91 
_reflns.pdbx_res_netI_over_av_sigmaI_2                 ? 
_reflns.pdbx_res_netI_over_sigmaI_2                    ? 
_reflns.pdbx_chi_squared                               ? 
_reflns.pdbx_scaling_rejects                           ? 
_reflns.pdbx_d_res_high_opt                            ? 
_reflns.pdbx_d_res_low_opt                             ? 
_reflns.pdbx_d_res_opt_method                          ? 
_reflns.phase_calculation_details                      ? 
_reflns.pdbx_Rrim_I_all                                0.09461 
_reflns.pdbx_Rpim_I_all                                0.03614 
_reflns.pdbx_d_opt                                     ? 
_reflns.pdbx_number_measured_all                       ? 
_reflns.pdbx_diffrn_id                                 1 
_reflns.pdbx_ordinal                                   1 
_reflns.pdbx_CC_half                                   0.998 
_reflns.pdbx_CC_star                                   ? 
_reflns.pdbx_R_split                                   ? 
_reflns.pdbx_aniso_diffraction_limit_axis_1_ortho[1]   ? 
_reflns.pdbx_aniso_diffraction_limit_axis_1_ortho[2]   ? 
_reflns.pdbx_aniso_diffraction_limit_axis_1_ortho[3]   ? 
_reflns.pdbx_aniso_diffraction_limit_axis_2_ortho[1]   ? 
_reflns.pdbx_aniso_diffraction_limit_axis_2_ortho[2]   ? 
_reflns.pdbx_aniso_diffraction_limit_axis_2_ortho[3]   ? 
_reflns.pdbx_aniso_diffraction_limit_axis_3_ortho[1]   ? 
_reflns.pdbx_aniso_diffraction_limit_axis_3_ortho[2]   ? 
_reflns.pdbx_aniso_diffraction_limit_axis_3_ortho[3]   ? 
_reflns.pdbx_aniso_diffraction_limit_1                 ? 
_reflns.pdbx_aniso_diffraction_limit_2                 ? 
_reflns.pdbx_aniso_diffraction_limit_3                 ? 
_reflns.pdbx_aniso_B_tensor_eigenvector_1_ortho[1]     ? 
_reflns.pdbx_aniso_B_tensor_eigenvector_1_ortho[2]     ? 
_reflns.pdbx_aniso_B_tensor_eigenvector_1_ortho[3]     ? 
_reflns.pdbx_aniso_B_tensor_eigenvector_2_ortho[1]     ? 
_reflns.pdbx_aniso_B_tensor_eigenvector_2_ortho[2]     ? 
_reflns.pdbx_aniso_B_tensor_eigenvector_2_ortho[3]     ? 
_reflns.pdbx_aniso_B_tensor_eigenvector_3_ortho[1]     ? 
_reflns.pdbx_aniso_B_tensor_eigenvector_3_ortho[2]     ? 
_reflns.pdbx_aniso_B_tensor_eigenvector_3_ortho[3]     ? 
_reflns.pdbx_aniso_B_tensor_eigenvalue_1               ? 
_reflns.pdbx_aniso_B_tensor_eigenvalue_2               ? 
_reflns.pdbx_aniso_B_tensor_eigenvalue_3               ? 
_reflns.pdbx_orthogonalization_convention              ? 
_reflns.pdbx_percent_possible_ellipsoidal              ? 
_reflns.pdbx_percent_possible_spherical                ? 
_reflns.pdbx_percent_possible_ellipsoidal_anomalous    ? 
_reflns.pdbx_percent_possible_spherical_anomalous      ? 
_reflns.pdbx_redundancy_anomalous                      ? 
_reflns.pdbx_CC_half_anomalous                         ? 
_reflns.pdbx_absDiff_over_sigma_anomalous              ? 
_reflns.pdbx_percent_possible_anomalous                ? 
_reflns.pdbx_observed_signal_threshold                 ? 
_reflns.pdbx_signal_type                               ? 
_reflns.pdbx_signal_details                            ? 
_reflns.pdbx_signal_software_id                        ? 
_reflns.pdbx_CC_split_method                           ? 
# 
_reflns_shell.d_res_high                                    1.38 
_reflns_shell.d_res_low                                     1.429 
_reflns_shell.meanI_over_sigI_all                           ? 
_reflns_shell.meanI_over_sigI_obs                           1.17 
_reflns_shell.number_measured_all                           ? 
_reflns_shell.number_measured_obs                           ? 
_reflns_shell.number_possible                               ? 
_reflns_shell.number_unique_all                             ? 
_reflns_shell.number_unique_obs                             1094 
_reflns_shell.percent_possible_all                          74.17 
_reflns_shell.percent_possible_obs                          ? 
_reflns_shell.Rmerge_F_all                                  ? 
_reflns_shell.Rmerge_F_obs                                  ? 
_reflns_shell.Rmerge_I_all                                  ? 
_reflns_shell.Rmerge_I_obs                                  1.43 
_reflns_shell.meanI_over_sigI_gt                            ? 
_reflns_shell.meanI_over_uI_all                             ? 
_reflns_shell.meanI_over_uI_gt                              ? 
_reflns_shell.number_measured_gt                            ? 
_reflns_shell.number_unique_gt                              ? 
_reflns_shell.percent_possible_gt                           ? 
_reflns_shell.Rmerge_F_gt                                   ? 
_reflns_shell.Rmerge_I_gt                                   ? 
_reflns_shell.pdbx_redundancy                               6.7 
_reflns_shell.pdbx_Rsym_value                               ? 
_reflns_shell.pdbx_chi_squared                              ? 
_reflns_shell.pdbx_netI_over_sigmaI_all                     ? 
_reflns_shell.pdbx_netI_over_sigmaI_obs                     ? 
_reflns_shell.pdbx_Rrim_I_all                               1.547 
_reflns_shell.pdbx_Rpim_I_all                               0.5848 
_reflns_shell.pdbx_rejects                                  ? 
_reflns_shell.pdbx_ordinal                                  1 
_reflns_shell.pdbx_diffrn_id                                1 
_reflns_shell.pdbx_CC_half                                  0.498 
_reflns_shell.pdbx_CC_star                                  ? 
_reflns_shell.pdbx_R_split                                  ? 
_reflns_shell.pdbx_percent_possible_ellipsoidal             ? 
_reflns_shell.pdbx_percent_possible_spherical               ? 
_reflns_shell.pdbx_percent_possible_ellipsoidal_anomalous   ? 
_reflns_shell.pdbx_percent_possible_spherical_anomalous     ? 
_reflns_shell.pdbx_redundancy_anomalous                     ? 
_reflns_shell.pdbx_CC_half_anomalous                        ? 
_reflns_shell.pdbx_absDiff_over_sigma_anomalous             ? 
_reflns_shell.pdbx_percent_possible_anomalous               ? 
# 
_refine.aniso_B[1][1]                            ? 
_refine.aniso_B[1][2]                            ? 
_refine.aniso_B[1][3]                            ? 
_refine.aniso_B[2][2]                            ? 
_refine.aniso_B[2][3]                            ? 
_refine.aniso_B[3][3]                            ? 
_refine.B_iso_max                                ? 
_refine.B_iso_mean                               19.66 
_refine.B_iso_min                                ? 
_refine.correlation_coeff_Fo_to_Fc               ? 
_refine.correlation_coeff_Fo_to_Fc_free          ? 
_refine.details                                  ? 
_refine.diff_density_max                         ? 
_refine.diff_density_max_esd                     ? 
_refine.diff_density_min                         ? 
_refine.diff_density_min_esd                     ? 
_refine.diff_density_rms                         ? 
_refine.diff_density_rms_esd                     ? 
_refine.entry_id                                 8GOJ 
_refine.pdbx_refine_id                           'X-RAY DIFFRACTION' 
_refine.ls_abs_structure_details                 ? 
_refine.ls_abs_structure_Flack                   ? 
_refine.ls_abs_structure_Flack_esd               ? 
_refine.ls_abs_structure_Rogers                  ? 
_refine.ls_abs_structure_Rogers_esd              ? 
_refine.ls_d_res_high                            1.38 
_refine.ls_d_res_low                             37.86 
_refine.ls_extinction_coef                       ? 
_refine.ls_extinction_coef_esd                   ? 
_refine.ls_extinction_expression                 ? 
_refine.ls_extinction_method                     ? 
_refine.ls_goodness_of_fit_all                   ? 
_refine.ls_goodness_of_fit_all_esd               ? 
_refine.ls_goodness_of_fit_obs                   ? 
_refine.ls_goodness_of_fit_obs_esd               ? 
_refine.ls_hydrogen_treatment                    ? 
_refine.ls_matrix_type                           ? 
_refine.ls_number_constraints                    ? 
_refine.ls_number_parameters                     ? 
_refine.ls_number_reflns_all                     ? 
_refine.ls_number_reflns_obs                     13662 
_refine.ls_number_reflns_R_free                  638 
_refine.ls_number_reflns_R_work                  13024 
_refine.ls_number_restraints                     ? 
_refine.ls_percent_reflns_obs                    92.34 
_refine.ls_percent_reflns_R_free                 4.67 
_refine.ls_R_factor_all                          ? 
_refine.ls_R_factor_obs                          0.2201 
_refine.ls_R_factor_R_free                       0.2584 
_refine.ls_R_factor_R_free_error                 ? 
_refine.ls_R_factor_R_free_error_details         ? 
_refine.ls_R_factor_R_work                       0.2184 
_refine.ls_R_Fsqd_factor_obs                     ? 
_refine.ls_R_I_factor_obs                        ? 
_refine.ls_redundancy_reflns_all                 ? 
_refine.ls_redundancy_reflns_obs                 ? 
_refine.ls_restrained_S_all                      ? 
_refine.ls_restrained_S_obs                      ? 
_refine.ls_shift_over_esd_max                    ? 
_refine.ls_shift_over_esd_mean                   ? 
_refine.ls_structure_factor_coef                 ? 
_refine.ls_weighting_details                     ? 
_refine.ls_weighting_scheme                      ? 
_refine.ls_wR_factor_all                         ? 
_refine.ls_wR_factor_obs                         ? 
_refine.ls_wR_factor_R_free                      ? 
_refine.ls_wR_factor_R_work                      ? 
_refine.occupancy_max                            ? 
_refine.occupancy_min                            ? 
_refine.solvent_model_details                    'FLAT BULK SOLVENT MODEL' 
_refine.solvent_model_param_bsol                 ? 
_refine.solvent_model_param_ksol                 ? 
_refine.pdbx_R_complete                          ? 
_refine.ls_R_factor_gt                           ? 
_refine.ls_goodness_of_fit_gt                    ? 
_refine.ls_goodness_of_fit_ref                   ? 
_refine.ls_shift_over_su_max                     ? 
_refine.ls_shift_over_su_max_lt                  ? 
_refine.ls_shift_over_su_mean                    ? 
_refine.ls_shift_over_su_mean_lt                 ? 
_refine.pdbx_ls_sigma_I                          ? 
_refine.pdbx_ls_sigma_F                          0.03 
_refine.pdbx_ls_sigma_Fsqd                       ? 
_refine.pdbx_data_cutoff_high_absF               ? 
_refine.pdbx_data_cutoff_high_rms_absF           ? 
_refine.pdbx_data_cutoff_low_absF                ? 
_refine.pdbx_isotropic_thermal_model             ? 
_refine.pdbx_ls_cross_valid_method               'FREE R-VALUE' 
_refine.pdbx_method_to_determine_struct          'MOLECULAR REPLACEMENT' 
_refine.pdbx_starting_model                      8GOH 
_refine.pdbx_stereochemistry_target_values       'GeoStd + Monomer Library + CDL v1.2' 
_refine.pdbx_R_Free_selection_details            ? 
_refine.pdbx_stereochem_target_val_spec_case     ? 
_refine.pdbx_overall_ESU_R                       ? 
_refine.pdbx_overall_ESU_R_Free                  ? 
_refine.pdbx_solvent_vdw_probe_radii             1.1100 
_refine.pdbx_solvent_ion_probe_radii             ? 
_refine.pdbx_solvent_shrinkage_radii             0.9000 
_refine.pdbx_real_space_R                        ? 
_refine.pdbx_density_correlation                 ? 
_refine.pdbx_pd_number_of_powder_patterns        ? 
_refine.pdbx_pd_number_of_points                 ? 
_refine.pdbx_pd_meas_number_of_points            ? 
_refine.pdbx_pd_proc_ls_prof_R_factor            ? 
_refine.pdbx_pd_proc_ls_prof_wR_factor           ? 
_refine.pdbx_pd_Marquardt_correlation_coeff      ? 
_refine.pdbx_pd_Fsqrd_R_factor                   ? 
_refine.pdbx_pd_ls_matrix_band_width             ? 
_refine.pdbx_overall_phase_error                 28.8218 
_refine.pdbx_overall_SU_R_free_Cruickshank_DPI   ? 
_refine.pdbx_overall_SU_R_free_Blow_DPI          ? 
_refine.pdbx_overall_SU_R_Blow_DPI               ? 
_refine.pdbx_TLS_residual_ADP_flag               ? 
_refine.pdbx_diffrn_id                           1 
_refine.overall_SU_B                             ? 
_refine.overall_SU_ML                            0.1814 
_refine.overall_SU_R_Cruickshank_DPI             ? 
_refine.overall_SU_R_free                        ? 
_refine.overall_FOM_free_R_set                   ? 
_refine.overall_FOM_work_R_set                   ? 
_refine.pdbx_average_fsc_overall                 ? 
_refine.pdbx_average_fsc_work                    ? 
_refine.pdbx_average_fsc_free                    ? 
# 
_refine_hist.pdbx_refine_id                   'X-RAY DIFFRACTION' 
_refine_hist.cycle_id                         LAST 
_refine_hist.details                          ? 
_refine_hist.d_res_high                       1.38 
_refine_hist.d_res_low                        37.86 
_refine_hist.number_atoms_solvent             48 
_refine_hist.number_atoms_total               733 
_refine_hist.number_reflns_all                ? 
_refine_hist.number_reflns_obs                ? 
_refine_hist.number_reflns_R_free             ? 
_refine_hist.number_reflns_R_work             ? 
_refine_hist.R_factor_all                     ? 
_refine_hist.R_factor_obs                     ? 
_refine_hist.R_factor_R_free                  ? 
_refine_hist.R_factor_R_work                  ? 
_refine_hist.pdbx_number_residues_total       ? 
_refine_hist.pdbx_B_iso_mean_ligand           ? 
_refine_hist.pdbx_B_iso_mean_solvent          ? 
_refine_hist.pdbx_number_atoms_protein        683 
_refine_hist.pdbx_number_atoms_nucleic_acid   0 
_refine_hist.pdbx_number_atoms_ligand         2 
_refine_hist.pdbx_number_atoms_lipid          ? 
_refine_hist.pdbx_number_atoms_carb           ? 
_refine_hist.pdbx_pseudo_atom_details         ? 
# 
loop_
_refine_ls_restr.pdbx_refine_id 
_refine_ls_restr.criterion 
_refine_ls_restr.dev_ideal 
_refine_ls_restr.dev_ideal_target 
_refine_ls_restr.number 
_refine_ls_restr.rejects 
_refine_ls_restr.type 
_refine_ls_restr.weight 
_refine_ls_restr.pdbx_restraint_function 
'X-RAY DIFFRACTION' ? 0.0071 ? 713 ? f_bond_d           ? ? 
'X-RAY DIFFRACTION' ? 1.1469 ? 964 ? f_angle_d          ? ? 
'X-RAY DIFFRACTION' ? 0.0619 ? 116 ? f_chiral_restr     ? ? 
'X-RAY DIFFRACTION' ? 0.0234 ? 123 ? f_plane_restr      ? ? 
'X-RAY DIFFRACTION' ? 5.1447 ? 105 ? f_dihedral_angle_d ? ? 
# 
loop_
_refine_ls_shell.pdbx_refine_id 
_refine_ls_shell.d_res_high 
_refine_ls_shell.d_res_low 
_refine_ls_shell.number_reflns_all 
_refine_ls_shell.number_reflns_obs 
_refine_ls_shell.number_reflns_R_free 
_refine_ls_shell.number_reflns_R_work 
_refine_ls_shell.percent_reflns_obs 
_refine_ls_shell.percent_reflns_R_free 
_refine_ls_shell.R_factor_all 
_refine_ls_shell.R_factor_obs 
_refine_ls_shell.R_factor_R_free 
_refine_ls_shell.R_factor_R_free_error 
_refine_ls_shell.R_factor_R_work 
_refine_ls_shell.redundancy_reflns_all 
_refine_ls_shell.redundancy_reflns_obs 
_refine_ls_shell.wR_factor_all 
_refine_ls_shell.wR_factor_obs 
_refine_ls_shell.wR_factor_R_free 
_refine_ls_shell.wR_factor_R_work 
_refine_ls_shell.pdbx_R_complete 
_refine_ls_shell.pdbx_total_number_of_bins_used 
_refine_ls_shell.pdbx_phase_error 
_refine_ls_shell.pdbx_fsc_work 
_refine_ls_shell.pdbx_fsc_free 
'X-RAY DIFFRACTION' 1.38 1.49  . . 99  2191 78.34 . . . 0.3582 . 0.2689 . . . . . . . . . . . 
'X-RAY DIFFRACTION' 1.49 1.64  . . 135 2499 88.93 . . . 0.2783 . 0.2228 . . . . . . . . . . . 
'X-RAY DIFFRACTION' 1.64 1.87  . . 169 2640 95.38 . . . 0.2468 . 0.2108 . . . . . . . . . . . 
'X-RAY DIFFRACTION' 1.87 2.36  . . 125 2790 98.88 . . . 0.2408 . 0.2170 . . . . . . . . . . . 
'X-RAY DIFFRACTION' 2.36 37.86 . . 110 2904 99.87 . . . 0.2558 . 0.2148 . . . . . . . . . . . 
# 
_struct.entry_id                     8GOJ 
_struct.title                        '23-residues Heterotetramic Antiparallel Coiled-Coil Derived From LacI' 
_struct.pdbx_model_details           ? 
_struct.pdbx_formula_weight          ? 
_struct.pdbx_formula_weight_method   ? 
_struct.pdbx_model_type_details      ? 
_struct.pdbx_CASP_flag               N 
# 
_struct_keywords.entry_id        8GOJ 
_struct_keywords.text            'De novo protein, Coiled-coil, Tetramer' 
_struct_keywords.pdbx_keywords   'DE NOVO PROTEIN' 
# 
loop_
_struct_asym.id 
_struct_asym.pdbx_blank_PDB_chainid_flag 
_struct_asym.pdbx_modified 
_struct_asym.entity_id 
_struct_asym.details 
A N N 1 ? 
B N N 2 ? 
C N N 1 ? 
D N N 2 ? 
E N N 3 ? 
F N N 3 ? 
G N N 4 ? 
H N N 4 ? 
I N N 4 ? 
J N N 4 ? 
# 
loop_
_struct_conf.conf_type_id 
_struct_conf.id 
_struct_conf.pdbx_PDB_helix_id 
_struct_conf.beg_label_comp_id 
_struct_conf.beg_label_asym_id 
_struct_conf.beg_label_seq_id 
_struct_conf.pdbx_beg_PDB_ins_code 
_struct_conf.end_label_comp_id 
_struct_conf.end_label_asym_id 
_struct_conf.end_label_seq_id 
_struct_conf.pdbx_end_PDB_ins_code 
_struct_conf.beg_auth_comp_id 
_struct_conf.beg_auth_asym_id 
_struct_conf.beg_auth_seq_id 
_struct_conf.end_auth_comp_id 
_struct_conf.end_auth_asym_id 
_struct_conf.end_auth_seq_id 
_struct_conf.pdbx_PDB_helix_class 
_struct_conf.details 
_struct_conf.pdbx_PDB_helix_length 
HELX_P HELX_P1 AA1 SER A 3 ? ARG A 20 ? SER A 3 ARG A 20 1 ? 18 
HELX_P HELX_P2 AA2 SER B 3 ? ARG B 20 ? SER B 3 ARG B 20 1 ? 18 
HELX_P HELX_P3 AA3 SER C 3 ? ARG C 20 ? SER C 3 ARG C 20 1 ? 18 
HELX_P HELX_P4 AA4 SER D 3 ? ARG D 20 ? SER D 3 ARG D 20 1 ? 18 
# 
_struct_conf_type.id          HELX_P 
_struct_conf_type.criteria    ? 
_struct_conf_type.reference   ? 
# 
loop_
_struct_conn.id 
_struct_conn.conn_type_id 
_struct_conn.pdbx_leaving_atom_flag 
_struct_conn.pdbx_PDB_id 
_struct_conn.ptnr1_label_asym_id 
_struct_conn.ptnr1_label_comp_id 
_struct_conn.ptnr1_label_seq_id 
_struct_conn.ptnr1_label_atom_id 
_struct_conn.pdbx_ptnr1_label_alt_id 
_struct_conn.pdbx_ptnr1_PDB_ins_code 
_struct_conn.pdbx_ptnr1_standard_comp_id 
_struct_conn.ptnr1_symmetry 
_struct_conn.ptnr2_label_asym_id 
_struct_conn.ptnr2_label_comp_id 
_struct_conn.ptnr2_label_seq_id 
_struct_conn.ptnr2_label_atom_id 
_struct_conn.pdbx_ptnr2_label_alt_id 
_struct_conn.pdbx_ptnr2_PDB_ins_code 
_struct_conn.ptnr1_auth_asym_id 
_struct_conn.ptnr1_auth_comp_id 
_struct_conn.ptnr1_auth_seq_id 
_struct_conn.ptnr2_auth_asym_id 
_struct_conn.ptnr2_auth_comp_id 
_struct_conn.ptnr2_auth_seq_id 
_struct_conn.ptnr2_symmetry 
_struct_conn.pdbx_ptnr3_label_atom_id 
_struct_conn.pdbx_ptnr3_label_seq_id 
_struct_conn.pdbx_ptnr3_label_comp_id 
_struct_conn.pdbx_ptnr3_label_asym_id 
_struct_conn.pdbx_ptnr3_label_alt_id 
_struct_conn.pdbx_ptnr3_PDB_ins_code 
_struct_conn.details 
_struct_conn.pdbx_dist_value 
_struct_conn.pdbx_value_order 
_struct_conn.pdbx_role 
metalc1  metalc ? ? A THR 1  N  ? ? ? 1_555 E ZN  . ZN ? ? A THR 1   C ZN  101 1_655 ? ? ? ? ? ? ? 2.316 ? ? 
metalc2  metalc ? ? A THR 1  O  ? ? ? 1_555 E ZN  . ZN ? ? A THR 1   C ZN  101 1_655 ? ? ? ? ? ? ? 2.244 ? ? 
metalc3  metalc ? ? G HOH .  O  ? ? ? 1_455 E ZN  . ZN ? ? A HOH 110 C ZN  101 1_555 ? ? ? ? ? ? ? 2.422 ? ? 
metalc4  metalc ? ? B THR 1  N  ? ? ? 1_555 F ZN  . ZN ? ? B THR 1   D ZN  101 1_554 ? ? ? ? ? ? ? 2.031 ? ? 
metalc5  metalc ? ? B THR 1  O  ? ? ? 1_555 F ZN  . ZN ? ? B THR 1   D ZN  101 1_554 ? ? ? ? ? ? ? 2.129 ? ? 
metalc6  metalc ? ? C THR 1  N  ? ? ? 1_555 E ZN  . ZN ? ? C THR 1   C ZN  101 1_555 ? ? ? ? ? ? ? 2.307 ? ? 
metalc7  metalc ? ? C THR 1  O  ? ? ? 1_555 E ZN  . ZN ? ? C THR 1   C ZN  101 1_555 ? ? ? ? ? ? ? 2.048 ? ? 
metalc8  metalc ? ? D THR 1  N  ? ? ? 1_555 F ZN  . ZN ? ? D THR 1   D ZN  101 1_454 ? ? ? ? ? ? ? 2.068 ? ? 
metalc9  metalc ? ? D THR 1  O  ? ? ? 1_555 F ZN  . ZN ? ? D THR 1   D ZN  101 1_454 ? ? ? ? ? ? ? 2.304 ? ? 
metalc10 metalc ? ? D SER 23 O  ? ? ? 1_555 F ZN  . ZN ? ? D SER 23  D ZN  101 1_555 ? ? ? ? ? ? ? 2.023 ? ? 
metalc11 metalc ? ? F ZN  .  ZN ? ? ? 1_555 J HOH . O  ? ? D ZN  101 D HOH 201 1_555 ? ? ? ? ? ? ? 2.180 ? ? 
# 
_struct_conn_type.id          metalc 
_struct_conn_type.criteria    ? 
_struct_conn_type.reference   ? 
# 
_atom_sites.entry_id                    8GOJ 
_atom_sites.Cartn_transf_matrix[1][1]   ? 
_atom_sites.Cartn_transf_matrix[1][2]   ? 
_atom_sites.Cartn_transf_matrix[1][3]   ? 
_atom_sites.Cartn_transf_matrix[2][1]   ? 
_atom_sites.Cartn_transf_matrix[2][2]   ? 
_atom_sites.Cartn_transf_matrix[2][3]   ? 
_atom_sites.Cartn_transf_matrix[3][1]   ? 
_atom_sites.Cartn_transf_matrix[3][2]   ? 
_atom_sites.Cartn_transf_matrix[3][3]   ? 
_atom_sites.Cartn_transf_vector[1]      ? 
_atom_sites.Cartn_transf_vector[2]      ? 
_atom_sites.Cartn_transf_vector[3]      ? 
_atom_sites.fract_transf_matrix[1][1]   -0.03038335 
_atom_sites.fract_transf_matrix[1][2]   0.02022270 
_atom_sites.fract_transf_matrix[1][3]   0.02618333 
_atom_sites.fract_transf_matrix[2][1]   -0.01011734 
_atom_sites.fract_transf_matrix[2][2]   0.00976632 
_atom_sites.fract_transf_matrix[2][3]   -0.01928327 
_atom_sites.fract_transf_matrix[3][1]   -0.01949873 
_atom_sites.fract_transf_matrix[3][2]   -0.01777618 
_atom_sites.fract_transf_matrix[3][3]   0.00122735 
_atom_sites.fract_transf_vector[1]      0.301748 
_atom_sites.fract_transf_vector[2]      0.768720 
_atom_sites.fract_transf_vector[3]      0.186174 
_atom_sites.solution_primary            ? 
_atom_sites.solution_secondary          ? 
_atom_sites.solution_hydrogens          ? 
_atom_sites.special_details             ? 
# 
loop_
_atom_type.symbol 
_atom_type.scat_dispersion_real 
_atom_type.scat_dispersion_imag 
_atom_type.scat_Cromer_Mann_a1 
_atom_type.scat_Cromer_Mann_a2 
_atom_type.scat_Cromer_Mann_a3 
_atom_type.scat_Cromer_Mann_a4 
_atom_type.scat_Cromer_Mann_b1 
_atom_type.scat_Cromer_Mann_b2 
_atom_type.scat_Cromer_Mann_b3 
_atom_type.scat_Cromer_Mann_b4 
_atom_type.scat_Cromer_Mann_c 
_atom_type.scat_source 
_atom_type.scat_dispersion_source 
C  ? ? 3.54356  2.42580 ? ? 25.62398 1.50364  ? ? 0.0 
;2-Gaussian fit: Grosse-Kunstleve RW, Sauter NK, Adams PD: Newsletter of the IUCr Commission on Crystallographic Computing 2004, 3, 22-31.
;
? 
N  ? ? 4.01032  2.96436 ? ? 19.97189 1.75589  ? ? 0.0 
;2-Gaussian fit: Grosse-Kunstleve RW, Sauter NK, Adams PD: Newsletter of the IUCr Commission on Crystallographic Computing 2004, 3, 22-31.
;
? 
O  ? ? 4.49882  3.47563 ? ? 15.80542 1.70748  ? ? 0.0 
;2-Gaussian fit: Grosse-Kunstleve RW, Sauter NK, Adams PD: Newsletter of the IUCr Commission on Crystallographic Computing 2004, 3, 22-31.
;
? 
ZN ? ? 24.64596 5.25405 ? ? 2.14387  29.76375 ? ? 0.0 
;2-Gaussian fit: Grosse-Kunstleve RW, Sauter NK, Adams PD: Newsletter of the IUCr Commission on Crystallographic Computing 2004, 3, 22-31.
;
? 
# 
loop_
_atom_site.group_PDB 
_atom_site.id 
_atom_site.type_symbol 
_atom_site.label_atom_id 
_atom_site.label_alt_id 
_atom_site.label_comp_id 
_atom_site.label_asym_id 
_atom_site.label_entity_id 
_atom_site.label_seq_id 
_atom_site.pdbx_PDB_ins_code 
_atom_site.Cartn_x 
_atom_site.Cartn_y 
_atom_site.Cartn_z 
_atom_site.occupancy 
_atom_site.B_iso_or_equiv 
_atom_site.pdbx_formal_charge 
_atom_site.auth_seq_id 
_atom_site.auth_comp_id 
_atom_site.auth_asym_id 
_atom_site.auth_atom_id 
_atom_site.pdbx_PDB_model_num 
ATOM   1   N  N   . THR A 1 1  ? -16.69200 -4.30851  8.87761   1.000 29.92911 ? 1   THR A N   1 
ATOM   2   C  CA  . THR A 1 1  ? -15.30597 -3.95028  8.60660   1.000 21.47044 ? 1   THR A CA  1 
ATOM   3   C  C   . THR A 1 1  ? -15.14009 -3.32732  7.22103   1.000 21.01136 ? 1   THR A C   1 
ATOM   4   O  O   . THR A 1 1  ? -16.07445 -3.29298  6.41672   1.000 19.97958 ? 1   THR A O   1 
ATOM   5   C  CB  . THR A 1 1  ? -14.36683 -5.16880  8.74978   1.000 27.97926 ? 1   THR A CB  1 
ATOM   6   N  N   . ALA A 1 2  ? -13.94492 -2.81597  6.96172   1.000 17.83057 ? 2   ALA A N   1 
ATOM   7   C  CA  . ALA A 1 2  ? -13.65636 -2.18296  5.68438   1.000 17.29029 ? 2   ALA A CA  1 
ATOM   8   C  C   . ALA A 1 2  ? -13.45754 -3.23833  4.60887   1.000 13.82295 ? 2   ALA A C   1 
ATOM   9   O  O   . ALA A 1 2  ? -12.73022 -4.22109  4.79509   1.000 17.98001 ? 2   ALA A O   1 
ATOM   10  C  CB  . ALA A 1 2  ? -12.40091 -1.32171  5.79196   1.000 17.99838 ? 2   ALA A CB  1 
ATOM   11  N  N   . SER A 1 3  ? -14.09219 -3.01528  3.46541   1.000 16.15948 ? 3   SER A N   1 
ATOM   12  C  CA  . SER A 1 3  ? -13.95803 -3.94790  2.36914   1.000 13.38460 ? 3   SER A CA  1 
ATOM   13  C  C   . SER A 1 3  ? -12.56966 -3.85469  1.74751   1.000 13.54439 ? 3   SER A C   1 
ATOM   14  O  O   . SER A 1 3  ? -11.85999 -2.85921  1.91795   1.000 13.18610 ? 3   SER A O   1 
ATOM   15  C  CB  . SER A 1 3  ? -14.97020 -3.61351  1.28495   1.000 13.13916 ? 3   SER A CB  1 
ATOM   16  O  OG  . SER A 1 3  ? -14.64675 -2.39055  0.64940   1.000 16.39660 ? 3   SER A OG  1 
ATOM   17  N  N   . PRO A 1 4  ? -12.16076 -4.88475  1.00911   1.000 13.12325 ? 4   PRO A N   1 
ATOM   18  C  CA  . PRO A 1 4  ? -10.94542 -4.75893  0.18610   1.000 12.66282 ? 4   PRO A CA  1 
ATOM   19  C  C   . PRO A 1 4  ? -10.95924 -3.53610  -0.71421  1.000 14.00349 ? 4   PRO A C   1 
ATOM   20  O  O   . PRO A 1 4  ? -9.91980  -2.88165  -0.87580  1.000 12.83870 ? 4   PRO A O   1 
ATOM   21  C  CB  . PRO A 1 4  ? -10.91637 -6.08327  -0.59495  1.000 14.68413 ? 4   PRO A CB  1 
ATOM   22  C  CG  . PRO A 1 4  ? -11.67969 -7.05051  0.26950   1.000 13.81837 ? 4   PRO A CG  1 
ATOM   23  C  CD  . PRO A 1 4  ? -12.72833 -6.24458  0.97873   1.000 14.89703 ? 4   PRO A CD  1 
ATOM   24  N  N   . ARG A 1 5  ? -12.11999 -3.17728  -1.26945  1.000 13.21327 ? 5   ARG A N   1 
ATOM   25  C  CA  . ARG A 1 5  ? -12.20315 -1.99043  -2.11692  1.000 13.24882 ? 5   ARG A CA  1 
ATOM   26  C  C   . ARG A 1 5  ? -11.86067 -0.74604  -1.32332  1.000 11.29700 ? 5   ARG A C   1 
ATOM   27  O  O   . ARG A 1 5  ? -11.17286 0.15607   -1.82325  1.000 13.63162 ? 5   ARG A O   1 
ATOM   28  C  CB  . ARG A 1 5  ? -13.60347 -1.84447  -2.71033  1.000 13.02038 ? 5   ARG A CB  1 
ATOM   29  C  CG  . ARG A 1 5  ? -13.89653 -2.74576  -3.89956  1.000 15.29374 ? 5   ARG A CG  1 
ATOM   30  C  CD  . ARG A 1 5  ? -15.38870 -2.73267  -4.20976  1.000 18.51777 ? 5   ARG A CD  1 
ATOM   31  N  NE  . ARG A 1 5  ? -16.19952 -3.24111  -3.10841  1.000 17.44001 ? 5   ARG A NE  1 
ATOM   32  C  CZ  . ARG A 1 5  ? -16.90830 -2.49041  -2.27352  1.000 16.34640 ? 5   ARG A CZ  1 
ATOM   33  N  NH1 . ARG A 1 5  ? -16.93555 -1.16960  -2.37749  1.000 21.12340 ? 5   ARG A NH1 1 
ATOM   34  N  NH2 . ARG A 1 5  ? -17.61307 -3.07854  -1.30814  1.000 21.54659 ? 5   ARG A NH2 1 
ATOM   35  N  N   . ALA A 1 6  ? -12.29981 -0.69652  -0.06345  1.000 13.50916 ? 6   ALA A N   1 
ATOM   36  C  CA  . ALA A 1 6  ? -12.00986 0.46451   0.76387   1.000 13.45376 ? 6   ALA A CA  1 
ATOM   37  C  C   . ALA A 1 6  ? -10.53018 0.52700   1.10068   1.000 12.06405 ? 6   ALA A C   1 
ATOM   38  O  O   . ALA A 1 6  ? -9.93844  1.61369   1.10181   1.000 13.39368 ? 6   ALA A O   1 
ATOM   39  C  CB  . ALA A 1 6  ? -12.85268 0.44155   2.04480   1.000 13.71964 ? 6   ALA A CB  1 
ATOM   40  N  N   . LEU A 1 7  ? -9.92317  -0.62260  1.40732   1.000 12.74704 ? 7   LEU A N   1 
ATOM   41  C  CA  . LEU A 1 7  ? -8.49484  -0.64416  1.70444   1.000 11.91766 ? 7   LEU A CA  1 
ATOM   42  C  C   . LEU A 1 7  ? -7.68334  -0.25888  0.47762   1.000 10.50283 ? 7   LEU A C   1 
ATOM   43  O  O   . LEU A 1 7  ? -6.68176  0.45958   0.58856   1.000 11.60860 ? 7   LEU A O   1 
ATOM   44  C  CB  . LEU A 1 7  ? -8.06315  -2.01572  2.23140   1.000 11.59261 ? 7   LEU A CB  1 
ATOM   45  C  CG  . LEU A 1 7  ? -8.72631  -2.42260  3.54420   1.000 13.53968 ? 7   LEU A CG  1 
ATOM   46  C  CD1 . LEU A 1 7  ? -8.20153  -3.78344  3.88131   1.000 16.23911 ? 7   LEU A CD1 1 
ATOM   47  C  CD2 . LEU A 1 7  ? -8.41337  -1.45079  4.65884   1.000 17.57687 ? 7   LEU A CD2 1 
ATOM   48  N  N   . ALA A 1 8  ? -8.12152  -0.70165  -0.70369  1.000 11.98177 ? 8   ALA A N   1 
ATOM   49  C  CA  . ALA A 1 8  ? -7.42444  -0.35553  -1.93512  1.000 11.60826 ? 8   ALA A CA  1 
ATOM   50  C  C   . ALA A 1 8  ? -7.51648  1.13299   -2.21887  1.000 10.39626 ? 8   ALA A C   1 
ATOM   51  O  O   . ALA A 1 8  ? -6.56529  1.72188   -2.73494  1.000 11.54347 ? 8   ALA A O   1 
ATOM   52  C  CB  . ALA A 1 8  ? -8.00139  -1.14505  -3.11722  1.000 12.06443 ? 8   ALA A CB  1 
ATOM   53  N  N   . ASP A 1 9  ? -8.65934  1.75829   -1.90555  1.000 11.67859 ? 9   ASP A N   1 
ATOM   54  C  CA  . ASP A 1 9  ? -8.78611  3.19625   -2.10068  1.000 13.01980 ? 9   ASP A CA  1 
ATOM   55  C  C   . ASP A 1 9  ? -7.78552  3.94628   -1.23056  1.000 11.08423 ? 9   ASP A C   1 
ATOM   56  O  O   . ASP A 1 9  ? -7.14744  4.90480   -1.68514  1.000 13.51767 ? 9   ASP A O   1 
ATOM   57  C  CB  . ASP A 1 9  ? -10.20734 3.65530   -1.77567  1.000 14.88779 ? 9   ASP A CB  1 
ATOM   58  C  CG  . ASP A 1 9  ? -10.41775 5.11699   -2.10510  1.000 20.31861 ? 9   ASP A CG  1 
ATOM   59  O  OD1 . ASP A 1 9  ? -10.44373 5.45299   -3.30743  1.000 33.35511 ? 9   ASP A OD1 1 
ATOM   60  O  OD2 . ASP A 1 9  ? -10.48050 5.93938   -1.16476  1.000 25.58853 ? 9   ASP A OD2 1 
ATOM   61  N  N   . GLU A 1 10 ? -7.62825  3.51992   0.02388   1.000 13.19018 ? 10  GLU A N   1 
ATOM   62  C  CA  A GLU A 1 10 ? -6.66205  4.16238   0.90897   0.574 14.87711 ? 10  GLU A CA  1 
ATOM   63  C  CA  B GLU A 1 10 ? -6.66437  4.17407   0.90014   0.426 14.87699 ? 10  GLU A CA  1 
ATOM   64  C  C   . GLU A 1 10 ? -5.24692  3.96418   0.39675   1.000 10.17448 ? 10  GLU A C   1 
ATOM   65  O  O   . GLU A 1 10 ? -4.41824  4.87917   0.45784   1.000 12.35099 ? 10  GLU A O   1 
ATOM   66  C  CB  A GLU A 1 10 ? -6.79433  3.59915   2.32530   0.574 15.82734 ? 10  GLU A CB  1 
ATOM   67  C  CB  B GLU A 1 10 ? -6.80712  3.66085   2.33342   0.426 15.87777 ? 10  GLU A CB  1 
ATOM   68  C  CG  A GLU A 1 10 ? -5.98818  4.36272   3.36346   0.574 20.29300 ? 10  GLU A CG  1 
ATOM   69  C  CG  B GLU A 1 10 ? -5.96206  4.43833   3.33155   0.426 20.21279 ? 10  GLU A CG  1 
ATOM   70  C  CD  A GLU A 1 10 ? -6.38402  3.99723   4.78467   0.574 24.47638 ? 10  GLU A CD  1 
ATOM   71  C  CD  B GLU A 1 10 ? -6.13655  5.94087   3.20481   0.426 21.68301 ? 10  GLU A CD  1 
ATOM   72  O  OE1 A GLU A 1 10 ? -7.52654  3.52560   4.97576   0.574 24.85932 ? 10  GLU A OE1 1 
ATOM   73  O  OE1 B GLU A 1 10 ? -7.28876  6.41730   3.27999   0.426 27.69845 ? 10  GLU A OE1 1 
ATOM   74  O  OE2 A GLU A 1 10 ? -5.55923  4.19075   5.70692   0.574 27.26769 ? 10  GLU A OE2 1 
ATOM   75  O  OE2 B GLU A 1 10 ? -5.12130  6.64481   3.01655   0.426 20.53130 ? 10  GLU A OE2 1 
ATOM   76  N  N   . LEU A 1 11 ? -4.96108  2.77876   -0.11910  1.000 11.09902 ? 11  LEU A N   1 
ATOM   77  C  CA  . LEU A 1 11 ? -3.63794  2.50912   -0.65740  1.000 12.46022 ? 11  LEU A CA  1 
ATOM   78  C  C   . LEU A 1 11 ? -3.33776  3.40640   -1.85883  1.000 10.37222 ? 11  LEU A C   1 
ATOM   79  O  O   . LEU A 1 11 ? -2.22371  3.93375   -1.98176  1.000 10.05486 ? 11  LEU A O   1 
ATOM   80  C  CB  . LEU A 1 11 ? -3.54311  1.03280   -1.00045  1.000 11.55006 ? 11  LEU A CB  1 
ATOM   81  C  CG  . LEU A 1 11 ? -2.23191  0.58140   -1.62792  1.000 17.72639 ? 11  LEU A CG  1 
ATOM   82  C  CD1 . LEU A 1 11 ? -1.01911  1.09354   -0.86368  1.000 19.31630 ? 11  LEU A CD1 1 
ATOM   83  C  CD2 . LEU A 1 11 ? -2.23489  -0.93299  -1.66826  1.000 18.25617 ? 11  LEU A CD2 1 
ATOM   84  N  N   . GLU A 1 12 ? -4.31904  3.62349   -2.73866  1.000 10.59150 ? 12  GLU A N   1 
ATOM   85  C  CA  A GLU A 1 12 ? -4.12834  4.55132   -3.84787  0.442 12.47220 ? 12  GLU A CA  1 
ATOM   86  C  CA  B GLU A 1 12 ? -4.11931  4.55302   -3.84671  0.558 12.46238 ? 12  GLU A CA  1 
ATOM   87  C  C   . GLU A 1 12 ? -3.85382  5.96866   -3.34891  1.000 11.60867 ? 12  GLU A C   1 
ATOM   88  O  O   . GLU A 1 12 ? -2.98039  6.66035   -3.87950  1.000 11.71511 ? 12  GLU A O   1 
ATOM   89  C  CB  A GLU A 1 12 ? -5.34866  4.50969   -4.77003  0.442 13.02362 ? 12  GLU A CB  1 
ATOM   90  C  CB  B GLU A 1 12 ? -5.31040  4.54848   -4.80672  0.558 13.03853 ? 12  GLU A CB  1 
ATOM   91  C  CG  A GLU A 1 12 ? -5.60224  3.13618   -5.38332  0.442 16.34673 ? 12  GLU A CG  1 
ATOM   92  C  CG  B GLU A 1 12 ? -5.18928  5.67359   -5.84446  0.558 17.11062 ? 12  GLU A CG  1 
ATOM   93  C  CD  A GLU A 1 12 ? -6.70704  3.13984   -6.41422  0.442 14.58899 ? 12  GLU A CD  1 
ATOM   94  C  CD  B GLU A 1 12 ? -6.32972  5.72964   -6.84026  0.558 14.66716 ? 12  GLU A CD  1 
ATOM   95  O  OE1 A GLU A 1 12 ? -7.02966  4.22953   -6.93342  0.442 23.85959 ? 12  GLU A OE1 1 
ATOM   96  O  OE1 B GLU A 1 12 ? -7.38920  6.30452   -6.50950  0.558 20.62727 ? 12  GLU A OE1 1 
ATOM   97  O  OE2 A GLU A 1 12 ? -7.24606  2.05133   -6.71597  0.442 24.13223 ? 12  GLU A OE2 1 
ATOM   98  O  OE2 B GLU A 1 12 ? -6.14174  5.22300   -7.96589  0.558 23.61920 ? 12  GLU A OE2 1 
ATOM   99  N  N   . GLN A 1 13 ? -4.57520  6.41556   -2.31471  1.000 12.21895 ? 13  GLN A N   1 
ATOM   100 C  CA  . GLN A 1 13 ? -4.32476  7.76296   -1.79642  1.000 15.59652 ? 13  GLN A CA  1 
ATOM   101 C  C   . GLN A 1 13 ? -2.90956  7.87532   -1.24005  1.000 12.45112 ? 13  GLN A C   1 
ATOM   102 O  O   . GLN A 1 13 ? -2.21123  8.88178   -1.44735  1.000 14.38758 ? 13  GLN A O   1 
ATOM   103 C  CB  . GLN A 1 13 ? -5.35383  8.13048   -0.72934  1.000 16.36768 ? 13  GLN A CB  1 
ATOM   104 C  CG  . GLN A 1 13 ? -6.76059  8.25853   -1.26150  1.000 20.64732 ? 13  GLN A CG  1 
ATOM   105 C  CD  . GLN A 1 13 ? -7.60758  9.20440   -0.43038  1.000 34.70237 ? 13  GLN A CD  1 
ATOM   106 O  OE1 . GLN A 1 13 ? -7.24323  9.55194   0.69270   1.000 41.70306 ? 13  GLN A OE1 1 
ATOM   107 N  NE2 . GLN A 1 13 ? -8.73676  9.63878   -0.98591  1.000 40.69015 ? 13  GLN A NE2 1 
ATOM   108 N  N   . LEU A 1 14 ? -2.46342  6.84534   -0.52486  1.000 12.62931 ? 14  LEU A N   1 
ATOM   109 C  CA  . LEU A 1 14 ? -1.11012  6.86076   0.00583   1.000 11.95957 ? 14  LEU A CA  1 
ATOM   110 C  C   . LEU A 1 14 ? -0.08596  6.87512   -1.11420  1.000 10.89157 ? 14  LEU A C   1 
ATOM   111 O  O   . LEU A 1 14 ? 0.91758   7.58014   -1.01664  1.000 10.46710 ? 14  LEU A O   1 
ATOM   112 C  CB  . LEU A 1 14 ? -0.87881  5.68781   0.95588   1.000 12.85660 ? 14  LEU A CB  1 
ATOM   113 C  CG  . LEU A 1 14 ? -1.57403  5.80693   2.30877   1.000 13.99795 ? 14  LEU A CG  1 
ATOM   114 C  CD1 . LEU A 1 14 ? -1.42740  4.50007   3.00238   1.000 18.39733 ? 14  LEU A CD1 1 
ATOM   115 C  CD2 . LEU A 1 14 ? -0.94413  6.89359   3.15343   1.000 16.53672 ? 14  LEU A CD2 1 
ATOM   116 N  N   . ALA A 1 15 ? -0.34434  6.14730   -2.20310  1.000 10.78920 ? 15  ALA A N   1 
ATOM   117 C  CA  . ALA A 1 15 ? 0.57071   6.15345   -3.33831  1.000 11.52353 ? 15  ALA A CA  1 
ATOM   118 C  C   . ALA A 1 15 ? 0.73583   7.54697   -3.92690  1.000 9.99104  ? 15  ALA A C   1 
ATOM   119 O  O   . ALA A 1 15 ? 1.84687   7.93924   -4.30109  1.000 12.21718 ? 15  ALA A O   1 
ATOM   120 C  CB  . ALA A 1 15 ? 0.08886   5.16810   -4.40387  1.000 10.87210 ? 15  ALA A CB  1 
ATOM   121 N  N   . TYR A 1 16 ? -0.34540  8.32032   -4.00423  1.000 12.20124 ? 16  TYR A N   1 
ATOM   122 C  CA  . TYR A 1 16 ? -0.21219  9.68045   -4.52813  1.000 12.41036 ? 16  TYR A CA  1 
ATOM   123 C  C   . TYR A 1 16 ? 0.71294   10.51401  -3.65294  1.000 15.77014 ? 16  TYR A C   1 
ATOM   124 O  O   . TYR A 1 16 ? 1.46846   11.35676  -4.15834  1.000 16.63603 ? 16  TYR A O   1 
ATOM   125 C  CB  . TYR A 1 16 ? -1.59161  10.32245  -4.66461  1.000 15.37879 ? 16  TYR A CB  1 
ATOM   126 C  CG  . TYR A 1 16 ? -2.26004  10.06852  -6.00039  1.000 15.81980 ? 16  TYR A CG  1 
ATOM   127 C  CD1 . TYR A 1 16 ? -1.81513  10.70722  -7.16201  1.000 15.34887 ? 16  TYR A CD1 1 
ATOM   128 C  CD2 . TYR A 1 16 ? -3.33329  9.19284   -6.10502  1.000 15.37510 ? 16  TYR A CD2 1 
ATOM   129 C  CE1 . TYR A 1 16 ? -2.43543  10.46818  -8.40234  1.000 16.20606 ? 16  TYR A CE1 1 
ATOM   130 C  CE2 . TYR A 1 16 ? -3.95011  8.95493   -7.32577  1.000 19.01405 ? 16  TYR A CE2 1 
ATOM   131 C  CZ  . TYR A 1 16 ? -3.49899  9.60376   -8.46743  1.000 16.29253 ? 16  TYR A CZ  1 
ATOM   132 O  OH  . TYR A 1 16 ? -4.09745  9.37947   -9.69593  1.000 23.60421 ? 16  TYR A OH  1 
ATOM   133 N  N   . GLU A 1 17 ? 0.68947   10.27994  -2.33568  1.000 12.02741 ? 17  GLU A N   1 
ATOM   134 C  CA  . GLU A 1 17 ? 1.57113   11.02428  -1.44837  1.000 13.50315 ? 17  GLU A CA  1 
ATOM   135 C  C   . GLU A 1 17 ? 3.01445   10.56789  -1.60039  1.000 12.64269 ? 17  GLU A C   1 
ATOM   136 O  O   . GLU A 1 17 ? 3.93478   11.39156  -1.57691  1.000 14.45501 ? 17  GLU A O   1 
ATOM   137 C  CB  . GLU A 1 17 ? 1.11098   10.93708  0.00263   1.000 13.43903 ? 17  GLU A CB  1 
ATOM   138 C  CG  . GLU A 1 17 ? -0.32854  11.31276  0.25459   1.000 20.01018 ? 17  GLU A CG  1 
ATOM   139 C  CD  . GLU A 1 17 ? -0.64940  11.35576  1.74343   1.000 34.15768 ? 17  GLU A CD  1 
ATOM   140 O  OE1 . GLU A 1 17 ? -1.32017  10.42831  2.24761   1.000 35.00161 ? 17  GLU A OE1 1 
ATOM   141 O  OE2 . GLU A 1 17 ? -0.22420  12.32211  2.41381   1.000 34.59513 ? 17  GLU A OE2 1 
ATOM   142 N  N   . VAL A 1 18 ? 3.22864   9.26648   -1.78190  1.000 11.14927 ? 18  VAL A N   1 
ATOM   143 C  CA  . VAL A 1 18 ? 4.57557   8.76295   -2.02220  1.000 12.86062 ? 18  VAL A CA  1 
ATOM   144 C  C   . VAL A 1 18 ? 5.15584   9.39787   -3.28045  1.000 14.78632 ? 18  VAL A C   1 
ATOM   145 O  O   . VAL A 1 18 ? 6.34515   9.73792   -3.33685  1.000 14.52970 ? 18  VAL A O   1 
ATOM   146 C  CB  . VAL A 1 18 ? 4.55667   7.22722   -2.10465  1.000 11.89916 ? 18  VAL A CB  1 
ATOM   147 C  CG1 . VAL A 1 18 ? 5.91168   6.71637   -2.58303  1.000 14.82021 ? 18  VAL A CG1 1 
ATOM   148 C  CG2 . VAL A 1 18 ? 4.21703   6.63064   -0.75971  1.000 11.69476 ? 18  VAL A CG2 1 
ATOM   149 N  N   . GLU A 1 19 ? 4.31433   9.60033   -4.29820  1.000 14.75491 ? 19  GLU A N   1 
ATOM   150 C  CA  . GLU A 1 19 ? 4.73829   10.19525  -5.55767  1.000 15.64465 ? 19  GLU A CA  1 
ATOM   151 C  C   . GLU A 1 19 ? 5.34686   11.57345  -5.35620  1.000 19.45671 ? 19  GLU A C   1 
ATOM   152 O  O   . GLU A 1 19 ? 6.17439   11.99746  -6.16827  1.000 22.59380 ? 19  GLU A O   1 
ATOM   153 C  CB  . GLU A 1 19 ? 3.50741   10.27854  -6.46570  1.000 21.22330 ? 19  GLU A CB  1 
ATOM   154 C  CG  . GLU A 1 19 ? 3.60553   9.53607   -7.78353  1.000 34.32659 ? 19  GLU A CG  1 
ATOM   155 C  CD  . GLU A 1 19 ? 2.23421   9.12207   -8.31242  1.000 26.07127 ? 19  GLU A CD  1 
ATOM   156 O  OE1 . GLU A 1 19 ? 1.39322   10.02811  -8.51058  1.000 30.19198 ? 19  GLU A OE1 1 
ATOM   157 O  OE2 . GLU A 1 19 ? 2.01105   7.91070   -8.57725  1.000 22.67836 ? 19  GLU A OE2 1 
ATOM   158 N  N   . ARG A 1 20 ? 4.98613   12.26336  -4.27956  1.000 16.57994 ? 20  ARG A N   1 
ATOM   159 C  CA  . ARG A 1 20 ? 5.50373   13.59705  -3.99063  1.000 19.91691 ? 20  ARG A CA  1 
ATOM   160 C  C   . ARG A 1 20 ? 6.81008   13.62683  -3.22742  1.000 24.12309 ? 20  ARG A C   1 
ATOM   161 O  O   . ARG A 1 20 ? 7.29770   14.71966  -2.91609  1.000 24.52484 ? 20  ARG A O   1 
ATOM   162 C  CB  . ARG A 1 20 ? 4.46745   14.51803  -3.34616  1.000 21.18120 ? 20  ARG A CB  1 
ATOM   163 C  CG  . ARG A 1 20 ? 3.21322   14.45668  -4.10225  1.000 23.09146 ? 20  ARG A CG  1 
ATOM   164 C  CD  . ARG A 1 20 ? 3.68939   15.32560  -5.18415  1.000 35.27151 ? 20  ARG A CD  1 
ATOM   165 N  NE  . ARG A 1 20 ? 3.63511   14.48661  -6.36088  1.000 43.91412 ? 20  ARG A NE  1 
ATOM   166 C  CZ  . ARG A 1 20 ? 3.64482   14.91038  -7.60740  1.000 40.51682 ? 20  ARG A CZ  1 
ATOM   167 N  NH1 . ARG A 1 20 ? 4.37653   15.95195  -7.95681  1.000 42.33074 ? 20  ARG A NH1 1 
ATOM   168 N  NH2 . ARG A 1 20 ? 3.03257   14.18956  -8.54366  1.000 36.62705 ? 20  ARG A NH2 1 
ATOM   169 N  N   . LEU A 1 21 ? 7.39708   12.47611  -2.95397  1.000 21.31160 ? 21  LEU A N   1 
ATOM   170 C  CA  . LEU A 1 21 ? 8.66202   12.40135  -2.24455  1.000 19.14298 ? 21  LEU A CA  1 
ATOM   171 C  C   . LEU A 1 21 ? 9.83148   12.49884  -3.22725  1.000 22.85238 ? 21  LEU A C   1 
ATOM   172 O  O   . LEU A 1 21 ? 9.66976   12.41611  -4.44628  1.000 24.10324 ? 21  LEU A O   1 
ATOM   173 C  CB  . LEU A 1 21 ? 8.72167   11.10214  -1.44927  1.000 16.77928 ? 21  LEU A CB  1 
ATOM   174 C  CG  . LEU A 1 21 ? 7.63028   10.85975  -0.40277  1.000 20.03925 ? 21  LEU A CG  1 
ATOM   175 C  CD1 . LEU A 1 21 ? 7.80327   9.50746   0.24051   1.000 20.22659 ? 21  LEU A CD1 1 
ATOM   176 C  CD2 . LEU A 1 21 ? 7.62192   11.96770  0.63933   1.000 19.45811 ? 21  LEU A CD2 1 
ATOM   177 N  N   . SER A 1 22 ? 11.02682  12.66087  -2.67726  1.000 33.79539 ? 22  SER A N   1 
ATOM   178 C  CA  . SER A 1 22 ? 12.22476  12.80756  -3.49618  1.000 29.76370 ? 22  SER A CA  1 
ATOM   179 C  C   . SER A 1 22 ? 13.19081  11.63871  -3.32525  1.000 34.27783 ? 22  SER A C   1 
ATOM   180 O  O   . SER A 1 22 ? 13.22670  10.99177  -2.27388  1.000 33.12818 ? 22  SER A O   1 
ATOM   181 C  CB  . SER A 1 22 ? 12.92945  14.11088  -3.14820  1.000 28.18179 ? 22  SER A CB  1 
ATOM   182 O  OG  . SER A 1 22 ? 13.81295  13.91186  -2.05745  1.000 40.76809 ? 22  SER A OG  1 
ATOM   183 N  N   . THR B 2 1  ? 5.07057   18.17588  2.76241   1.000 23.73194 ? 1   THR B N   1 
ATOM   184 C  CA  . THR B 2 1  ? 4.21411   17.01548  2.55180   1.000 18.33764 ? 1   THR B CA  1 
ATOM   185 C  C   . THR B 2 1  ? 4.56629   15.89680  3.53744   1.000 15.76931 ? 1   THR B C   1 
ATOM   186 O  O   . THR B 2 1  ? 5.53301   16.00082  4.27602   1.000 16.56480 ? 1   THR B O   1 
ATOM   187 C  CB  . THR B 2 1  ? 4.30972   16.50172  1.11275   1.000 27.08645 ? 1   THR B CB  1 
ATOM   188 O  OG1 . THR B 2 1  ? 5.60255   15.93554  0.89692   1.000 29.74135 ? 1   THR B OG1 1 
ATOM   189 C  CG2 . THR B 2 1  ? 4.08754   17.63855  0.12038   1.000 24.37723 ? 1   THR B CG2 1 
ATOM   190 N  N   . ALA B 2 2  ? 3.76606   14.83195  3.55432   1.000 18.16756 ? 2   ALA B N   1 
ATOM   191 C  CA  . ALA B 2 2  ? 3.94524   13.78767  4.55865   1.000 16.80959 ? 2   ALA B CA  1 
ATOM   192 C  C   . ALA B 2 2  ? 5.33547   13.17965  4.44705   1.000 15.26822 ? 2   ALA B C   1 
ATOM   193 O  O   . ALA B 2 2  ? 5.86533   13.01098  3.35082   1.000 16.89757 ? 2   ALA B O   1 
ATOM   194 C  CB  . ALA B 2 2  ? 2.89453   12.70191  4.36169   1.000 17.81434 ? 2   ALA B CB  1 
ATOM   195 N  N   . SER B 2 3  ? 5.93207   12.86611  5.59732   1.000 15.51346 ? 3   SER B N   1 
ATOM   196 C  CA  . SER B 2 3  ? 7.28680   12.34248  5.62676   1.000 16.14546 ? 3   SER B CA  1 
ATOM   197 C  C   . SER B 2 3  ? 7.31617   10.88229  5.16584   1.000 14.98392 ? 3   SER B C   1 
ATOM   198 O  O   . SER B 2 3  ? 6.30143   10.17988  5.21634   1.000 16.64243 ? 3   SER B O   1 
ATOM   199 C  CB  . SER B 2 3  ? 7.85724   12.45874  7.03819   1.000 18.57949 ? 3   SER B CB  1 
ATOM   200 O  OG  . SER B 2 3  ? 7.22093   11.54747  7.90550   1.000 18.83069 ? 3   SER B OG  1 
ATOM   201 N  N   . PRO B 2 4  ? 8.46328   10.41294  4.67601   1.000 13.32343 ? 4   PRO B N   1 
ATOM   202 C  CA  . PRO B 2 4  ? 8.58739   8.98118   4.36460   1.000 14.64736 ? 4   PRO B CA  1 
ATOM   203 C  C   . PRO B 2 4  ? 8.20614   8.10446   5.52773   1.000 14.49549 ? 4   PRO B C   1 
ATOM   204 O  O   . PRO B 2 4  ? 7.52539   7.09773   5.33397   1.000 13.18363 ? 4   PRO B O   1 
ATOM   205 C  CB  . PRO B 2 4  ? 10.07277  8.84716   4.01668   1.000 17.40169 ? 4   PRO B CB  1 
ATOM   206 C  CG  . PRO B 2 4  ? 10.38951  10.15520  3.39264   1.000 17.11599 ? 4   PRO B CG  1 
ATOM   207 C  CD  . PRO B 2 4  ? 9.66188   11.15476  4.24731   1.000 13.84590 ? 4   PRO B CD  1 
ATOM   208 N  N   . ARG B 2 5  ? 8.58371   8.48872   6.75009   1.000 15.25552 ? 5   ARG B N   1 
ATOM   209 C  CA  . ARG B 2 5  ? 8.30175   7.64720   7.90512   1.000 14.88289 ? 5   ARG B CA  1 
ATOM   210 C  C   . ARG B 2 5  ? 6.81093   7.61942   8.19733   1.000 12.93710 ? 5   ARG B C   1 
ATOM   211 O  O   . ARG B 2 5  ? 6.25437   6.57392   8.53484   1.000 14.10773 ? 5   ARG B O   1 
ATOM   212 C  CB  . ARG B 2 5  ? 9.10369   8.16798   9.10520   1.000 17.56262 ? 5   ARG B CB  1 
ATOM   213 C  CG  . ARG B 2 5  ? 9.59608   7.12254   10.07326  1.000 27.93163 ? 5   ARG B CG  1 
ATOM   214 C  CD  . ARG B 2 5  ? 10.60301  7.75489   11.03705  1.000 25.56964 ? 5   ARG B CD  1 
ATOM   215 N  NE  . ARG B 2 5  ? 11.92208  7.88483   10.42375  1.000 31.92259 ? 5   ARG B NE  1 
ATOM   216 C  CZ  . ARG B 2 5  ? 12.87817  8.70493   10.84719  1.000 34.87249 ? 5   ARG B CZ  1 
ATOM   217 N  NH1 . ARG B 2 5  ? 12.67491  9.54822   11.84765  1.000 27.66129 ? 5   ARG B NH1 1 
ATOM   218 N  NH2 . ARG B 2 5  ? 14.06735  8.68215   10.24903  1.000 34.49944 ? 5   ARG B NH2 1 
ATOM   219 N  N   . ALA B 2 6  ? 6.13627   8.76122   8.05505   1.000 12.94417 ? 6   ALA B N   1 
ATOM   220 C  CA  . ALA B 2 6  ? 4.69947   8.79002   8.28863   1.000 12.17877 ? 6   ALA B CA  1 
ATOM   221 C  C   . ALA B 2 6  ? 3.98261   7.93985   7.25782   1.000 10.44461 ? 6   ALA B C   1 
ATOM   222 O  O   . ALA B 2 6  ? 3.03714   7.22130   7.58869   1.000 12.07047 ? 6   ALA B O   1 
ATOM   223 C  CB  . ALA B 2 6  ? 4.18695   10.22138  8.19043   1.000 15.22540 ? 6   ALA B CB  1 
ATOM   224 N  N   . LEU B 2 7  ? 4.42979   8.00950   6.00517   1.000 13.45354 ? 7   LEU B N   1 
ATOM   225 C  CA  . LEU B 2 7  ? 3.78401   7.23495   4.95632   1.000 10.72009 ? 7   LEU B CA  1 
ATOM   226 C  C   . LEU B 2 7  ? 4.05440   5.74298   5.12959   1.000 11.32332 ? 7   LEU B C   1 
ATOM   227 O  O   . LEU B 2 7  ? 3.14832   4.92097   4.96039   1.000 11.33408 ? 7   LEU B O   1 
ATOM   228 C  CB  . LEU B 2 7  ? 4.23862   7.74738   3.59303   1.000 11.52073 ? 7   LEU B CB  1 
ATOM   229 C  CG  . LEU B 2 7  ? 3.72677   9.14930   3.27708   1.000 11.94886 ? 7   LEU B CG  1 
ATOM   230 C  CD1 . LEU B 2 7  ? 4.38333   9.63580   2.00311   1.000 14.48689 ? 7   LEU B CD1 1 
ATOM   231 C  CD2 . LEU B 2 7  ? 2.20341   9.18755   3.15085   1.000 15.83833 ? 7   LEU B CD2 1 
ATOM   232 N  N   . ALA B 2 8  ? 5.28533   5.37900   5.49743   1.000 11.42745 ? 8   ALA B N   1 
ATOM   233 C  CA  . ALA B 2 8  ? 5.58625   3.97405   5.76140   1.000 13.59255 ? 8   ALA B CA  1 
ATOM   234 C  C   . ALA B 2 8  ? 4.72608   3.43014   6.89974   1.000 14.87315 ? 8   ALA B C   1 
ATOM   235 O  O   . ALA B 2 8  ? 4.23720   2.29856   6.82945   1.000 11.78508 ? 8   ALA B O   1 
ATOM   236 C  CB  . ALA B 2 8  ? 7.06818   3.82231   6.09566   1.000 14.45037 ? 8   ALA B CB  1 
ATOM   237 N  N   . ASP B 2 9  ? 4.53108   4.22722   7.95756   1.000 12.25821 ? 9   ASP B N   1 
ATOM   238 C  CA  . ASP B 2 9  ? 3.69229   3.82852   9.08071   1.000 14.62003 ? 9   ASP B CA  1 
ATOM   239 C  C   . ASP B 2 9  ? 2.27803   3.52501   8.61837   1.000 11.68970 ? 9   ASP B C   1 
ATOM   240 O  O   . ASP B 2 9  ? 1.70588   2.48192   8.96625   1.000 13.48023 ? 9   ASP B O   1 
ATOM   241 C  CB  . ASP B 2 9  ? 3.69664   4.94109   10.14038  1.000 16.20022 ? 9   ASP B CB  1 
ATOM   242 C  CG  . ASP B 2 9  ? 2.71986   4.68106   11.28367  1.000 23.16782 ? 9   ASP B CG  1 
ATOM   243 O  OD1 . ASP B 2 9  ? 2.74542   3.58060   11.87839  1.000 24.68871 ? 9   ASP B OD1 1 
ATOM   244 O  OD2 . ASP B 2 9  ? 1.93089   5.59523   11.59323  1.000 28.56965 ? 9   ASP B OD2 1 
ATOM   245 N  N   . LYS B 2 10 ? 1.69830   4.41072   7.80140   1.000 12.01911 ? 10  LYS B N   1 
ATOM   246 C  CA  . LYS B 2 10 ? 0.33098   4.16777   7.34851   1.000 12.99958 ? 10  LYS B CA  1 
ATOM   247 C  C   . LYS B 2 10 ? 0.26540   2.94618   6.44486   1.000 10.82900 ? 10  LYS B C   1 
ATOM   248 O  O   . LYS B 2 10 ? -0.70190  2.18083   6.49239   1.000 11.16962 ? 10  LYS B O   1 
ATOM   249 C  CB  . LYS B 2 10 ? -0.26064  5.40080   6.66260   1.000 16.68364 ? 10  LYS B CB  1 
ATOM   250 C  CG  . LYS B 2 10 ? -0.59805  6.52450   7.65449   1.000 19.27059 ? 10  LYS B CG  1 
ATOM   251 C  CD  . LYS B 2 10 ? -1.00273  7.84152   6.98818   1.000 37.12397 ? 10  LYS B CD  1 
ATOM   252 C  CE  . LYS B 2 10 ? -2.28950  7.69820   6.17687   1.000 38.67795 ? 10  LYS B CE  1 
ATOM   253 N  NZ  . LYS B 2 10 ? -3.07935  8.96748   6.09576   1.000 37.79608 ? 10  LYS B NZ  1 
ATOM   254 N  N   . LEU B 2 11 ? 1.30477   2.72921   5.63306   1.000 11.32385 ? 11  LEU B N   1 
ATOM   255 C  CA  . LEU B 2 11 ? 1.32889   1.56253   4.76308   1.000 11.94035 ? 11  LEU B CA  1 
ATOM   256 C  C   . LEU B 2 11 ? 1.41435   0.27635   5.57661   1.000 11.31432 ? 11  LEU B C   1 
ATOM   257 O  O   . LEU B 2 11 ? 0.76243   -0.71741  5.24496   1.000 11.24804 ? 11  LEU B O   1 
ATOM   258 C  CB  . LEU B 2 11 ? 2.48924   1.68627   3.78091   1.000 11.89080 ? 11  LEU B CB  1 
ATOM   259 C  CG  . LEU B 2 11 ? 2.29542   2.74582   2.68312   1.000 13.70939 ? 11  LEU B CG  1 
ATOM   260 C  CD1 . LEU B 2 11 ? 3.60274   3.00186   2.02196   1.000 12.08862 ? 11  LEU B CD1 1 
ATOM   261 C  CD2 . LEU B 2 11 ? 1.28000   2.32265   1.62761   1.000 13.71534 ? 11  LEU B CD2 1 
ATOM   262 N  N   . LYS B 2 12 ? 2.19919   0.28671   6.65845   1.000 10.79748 ? 12  LYS B N   1 
ATOM   263 C  CA  . LYS B 2 12 ? 2.30735   -0.88021  7.52301   1.000 14.49601 ? 12  LYS B CA  1 
ATOM   264 C  C   . LYS B 2 12 ? 0.97529   -1.15716  8.20503   1.000 11.80958 ? 12  LYS B C   1 
ATOM   265 O  O   . LYS B 2 12 ? 0.55449   -2.31659  8.34654   1.000 12.72001 ? 12  LYS B O   1 
ATOM   266 C  CB  . LYS B 2 12 ? 3.40746   -0.63116  8.55986   1.000 14.85144 ? 12  LYS B CB  1 
ATOM   267 C  CG  . LYS B 2 12 ? 4.82662   -0.82542  8.02637   1.000 16.58468 ? 12  LYS B CG  1 
ATOM   268 C  CD  . LYS B 2 12 ? 5.88822   -0.50989  9.07708   1.000 19.99488 ? 12  LYS B CD  1 
ATOM   269 C  CE  . LYS B 2 12 ? 7.18466   -0.04528  8.41326   1.000 23.01627 ? 12  LYS B CE  1 
ATOM   270 N  NZ  . LYS B 2 12 ? 8.13588   0.61105   9.35792   1.000 26.46383 ? 12  LYS B NZ  1 
ATOM   271 N  N   . GLN B 2 13 ? 0.28444   -0.09956  8.63036   1.000 11.63679 ? 13  GLN B N   1 
ATOM   272 C  CA  . GLN B 2 13 ? -1.04486  -0.25325  9.20601   1.000 14.91526 ? 13  GLN B CA  1 
ATOM   273 C  C   . GLN B 2 13 ? -1.98524  -0.90262  8.21117   1.000 12.77490 ? 13  GLN B C   1 
ATOM   274 O  O   . GLN B 2 13 ? -2.77274  -1.79523  8.55322   1.000 13.43783 ? 13  GLN B O   1 
ATOM   275 C  CB  . GLN B 2 13 ? -1.60152  1.12982   9.51484   1.000 15.81698 ? 13  GLN B CB  1 
ATOM   276 C  CG  . GLN B 2 13 ? -1.06501  1.74225   10.74449  1.000 22.06406 ? 13  GLN B CG  1 
ATOM   277 C  CD  . GLN B 2 13 ? -1.73021  3.07275   11.09650  1.000 28.63886 ? 13  GLN B CD  1 
ATOM   278 O  OE1 . GLN B 2 13 ? -1.05555  4.08765   11.25647  1.000 32.59533 ? 13  GLN B OE1 1 
ATOM   279 N  NE2 . GLN B 2 13 ? -3.05722  3.06196   11.24248  1.000 30.22765 ? 13  GLN B NE2 1 
ATOM   280 N  N   . LEU B 2 14 ? -1.95708  -0.41632  6.97362   1.000 12.94972 ? 14  LEU B N   1 
ATOM   281 C  CA  A LEU B 2 14 ? -2.79888  -0.96165  5.91542   0.509 12.10175 ? 14  LEU B CA  1 
ATOM   282 C  CA  B LEU B 2 14 ? -2.83896  -0.98315  5.96329   0.491 12.07751 ? 14  LEU B CA  1 
ATOM   283 C  C   . LEU B 2 14 ? -2.48079  -2.42902  5.65865   1.000 11.66811 ? 14  LEU B C   1 
ATOM   284 O  O   . LEU B 2 14 ? -3.38243  -3.23880  5.41612   1.000 13.21944 ? 14  LEU B O   1 
ATOM   285 C  CB  A LEU B 2 14 ? -2.54084  -0.15167  4.64878   0.509 13.83449 ? 14  LEU B CB  1 
ATOM   286 C  CB  B LEU B 2 14 ? -2.86345  -0.13392  4.69358   0.491 14.07232 ? 14  LEU B CB  1 
ATOM   287 C  CG  A LEU B 2 14 ? -3.59403  -0.17768  3.55609   0.509 13.35774 ? 14  LEU B CG  1 
ATOM   288 C  CG  B LEU B 2 14 ? -3.80431  1.06766   4.76014   0.491 14.96925 ? 14  LEU B CG  1 
ATOM   289 C  CD1 A LEU B 2 14 ? -4.98692  -0.34410  4.12288   0.509 17.23902 ? 14  LEU B CD1 1 
ATOM   290 C  CD1 B LEU B 2 14 ? -3.53133  1.92687   3.57235   0.491 17.27712 ? 14  LEU B CD1 1 
ATOM   291 C  CD2 A LEU B 2 14 ? -3.48239  1.09148   2.72307   0.509 10.15636 ? 14  LEU B CD2 1 
ATOM   292 C  CD2 B LEU B 2 14 ? -5.26705  0.67110   4.79375   0.491 15.50814 ? 14  LEU B CD2 1 
ATOM   293 N  N   . ALA B 2 15 ? -1.18950  -2.77713  5.68890   1.000 11.40944 ? 15  ALA B N   1 
ATOM   294 C  CA  . ALA B 2 15 ? -0.80788  -4.17099  5.47775   1.000 11.78294 ? 15  ALA B CA  1 
ATOM   295 C  C   . ALA B 2 15 ? -1.38822  -5.07068  6.56277   1.000 12.81164 ? 15  ALA B C   1 
ATOM   296 O  O   . ALA B 2 15 ? -1.80163  -6.20412  6.28003   1.000 12.29981 ? 15  ALA B O   1 
ATOM   297 C  CB  . ALA B 2 15 ? 0.70653   -4.30877  5.44483   1.000 13.12414 ? 15  ALA B CB  1 
ATOM   298 N  N   . TYR B 2 16 ? -1.41008  -4.58881  7.81550   1.000 11.99387 ? 16  TYR B N   1 
ATOM   299 C  CA  . TYR B 2 16 ? -2.01754  -5.33203  8.91105   1.000 11.35606 ? 16  TYR B CA  1 
ATOM   300 C  C   . TYR B 2 16 ? -3.47841  -5.65954  8.60565   1.000 12.39402 ? 16  TYR B C   1 
ATOM   301 O  O   . TYR B 2 16 ? -3.94210  -6.79157  8.84554   1.000 11.81382 ? 16  TYR B O   1 
ATOM   302 C  CB  . TYR B 2 16 ? -1.86310  -4.50080  10.19780  1.000 12.38097 ? 16  TYR B CB  1 
ATOM   303 C  CG  . TYR B 2 16 ? -2.68966  -4.98936  11.35710  1.000 13.95020 ? 16  TYR B CG  1 
ATOM   304 C  CD1 . TYR B 2 16 ? -3.99904  -4.56640  11.51924  1.000 15.30412 ? 16  TYR B CD1 1 
ATOM   305 C  CD2 . TYR B 2 16 ? -2.15117  -5.85693  12.30793  1.000 12.74710 ? 16  TYR B CD2 1 
ATOM   306 C  CE1 . TYR B 2 16 ? -4.77377  -5.01509  12.56610  1.000 14.05809 ? 16  TYR B CE1 1 
ATOM   307 C  CE2 . TYR B 2 16 ? -2.92023  -6.30512  13.36796  1.000 10.65258 ? 16  TYR B CE2 1 
ATOM   308 C  CZ  . TYR B 2 16 ? -4.22482  -5.87999  13.48876  1.000 13.29130 ? 16  TYR B CZ  1 
ATOM   309 O  OH  . TYR B 2 16 ? -5.02413  -6.30558  14.53240  1.000 15.43877 ? 16  TYR B OH  1 
ATOM   310 N  N   . LYS B 2 17 ? -4.22013  -4.69067  8.05613   1.000 10.97249 ? 17  LYS B N   1 
ATOM   311 C  CA  . LYS B 2 17 ? -5.62528  -4.91635  7.70476   1.000 10.81301 ? 17  LYS B CA  1 
ATOM   312 C  C   . LYS B 2 17 ? -5.78109  -5.82726  6.49354   1.000 12.02775 ? 17  LYS B C   1 
ATOM   313 O  O   . LYS B 2 17 ? -6.64802  -6.70699  6.48883   1.000 13.38861 ? 17  LYS B O   1 
ATOM   314 C  CB  . LYS B 2 17 ? -6.33987  -3.58150  7.48104   1.000 12.48937 ? 17  LYS B CB  1 
ATOM   315 C  CG  . LYS B 2 17 ? -6.29496  -2.65460  8.68135   1.000 15.33277 ? 17  LYS B CG  1 
ATOM   316 C  CD  . LYS B 2 17 ? -6.97723  -1.31209  8.43352   1.000 20.05011 ? 17  LYS B CD  1 
ATOM   317 C  CE  . LYS B 2 17 ? -6.64575  -0.32223  9.55591   1.000 24.76960 ? 17  LYS B CE  1 
ATOM   318 N  NZ  . LYS B 2 17 ? -7.37250  0.97752   9.44365   1.000 37.05887 ? 17  LYS B NZ  1 
ATOM   319 N  N   . VAL B 2 18 ? -4.98160  -5.61154  5.44014   1.000 12.32907 ? 18  VAL B N   1 
ATOM   320 C  CA  . VAL B 2 18 ? -5.06408  -6.45555  4.24792   1.000 13.34752 ? 18  VAL B CA  1 
ATOM   321 C  C   . VAL B 2 18 ? -4.82451  -7.91712  4.61758   1.000 12.61546 ? 18  VAL B C   1 
ATOM   322 O  O   . VAL B 2 18 ? -5.53047  -8.81361  4.15057   1.000 13.65443 ? 18  VAL B O   1 
ATOM   323 C  CB  . VAL B 2 18 ? -4.07866  -5.95273  3.17248   1.000 10.92931 ? 18  VAL B CB  1 
ATOM   324 C  CG1 . VAL B 2 18 ? -3.98559  -6.94659  2.03526   1.000 13.07490 ? 18  VAL B CG1 1 
ATOM   325 C  CG2 . VAL B 2 18 ? -4.48911  -4.59115  2.66390   1.000 12.71652 ? 18  VAL B CG2 1 
ATOM   326 N  N   . LYS B 2 19 ? -3.88085  -8.16673  5.52828   1.000 13.95044 ? 19  LYS B N   1 
ATOM   327 C  CA  . LYS B 2 19 ? -3.49874  -9.53057  5.85677   1.000 14.46167 ? 19  LYS B CA  1 
ATOM   328 C  C   . LYS B 2 19 ? -4.60890  -10.26439 6.58203   1.000 15.15578 ? 19  LYS B C   1 
ATOM   329 O  O   . LYS B 2 19 ? -4.60660  -11.49936 6.62388   1.000 19.29963 ? 19  LYS B O   1 
ATOM   330 C  CB  . LYS B 2 19 ? -2.21154  -9.45398  6.67797   1.000 19.51036 ? 19  LYS B CB  1 
ATOM   331 C  CG  . LYS B 2 19 ? -1.48042  -10.72557 6.92563   1.000 21.45562 ? 19  LYS B CG  1 
ATOM   332 C  CD  . LYS B 2 19 ? -0.36863  -10.43740 7.91760   1.000 24.80370 ? 19  LYS B CD  1 
ATOM   333 C  CE  . LYS B 2 19 ? 0.52740   -9.31619  7.41411   1.000 31.18005 ? 19  LYS B CE  1 
ATOM   334 N  NZ  . LYS B 2 19 ? 1.72098   -9.09643  8.27396   1.000 31.80988 ? 19  LYS B NZ  1 
ATOM   335 N  N   . ARG B 2 20 ? -5.57414  -9.53863  7.12013   1.000 12.91126 ? 20  ARG B N   1 
ATOM   336 C  CA  . ARG B 2 20 ? -6.65806  -10.12313 7.88600   1.000 14.98403 ? 20  ARG B CA  1 
ATOM   337 C  C   . ARG B 2 20 ? -7.96815  -10.14887 7.11517   1.000 17.98058 ? 20  ARG B C   1 
ATOM   338 O  O   . ARG B 2 20 ? -8.99914  -10.52222 7.68209   1.000 19.46911 ? 20  ARG B O   1 
ATOM   339 C  CB  . ARG B 2 20 ? -6.77678  -9.37793  9.22226   1.000 14.72834 ? 20  ARG B CB  1 
ATOM   340 C  CG  . ARG B 2 20 ? -5.59885  -9.68130  10.15657  1.000 13.89977 ? 20  ARG B CG  1 
ATOM   341 C  CD  . ARG B 2 20 ? -5.41723  -8.68561  11.27890  1.000 16.73862 ? 20  ARG B CD  1 
ATOM   342 N  NE  . ARG B 2 20 ? -4.34860  -9.12760  12.16706  1.000 15.23319 ? 20  ARG B NE  1 
ATOM   343 C  CZ  . ARG B 2 20 ? -3.06051  -9.12777  11.86413  1.000 16.15590 ? 20  ARG B CZ  1 
ATOM   344 N  NH1 . ARG B 2 20 ? -2.60753  -8.58229  10.74368  1.000 15.20547 ? 20  ARG B NH1 1 
ATOM   345 N  NH2 . ARG B 2 20 ? -2.19458  -9.67635  12.71360  1.000 16.90526 ? 20  ARG B NH2 1 
ATOM   346 N  N   . LEU B 2 21 ? -7.94431  -9.77817  5.83926   1.000 17.39041 ? 21  LEU B N   1 
ATOM   347 C  CA  . LEU B 2 21 ? -9.12436  -9.91664  5.00006   1.000 22.42004 ? 21  LEU B CA  1 
ATOM   348 C  C   . LEU B 2 21 ? -9.52011  -11.38364 4.87996   1.000 26.42479 ? 21  LEU B C   1 
ATOM   349 O  O   . LEU B 2 21 ? -8.66703  -12.27151 4.77909   1.000 24.80679 ? 21  LEU B O   1 
ATOM   350 C  CB  . LEU B 2 21 ? -8.85161  -9.33380  3.61167   1.000 18.05794 ? 21  LEU B CB  1 
ATOM   351 C  CG  . LEU B 2 21 ? -8.69462  -7.81693  3.50875   1.000 13.35380 ? 21  LEU B CG  1 
ATOM   352 C  CD1 . LEU B 2 21 ? -8.18143  -7.42959  2.12898   1.000 20.32905 ? 21  LEU B CD1 1 
ATOM   353 C  CD2 . LEU B 2 21 ? -9.99110  -7.11426  3.83184   1.000 19.91376 ? 21  LEU B CD2 1 
ATOM   354 N  N   . SER B 2 22 ? -10.82483 -11.63485 4.88679   1.000 30.32156 ? 22  SER B N   1 
ATOM   355 C  CA  . SER B 2 22 ? -11.32539 -13.00381 4.84795   1.000 37.13158 ? 22  SER B CA  1 
ATOM   356 C  C   . SER B 2 22 ? -11.69971 -13.42205 3.43188   1.000 36.01705 ? 22  SER B C   1 
ATOM   357 O  O   . SER B 2 22 ? -10.91603 -13.24208 2.49889   1.000 35.73229 ? 22  SER B O   1 
ATOM   358 C  CB  . SER B 2 22 ? -12.52063 -13.15036 5.78911   1.000 42.28566 ? 22  SER B CB  1 
ATOM   359 O  OG  . SER B 2 22 ? -12.08630 -13.35410 7.12423   1.000 47.53393 ? 22  SER B OG  1 
ATOM   360 N  N   . THR C 1 1  ? -6.46126  -15.61479 -7.65265  1.000 30.12156 ? 1   THR C N   1 
ATOM   361 C  CA  . THR C 1 1  ? -6.03200  -14.28474 -7.24176  1.000 23.58568 ? 1   THR C CA  1 
ATOM   362 C  C   . THR C 1 1  ? -5.01437  -14.39018 -6.10822  1.000 23.20709 ? 1   THR C C   1 
ATOM   363 O  O   . THR C 1 1  ? -5.00895  -15.36357 -5.35759  1.000 21.37138 ? 1   THR C O   1 
ATOM   364 C  CB  . THR C 1 1  ? -7.23323  -13.43060 -6.77337  1.000 28.39476 ? 1   THR C CB  1 
ATOM   365 N  N   . ALA C 1 2  ? -4.14387  -13.39078 -5.98489  1.000 25.69818 ? 2   ALA C N   1 
ATOM   366 C  CA  . ALA C 1 2  ? -3.17149  -13.38832 -4.89786  1.000 26.12845 ? 2   ALA C CA  1 
ATOM   367 C  C   . ALA C 1 2  ? -3.87405  -13.39366 -3.54440  1.000 19.53376 ? 2   ALA C C   1 
ATOM   368 O  O   . ALA C 1 2  ? -4.93229  -12.78930 -3.36986  1.000 22.89913 ? 2   ALA C O   1 
ATOM   369 C  CB  . ALA C 1 2  ? -2.27829  -12.15370 -4.99347  1.000 26.17707 ? 2   ALA C CB  1 
ATOM   370 N  N   . SER C 1 3  ? -3.26811  -14.07714 -2.58322  1.000 20.33077 ? 3   SER C N   1 
ATOM   371 C  CA  . SER C 1 3  ? -3.85267  -14.19928 -1.25759  1.000 23.14896 ? 3   SER C CA  1 
ATOM   372 C  C   . SER C 1 3  ? -3.69179  -12.89018 -0.48388  1.000 19.55244 ? 3   SER C C   1 
ATOM   373 O  O   . SER C 1 3  ? -2.76739  -12.11755 -0.74642  1.000 19.09044 ? 3   SER C O   1 
ATOM   374 C  CB  . SER C 1 3  ? -3.18002  -15.33583 -0.48487  1.000 21.75269 ? 3   SER C CB  1 
ATOM   375 O  OG  . SER C 1 3  ? -1.87572  -14.98495 -0.04359  1.000 28.07927 ? 3   SER C OG  1 
ATOM   376 N  N   . PRO C 1 4  ? -4.60159  -12.60398 0.44791   1.000 17.94034 ? 4   PRO C N   1 
ATOM   377 C  CA  . PRO C 1 4  ? -4.40829  -11.43434 1.32346   1.000 17.93473 ? 4   PRO C CA  1 
ATOM   378 C  C   . PRO C 1 4  ? -3.05879  -11.42486 2.01305   1.000 21.62567 ? 4   PRO C C   1 
ATOM   379 O  O   . PRO C 1 4  ? -2.41717  -10.37385 2.10321   1.000 17.70134 ? 4   PRO C O   1 
ATOM   380 C  CB  . PRO C 1 4  ? -5.55589  -11.57802 2.32601   1.000 18.52730 ? 4   PRO C CB  1 
ATOM   381 C  CG  . PRO C 1 4  ? -6.61978  -12.26751 1.53287   1.000 20.01377 ? 4   PRO C CG  1 
ATOM   382 C  CD  . PRO C 1 4  ? -5.88862  -13.27025 0.70859   1.000 21.27239 ? 4   PRO C CD  1 
ATOM   383 N  N   . ARG C 1 5  ? -2.61356  -12.58032 2.50460   1.000 17.82223 ? 5   ARG C N   1 
ATOM   384 C  CA  . ARG C 1 5  ? -1.30324  -12.69587 3.13654   1.000 19.24839 ? 5   ARG C CA  1 
ATOM   385 C  C   . ARG C 1 5  ? -0.19038  -12.30837 2.17120   1.000 15.72265 ? 5   ARG C C   1 
ATOM   386 O  O   . ARG C 1 5  ? 0.73984   -11.56951 2.52728   1.000 17.33370 ? 5   ARG C O   1 
ATOM   387 C  CB  . ARG C 1 5  ? -1.13758  -14.14125 3.60721   1.000 21.18008 ? 5   ARG C CB  1 
ATOM   388 C  CG  . ARG C 1 5  ? -0.00130  -14.45385 4.54972   1.000 34.31032 ? 5   ARG C CG  1 
ATOM   389 C  CD  . ARG C 1 5  ? -0.38630  -15.77190 5.18645   1.000 39.93013 ? 5   ARG C CD  1 
ATOM   390 N  NE  . ARG C 1 5  ? -0.23678  -16.86403 4.23287   1.000 44.76959 ? 5   ARG C NE  1 
ATOM   391 C  CZ  . ARG C 1 5  ? -0.51746  -18.13280 4.49195   1.000 45.70550 ? 5   ARG C CZ  1 
ATOM   392 N  NH1 . ARG C 1 5  ? -1.00284  -18.50854 5.66493   1.000 48.30189 ? 5   ARG C NH1 1 
ATOM   393 N  NH2 . ARG C 1 5  ? -0.33825  -19.04289 3.53889   1.000 48.88531 ? 5   ARG C NH2 1 
ATOM   394 N  N   . ALA C 1 6  ? -0.26623  -12.80478 0.93298   1.000 17.38138 ? 6   ALA C N   1 
ATOM   395 C  CA  . ALA C 1 6  ? 0.76611   -12.47685 -0.04062  1.000 17.03754 ? 6   ALA C CA  1 
ATOM   396 C  C   . ALA C 1 6  ? 0.75306   -10.99354 -0.37728  1.000 15.47927 ? 6   ALA C C   1 
ATOM   397 O  O   . ALA C 1 6  ? 1.81377   -10.37589 -0.52194  1.000 15.18374 ? 6   ALA C O   1 
ATOM   398 C  CB  . ALA C 1 6  ? 0.59098   -13.31668 -1.30169  1.000 19.01341 ? 6   ALA C CB  1 
ATOM   399 N  N   . LEU C 1 7  ? -0.43904  -10.40105 -0.48542  1.000 15.93646 ? 7   LEU C N   1 
ATOM   400 C  CA  . LEU C 1 7  ? -0.52773  -8.98041  -0.81119  1.000 12.55415 ? 7   LEU C CA  1 
ATOM   401 C  C   . LEU C 1 7  ? -0.03551  -8.11754  0.34404   1.000 14.30466 ? 7   LEU C C   1 
ATOM   402 O  O   . LEU C 1 7  ? 0.63491   -7.10422  0.12637   1.000 13.34040 ? 7   LEU C O   1 
ATOM   403 C  CB  . LEU C 1 7  ? -1.96443  -8.62085  -1.16819  1.000 16.61835 ? 7   LEU C CB  1 
ATOM   404 C  CG  . LEU C 1 7  ? -2.52624  -9.31311  -2.41161  1.000 16.61054 ? 7   LEU C CG  1 
ATOM   405 C  CD1 . LEU C 1 7  ? -4.00703  -9.10117  -2.43499  1.000 21.60795 ? 7   LEU C CD1 1 
ATOM   406 C  CD2 . LEU C 1 7  ? -1.90002  -8.73808  -3.63405  1.000 20.51251 ? 7   LEU C CD2 1 
ATOM   407 N  N   . ALA C 1 8  ? -0.33471  -8.52848  1.57695   1.000 11.60581 ? 8   ALA C N   1 
ATOM   408 C  CA  . ALA C 1 8  ? 0.18283   -7.82754  2.74904   1.000 12.12967 ? 8   ALA C CA  1 
ATOM   409 C  C   . ALA C 1 8  ? 1.70150   -7.90882  2.82233   1.000 12.26907 ? 8   ALA C C   1 
ATOM   410 O  O   . ALA C 1 8  ? 2.35807   -6.93453  3.19835   1.000 13.31748 ? 8   ALA C O   1 
ATOM   411 C  CB  . ALA C 1 8  ? -0.42739  -8.41341  4.01336   1.000 13.89307 ? 8   ALA C CB  1 
ATOM   412 N  N   . ASP C 1 9  ? 2.28257   -9.05796  2.46462   1.000 13.37902 ? 9   ASP C N   1 
ATOM   413 C  CA  . ASP C 1 9  ? 3.74087   -9.15376  2.45190   1.000 15.54170 ? 9   ASP C CA  1 
ATOM   414 C  C   . ASP C 1 9  ? 4.35253   -8.16045  1.46447   1.000 14.89920 ? 9   ASP C C   1 
ATOM   415 O  O   . ASP C 1 9  ? 5.32153   -7.46407  1.78184   1.000 15.47721 ? 9   ASP C O   1 
ATOM   416 C  CB  . ASP C 1 9  ? 4.19344   -10.58023 2.12170   1.000 18.47652 ? 9   ASP C CB  1 
ATOM   417 C  CG  . ASP C 1 9  ? 3.74044   -11.59305 3.14391   1.000 36.55033 ? 9   ASP C CG  1 
ATOM   418 O  OD1 . ASP C 1 9  ? 3.83221   -11.29691 4.35714   1.000 43.67155 ? 9   ASP C OD1 1 
ATOM   419 O  OD2 . ASP C 1 9  ? 3.32289   -12.70104 2.72891   1.000 40.36873 ? 9   ASP C OD2 1 
ATOM   420 N  N   . GLU C 1 10 ? 3.80596   -8.09105  0.24831   1.000 15.56295 ? 10  GLU C N   1 
ATOM   421 C  CA  . GLU C 1 10 ? 4.32078   -7.12063  -0.71081  1.000 14.68075 ? 10  GLU C CA  1 
ATOM   422 C  C   . GLU C 1 10 ? 4.17065   -5.70277  -0.18601  1.000 13.18578 ? 10  GLU C C   1 
ATOM   423 O  O   . GLU C 1 10 ? 5.06244   -4.87190  -0.37019  1.000 12.99432 ? 10  GLU C O   1 
ATOM   424 C  CB  . GLU C 1 10 ? 3.60081   -7.25015  -2.04727  1.000 17.58610 ? 10  GLU C CB  1 
ATOM   425 C  CG  . GLU C 1 10 ? 3.76269   -8.58250  -2.74665  1.000 27.04981 ? 10  GLU C CG  1 
ATOM   426 C  CD  . GLU C 1 10 ? 3.05125   -8.60842  -4.08557  1.000 36.23655 ? 10  GLU C CD  1 
ATOM   427 O  OE1 . GLU C 1 10 ? 1.99081   -9.26316  -4.19373  1.000 42.29529 ? 10  GLU C OE1 1 
ATOM   428 O  OE2 . GLU C 1 10 ? 3.54293   -7.94805  -5.02736  1.000 45.73407 ? 10  GLU C OE2 1 
ATOM   429 N  N   . LEU C 1 11 ? 3.03863   -5.40071  0.44787   1.000 13.21060 ? 11  LEU C N   1 
ATOM   430 C  CA  . LEU C 1 11 ? 2.81634   -4.04504  0.93259   1.000 12.49320 ? 11  LEU C CA  1 
ATOM   431 C  C   . LEU C 1 11 ? 3.80315   -3.69303  2.04050   1.000 11.28997 ? 11  LEU C C   1 
ATOM   432 O  O   . LEU C 1 11 ? 4.32683   -2.57474  2.07895   1.000 11.66301 ? 11  LEU C O   1 
ATOM   433 C  CB  . LEU C 1 11 ? 1.36459   -3.89859  1.39072   1.000 11.97103 ? 11  LEU C CB  1 
ATOM   434 C  CG  . LEU C 1 11 ? 0.97211   -2.51570  1.90890   1.000 14.44846 ? 11  LEU C CG  1 
ATOM   435 C  CD1 . LEU C 1 11 ? 1.39485   -1.43010  0.94612   1.000 17.05783 ? 11  LEU C CD1 1 
ATOM   436 C  CD2 . LEU C 1 11 ? -0.51882  -2.40281  2.17712   1.000 15.64729 ? 11  LEU C CD2 1 
ATOM   437 N  N   . GLU C 1 12 ? 4.10666   -4.65664  2.91734   1.000 12.04368 ? 12  GLU C N   1 
ATOM   438 C  CA  . GLU C 1 12 ? 5.09690   -4.43059  3.96740   1.000 12.39659 ? 12  GLU C CA  1 
ATOM   439 C  C   . GLU C 1 12 ? 6.45596   -4.13599  3.37204   1.000 13.23451 ? 12  GLU C C   1 
ATOM   440 O  O   . GLU C 1 12 ? 7.15235   -3.22216  3.81943   1.000 13.65943 ? 12  GLU C O   1 
ATOM   441 C  CB  . GLU C 1 12 ? 5.18384   -5.63792  4.90442   1.000 14.22305 ? 12  GLU C CB  1 
ATOM   442 C  CG  . GLU C 1 12 ? 3.99652   -5.71991  5.84025   1.000 24.07377 ? 12  GLU C CG  1 
ATOM   443 C  CD  . GLU C 1 12 ? 3.97462   -6.99093  6.65461   1.000 29.20519 ? 12  GLU C CD  1 
ATOM   444 O  OE1 . GLU C 1 12 ? 4.99386   -7.71794  6.64198   1.000 36.72272 ? 12  GLU C OE1 1 
ATOM   445 O  OE2 . GLU C 1 12 ? 2.93883   -7.25148  7.30438   1.000 35.46179 ? 12  GLU C OE2 1 
ATOM   446 N  N   . GLN C 1 13 ? 6.84722   -4.89737  2.34853   1.000 12.75197 ? 13  GLN C N   1 
ATOM   447 C  CA  . GLN C 1 13 ? 8.14105   -4.64687  1.72538   1.000 14.74477 ? 13  GLN C CA  1 
ATOM   448 C  C   . GLN C 1 13 ? 8.19396   -3.25047  1.14169   1.000 12.68549 ? 13  GLN C C   1 
ATOM   449 O  O   . GLN C 1 13 ? 9.19718   -2.54714  1.28256   1.000 14.30185 ? 13  GLN C O   1 
ATOM   450 C  CB  . GLN C 1 13 ? 8.41843   -5.67532  0.63254   1.000 17.75182 ? 13  GLN C CB  1 
ATOM   451 C  CG  . GLN C 1 13 ? 8.45214   -7.11089  1.09600   1.000 29.11599 ? 13  GLN C CG  1 
ATOM   452 C  CD  . GLN C 1 13 ? 8.65680   -8.07154  -0.05784  1.000 33.32410 ? 13  GLN C CD  1 
ATOM   453 O  OE1 . GLN C 1 13 ? 9.43191   -7.79225  -0.98248  1.000 29.32516 ? 13  GLN C OE1 1 
ATOM   454 N  NE2 . GLN C 1 13 ? 7.92691   -9.18693  -0.03984  1.000 28.88509 ? 13  GLN C NE2 1 
ATOM   455 N  N   . LEU C 1 14 ? 7.12426   -2.83222  0.47126   1.000 13.40163 ? 14  LEU C N   1 
ATOM   456 C  CA  . LEU C 1 14 ? 7.10821   -1.50618  -0.11803  1.000 13.82412 ? 14  LEU C CA  1 
ATOM   457 C  C   . LEU C 1 14 ? 7.11994   -0.43997  0.96851   1.000 11.18766 ? 14  LEU C C   1 
ATOM   458 O  O   . LEU C 1 14 ? 7.74548   0.60694   0.79867   1.000 11.85306 ? 14  LEU C O   1 
ATOM   459 C  CB  . LEU C 1 14 ? 5.88308   -1.35522  -1.03445  1.000 12.64073 ? 14  LEU C CB  1 
ATOM   460 C  CG  . LEU C 1 14 ? 6.02463   -1.97693  -2.43210  1.000 16.14139 ? 14  LEU C CG  1 
ATOM   461 C  CD1 . LEU C 1 14 ? 4.67499   -2.06878  -3.11083  1.000 19.13399 ? 14  LEU C CD1 1 
ATOM   462 C  CD2 . LEU C 1 14 ? 7.02493   -1.22580  -3.30278  1.000 16.87067 ? 14  LEU C CD2 1 
ATOM   463 N  N   . ALA C 1 15 ? 6.45998   -0.69904  2.09626   1.000 12.86213 ? 15  ALA C N   1 
ATOM   464 C  CA  . ALA C 1 15 ? 6.47539   0.27331   3.17919   1.000 12.29590 ? 15  ALA C CA  1 
ATOM   465 C  C   . ALA C 1 15 ? 7.89681   0.55296   3.64037   1.000 11.62853 ? 15  ALA C C   1 
ATOM   466 O  O   . ALA C 1 15 ? 8.26135   1.71506   3.85423   1.000 12.49679 ? 15  ALA C O   1 
ATOM   467 C  CB  . ALA C 1 15 ? 5.63061   -0.21990  4.35040   1.000 14.24025 ? 15  ALA C CB  1 
ATOM   468 N  N   . TYR C 1 16 ? 8.71509   -0.50347  3.79469   1.000 12.61313 ? 16  TYR C N   1 
ATOM   469 C  CA  . TYR C 1 16 ? 10.09902  -0.32403  4.23209   1.000 14.28696 ? 16  TYR C CA  1 
ATOM   470 C  C   . TYR C 1 16 ? 10.93074  0.38921   3.18154   1.000 13.69392 ? 16  TYR C C   1 
ATOM   471 O  O   . TYR C 1 16 ? 11.81676  1.17512   3.52893   1.000 14.62627 ? 16  TYR C O   1 
ATOM   472 C  CB  . TYR C 1 16 ? 10.72738  -1.66311  4.62756   1.000 14.76791 ? 16  TYR C CB  1 
ATOM   473 C  CG  . TYR C 1 16 ? 10.26209  -2.11412  5.99437   1.000 12.67661 ? 16  TYR C CG  1 
ATOM   474 C  CD1 . TYR C 1 16 ? 10.59710  -1.39481  7.13318   1.000 19.69076 ? 16  TYR C CD1 1 
ATOM   475 C  CD2 . TYR C 1 16 ? 9.45529   -3.23514  6.14570   1.000 15.90418 ? 16  TYR C CD2 1 
ATOM   476 C  CE1 . TYR C 1 16 ? 10.16548  -1.79515  8.38880   1.000 17.77457 ? 16  TYR C CE1 1 
ATOM   477 C  CE2 . TYR C 1 16 ? 9.01576   -3.63816  7.40236   1.000 21.50286 ? 16  TYR C CE2 1 
ATOM   478 C  CZ  . TYR C 1 16 ? 9.36412   -2.89540  8.51610   1.000 18.68175 ? 16  TYR C CZ  1 
ATOM   479 O  OH  . TYR C 1 16 ? 8.93738   -3.29625  9.76120   1.000 21.79528 ? 16  TYR C OH  1 
ATOM   480 N  N   . GLU C 1 17 ? 10.65733  0.15166   1.89441   1.000 14.07910 ? 17  GLU C N   1 
ATOM   481 C  CA  . GLU C 1 17 ? 11.32805  0.91713   0.84422   1.000 14.58928 ? 17  GLU C CA  1 
ATOM   482 C  C   . GLU C 1 17 ? 10.94160  2.38590   0.90853   1.000 15.17299 ? 17  GLU C C   1 
ATOM   483 O  O   . GLU C 1 17 ? 11.79084  3.26330   0.73222   1.000 17.85178 ? 17  GLU C O   1 
ATOM   484 C  CB  . GLU C 1 17 ? 10.99333  0.34361   -0.53037  1.000 13.97060 ? 17  GLU C CB  1 
ATOM   485 C  CG  . GLU C 1 17 ? 11.44648  -1.09746  -0.70133  1.000 23.21473 ? 17  GLU C CG  1 
ATOM   486 C  CD  . GLU C 1 17 ? 11.13157  -1.64326  -2.07244  1.000 31.58024 ? 17  GLU C CD  1 
ATOM   487 O  OE1 . GLU C 1 17 ? 11.82240  -1.25377  -3.03423  1.000 50.02593 ? 17  GLU C OE1 1 
ATOM   488 O  OE2 . GLU C 1 17 ? 10.18758  -2.45660  -2.19492  1.000 38.16550 ? 17  GLU C OE2 1 
ATOM   489 N  N   . VAL C 1 18 ? 9.66365   2.67970   1.16809   1.000 14.55301 ? 18  VAL C N   1 
ATOM   490 C  CA  . VAL C 1 18 ? 9.25390   4.07124   1.34005   1.000 13.61219 ? 18  VAL C CA  1 
ATOM   491 C  C   . VAL C 1 18 ? 9.94375   4.67959   2.55388   1.000 19.57222 ? 18  VAL C C   1 
ATOM   492 O  O   . VAL C 1 18 ? 10.47264  5.79590   2.48824   1.000 17.46136 ? 18  VAL C O   1 
ATOM   493 C  CB  . VAL C 1 18 ? 7.72034   4.15762   1.43646   1.000 13.72376 ? 18  VAL C CB  1 
ATOM   494 C  CG1 . VAL C 1 18 ? 7.29207   5.53956   1.93384   1.000 14.95772 ? 18  VAL C CG1 1 
ATOM   495 C  CG2 . VAL C 1 18 ? 7.07223   3.81625   0.08226   1.000 13.94065 ? 18  VAL C CG2 1 
ATOM   496 N  N   . GLU C 1 19 ? 9.98236   3.93481   3.66683   1.000 16.16994 ? 19  GLU C N   1 
ATOM   497 C  CA  . GLU C 1 19 ? 10.59608  4.42479   4.89702   1.000 20.19859 ? 19  GLU C CA  1 
ATOM   498 C  C   . GLU C 1 19 ? 12.01674  4.89445   4.65514   1.000 22.95745 ? 19  GLU C C   1 
ATOM   499 O  O   . GLU C 1 19 ? 12.43458  5.93764   5.17006   1.000 24.79554 ? 19  GLU C O   1 
ATOM   500 C  CB  . GLU C 1 19 ? 10.61681  3.29682   5.92371   1.000 19.61243 ? 19  GLU C CB  1 
ATOM   501 C  CG  . GLU C 1 19 ? 11.00663  3.72621   7.32361   1.000 24.77148 ? 19  GLU C CG  1 
ATOM   502 C  CD  . GLU C 1 19 ? 10.57901  2.71942   8.36979   1.000 31.48018 ? 19  GLU C CD  1 
ATOM   503 O  OE1 . GLU C 1 19 ? 10.65983  3.03466   9.57447   1.000 39.30022 ? 19  GLU C OE1 1 
ATOM   504 O  OE2 . GLU C 1 19 ? 10.15264  1.61020   7.98612   1.000 33.80711 ? 19  GLU C OE2 1 
ATOM   505 N  N   . ARG C 1 20 ? 12.76992  4.13732   3.87219   1.000 20.37339 ? 20  ARG C N   1 
ATOM   506 C  CA  . ARG C 1 20 ? 14.18652  4.37790   3.65548   1.000 22.66406 ? 20  ARG C CA  1 
ATOM   507 C  C   . ARG C 1 20 ? 14.44010  5.45431   2.61093   1.000 22.90704 ? 20  ARG C C   1 
ATOM   508 O  O   . ARG C 1 20 ? 15.59389  5.66190   2.21618   1.000 26.59127 ? 20  ARG C O   1 
ATOM   509 C  CB  . ARG C 1 20 ? 14.88669  3.05967   3.29590   1.000 24.06892 ? 20  ARG C CB  1 
ATOM   510 C  CG  . ARG C 1 20 ? 14.99274  2.04655   4.47228   1.000 22.92953 ? 20  ARG C CG  1 
ATOM   511 C  CD  . ARG C 1 20 ? 15.93603  0.86945   4.14693   1.000 23.98634 ? 20  ARG C CD  1 
ATOM   512 N  NE  . ARG C 1 20 ? 15.34797  -0.11156  3.23149   1.000 20.21276 ? 20  ARG C NE  1 
ATOM   513 C  CZ  . ARG C 1 20 ? 14.53025  -1.10518  3.57111   1.000 17.59761 ? 20  ARG C CZ  1 
ATOM   514 N  NH1 . ARG C 1 20 ? 14.20516  -1.34538  4.83466   1.000 21.24741 ? 20  ARG C NH1 1 
ATOM   515 N  NH2 . ARG C 1 20 ? 14.03770  -1.89286  2.61567   1.000 24.40448 ? 20  ARG C NH2 1 
ATOM   516 N  N   . LEU C 1 21 ? 13.39848  6.14592   2.15953   1.000 22.50848 ? 21  LEU C N   1 
ATOM   517 C  CA  . LEU C 1 21 ? 13.59473  7.30231   1.29538   1.000 26.09462 ? 21  LEU C CA  1 
ATOM   518 C  C   . LEU C 1 21 ? 14.02339  8.48031   2.16044   1.000 32.77451 ? 21  LEU C C   1 
ATOM   519 O  O   . LEU C 1 21 ? 14.90606  9.25114   1.78318   1.000 48.57050 ? 21  LEU C O   1 
ATOM   520 C  CB  . LEU C 1 21 ? 12.30663  7.64616   0.54736   1.000 22.13744 ? 21  LEU C CB  1 
ATOM   521 C  CG  . LEU C 1 21 ? 11.88562  6.70146   -0.57856  1.000 29.52335 ? 21  LEU C CG  1 
ATOM   522 C  CD1 . LEU C 1 21 ? 10.57114  7.15737   -1.17777  1.000 25.46259 ? 21  LEU C CD1 1 
ATOM   523 C  CD2 . LEU C 1 21 ? 12.96149  6.62243   -1.65853  1.000 29.34154 ? 21  LEU C CD2 1 
ATOM   524 N  N   . THR D 2 1  ? 18.75859  3.52889   -7.04157  1.000 19.67184 ? 1   THR D N   1 
ATOM   525 C  CA  . THR D 2 1  ? 17.68503  2.89970   -6.26127  1.000 20.61604 ? 1   THR D CA  1 
ATOM   526 C  C   . THR D 2 1  ? 16.33316  3.30378   -6.85914  1.000 16.00750 ? 1   THR D C   1 
ATOM   527 O  O   . THR D 2 1  ? 16.28257  4.13196   -7.76442  1.000 16.03595 ? 1   THR D O   1 
ATOM   528 C  CB  . THR D 2 1  ? 17.77703  3.26323   -4.77848  1.000 22.64544 ? 1   THR D CB  1 
ATOM   529 O  OG1 . THR D 2 1  ? 17.38884  4.62764   -4.59623  1.000 31.11132 ? 1   THR D OG1 1 
ATOM   530 C  CG2 . THR D 2 1  ? 19.19973  3.09037   -4.28734  1.000 32.39702 ? 1   THR D CG2 1 
ATOM   531 N  N   . ALA D 2 2  ? 15.25136  2.68379   -6.39732  1.000 17.54199 ? 2   ALA D N   1 
ATOM   532 C  CA  . ALA D 2 2  ? 13.94703  2.94470   -6.98944  1.000 14.13924 ? 2   ALA D CA  1 
ATOM   533 C  C   . ALA D 2 2  ? 13.44267  4.31261   -6.55811  1.000 15.37674 ? 2   ALA D C   1 
ATOM   534 O  O   . ALA D 2 2  ? 13.56788  4.69917   -5.39993  1.000 18.15162 ? 2   ALA D O   1 
ATOM   535 C  CB  . ALA D 2 2  ? 12.94705  1.87022   -6.56732  1.000 16.40043 ? 2   ALA D CB  1 
ATOM   536 N  N   . SER D 2 3  ? 12.88829  5.05021   -7.50410  1.000 15.91649 ? 3   SER D N   1 
ATOM   537 C  CA  . SER D 2 3  ? 12.39130  6.38519   -7.24305  1.000 17.00161 ? 3   SER D CA  1 
ATOM   538 C  C   . SER D 2 3  ? 11.06737  6.32499   -6.49215  1.000 16.62986 ? 3   SER D C   1 
ATOM   539 O  O   . SER D 2 3  ? 10.39646  5.29482   -6.47980  1.000 14.78488 ? 3   SER D O   1 
ATOM   540 C  CB  . SER D 2 3  ? 12.15535  7.10792   -8.55938  1.000 17.41616 ? 3   SER D CB  1 
ATOM   541 O  OG  . SER D 2 3  ? 11.06609  6.53513   -9.26811  1.000 17.02224 ? 3   SER D OG  1 
ATOM   542 N  N   . PRO D 2 4  ? 10.69271  7.42333   -5.83211  1.000 14.88353 ? 4   PRO D N   1 
ATOM   543 C  CA  . PRO D 2 4  ? 9.32573   7.53715   -5.29426  1.000 14.25169 ? 4   PRO D CA  1 
ATOM   544 C  C   . PRO D 2 4  ? 8.22943   7.21155   -6.30503  1.000 15.41229 ? 4   PRO D C   1 
ATOM   545 O  O   . PRO D 2 4  ? 7.28023   6.50068   -5.94755  1.000 15.31633 ? 4   PRO D O   1 
ATOM   546 C  CB  . PRO D 2 4  ? 9.27494   8.98822   -4.81020  1.000 17.31298 ? 4   PRO D CB  1 
ATOM   547 C  CG  . PRO D 2 4  ? 10.71588  9.32448   -4.49391  1.000 19.70748 ? 4   PRO D CG  1 
ATOM   548 C  CD  . PRO D 2 4  ? 11.55835  8.54947   -5.44571  1.000 19.74711 ? 4   PRO D CD  1 
ATOM   549 N  N   . ARG D 2 5  ? 8.32947   7.67358   -7.55829  1.000 15.25601 ? 5   ARG D N   1 
ATOM   550 C  CA  . ARG D 2 5  ? 7.29240   7.36036   -8.54384  1.000 20.60115 ? 5   ARG D CA  1 
ATOM   551 C  C   . ARG D 2 5  ? 7.24677   5.86377   -8.84979  1.000 17.16890 ? 5   ARG D C   1 
ATOM   552 O  O   . ARG D 2 5  ? 6.16470   5.28337   -9.01911  1.000 14.90864 ? 5   ARG D O   1 
ATOM   553 C  CB  . ARG D 2 5  ? 7.48990   8.21140   -9.80662  1.000 18.36147 ? 5   ARG D CB  1 
ATOM   554 C  CG  . ARG D 2 5  ? 7.03226   9.65926   -9.59506  1.000 22.99583 ? 5   ARG D CG  1 
ATOM   555 C  CD  . ARG D 2 5  ? 7.25109   10.61284  -10.76330 1.000 30.72714 ? 5   ARG D CD  1 
ATOM   556 N  NE  . ARG D 2 5  ? 6.80120   11.95183  -10.38940 1.000 29.39074 ? 5   ARG D NE  1 
ATOM   557 C  CZ  . ARG D 2 5  ? 7.42202   13.07848  -10.71584 1.000 34.96073 ? 5   ARG D CZ  1 
ATOM   558 N  NH1 . ARG D 2 5  ? 8.52213   13.07794  -11.45629 1.000 36.49487 ? 5   ARG D NH1 1 
ATOM   559 N  NH2 . ARG D 2 5  ? 6.94339   14.23498  -10.26716 1.000 40.90505 ? 5   ARG D NH2 1 
ATOM   560 N  N   . ALA D 2 6  ? 8.40890   5.21435   -8.90285  1.000 12.82469 ? 6   ALA D N   1 
ATOM   561 C  CA  . ALA D 2 6  ? 8.44438   3.77377   -9.10625  1.000 14.29914 ? 6   ALA D CA  1 
ATOM   562 C  C   . ALA D 2 6  ? 7.80727   3.04231   -7.92865  1.000 14.84148 ? 6   ALA D C   1 
ATOM   563 O  O   . ALA D 2 6  ? 7.06087   2.07249   -8.12070  1.000 15.43278 ? 6   ALA D O   1 
ATOM   564 C  CB  . ALA D 2 6  ? 9.89250   3.32251   -9.30607  1.000 15.41307 ? 6   ALA D CB  1 
ATOM   565 N  N   . LEU D 2 7  ? 8.11433   3.46622   -6.69910  1.000 14.58778 ? 7   LEU D N   1 
ATOM   566 C  CA  . LEU D 2 7  ? 7.50041   2.82414   -5.54619  1.000 18.76073 ? 7   LEU D CA  1 
ATOM   567 C  C   . LEU D 2 7  ? 5.99928   3.05183   -5.53293  1.000 11.88848 ? 7   LEU D C   1 
ATOM   568 O  O   . LEU D 2 7  ? 5.23394   2.11898   -5.28503  1.000 12.91887 ? 7   LEU D O   1 
ATOM   569 C  CB  . LEU D 2 7  ? 8.14353   3.30119   -4.24956  1.000 15.26206 ? 7   LEU D CB  1 
ATOM   570 C  CG  . LEU D 2 7  ? 9.61733   2.93249   -4.10003  1.000 15.24716 ? 7   LEU D CG  1 
ATOM   571 C  CD1 . LEU D 2 7  ? 10.12122  3.50496   -2.79581  1.000 19.25677 ? 7   LEU D CD1 1 
ATOM   572 C  CD2 . LEU D 2 7  ? 9.80031   1.42786   -4.17067  1.000 19.39478 ? 7   LEU D CD2 1 
ATOM   573 N  N   . ALA D 2 8  ? 5.55841   4.26956   -5.84211  1.000 11.88365 ? 8   ALA D N   1 
ATOM   574 C  CA  . ALA D 2 8  ? 4.12781   4.55163   -5.90686  1.000 14.65282 ? 8   ALA D CA  1 
ATOM   575 C  C   . ALA D 2 8  ? 3.44027   3.72681   -6.98961  1.000 13.53644 ? 8   ALA D C   1 
ATOM   576 O  O   . ALA D 2 8  ? 2.29238   3.29774   -6.81924  1.000 12.22532 ? 8   ALA D O   1 
ATOM   577 C  CB  . ALA D 2 8  ? 3.91054   6.04124   -6.15516  1.000 15.11122 ? 8   ALA D CB  1 
ATOM   578 N  N   . ASP D 2 9  ? 4.12900   3.47759   -8.11128  1.000 15.10694 ? 9   ASP D N   1 
ATOM   579 C  CA  . ASP D 2 9  ? 3.52979   2.66120   -9.15354  1.000 13.55204 ? 9   ASP D CA  1 
ATOM   580 C  C   . ASP D 2 9  ? 3.26660   1.24904   -8.64944  1.000 12.81455 ? 9   ASP D C   1 
ATOM   581 O  O   . ASP D 2 9  ? 2.18966   0.69017   -8.87766  1.000 13.46818 ? 9   ASP D O   1 
ATOM   582 C  CB  . ASP D 2 9  ? 4.42794   2.63976   -10.39292 1.000 13.77212 ? 9   ASP D CB  1 
ATOM   583 C  CG  . ASP D 2 9  ? 3.88980   1.72963   -11.47727 1.000 20.66268 ? 9   ASP D CG  1 
ATOM   584 O  OD1 . ASP D 2 9  ? 2.79045   1.99541   -11.99849 1.000 18.94922 ? 9   ASP D OD1 1 
ATOM   585 O  OD2 . ASP D 2 9  ? 4.54630   0.71690   -11.77560 1.000 19.57042 ? 9   ASP D OD2 1 
ATOM   586 N  N   . LYS D 2 10 ? 4.22107   0.66921   -7.91964  1.000 12.23705 ? 10  LYS D N   1 
ATOM   587 C  CA  . LYS D 2 10 ? 4.00184   -0.65837  -7.36059  1.000 12.93874 ? 10  LYS D CA  1 
ATOM   588 C  C   . LYS D 2 10 ? 2.87649   -0.64690  -6.33880  1.000 11.85246 ? 10  LYS D C   1 
ATOM   589 O  O   . LYS D 2 10 ? 2.09424   -1.59365  -6.26201  1.000 12.02374 ? 10  LYS D O   1 
ATOM   590 C  CB  . LYS D 2 10 ? 5.29525   -1.21716  -6.75191  1.000 16.62060 ? 10  LYS D CB  1 
ATOM   591 C  CG  . LYS D 2 10 ? 6.45546   -1.36528  -7.74667  1.000 21.81249 ? 10  LYS D CG  1 
ATOM   592 C  CD  . LYS D 2 10 ? 6.23830   -2.53539  -8.69689  1.000 27.52185 ? 10  LYS D CD  1 
ATOM   593 N  N   . LEU D 2 11 ? 2.76252   0.43297   -5.56474  1.000 11.56175 ? 11  LEU D N   1 
ATOM   594 C  CA  . LEU D 2 11 ? 1.67142   0.53929   -4.59494  1.000 13.74365 ? 11  LEU D CA  1 
ATOM   595 C  C   . LEU D 2 11 ? 0.31831   0.60465   -5.29597  1.000 11.51239 ? 11  LEU D C   1 
ATOM   596 O  O   . LEU D 2 11 ? -0.64438  -0.04395  -4.87213  1.000 10.25524 ? 11  LEU D O   1 
ATOM   597 C  CB  . LEU D 2 11 ? 1.87384   1.77196   -3.71945  1.000 11.53698 ? 11  LEU D CB  1 
ATOM   598 C  CG  . LEU D 2 11 ? 3.03040   1.73106   -2.72748  1.000 12.00162 ? 11  LEU D CG  1 
ATOM   599 C  CD1 . LEU D 2 11 ? 3.28502   3.11164   -2.13434  1.000 17.05232 ? 11  LEU D CD1 1 
ATOM   600 C  CD2 . LEU D 2 11 ? 2.73961   0.72336   -1.62716  1.000 15.17245 ? 11  LEU D CD2 1 
ATOM   601 N  N   . LYS D 2 12 ? 0.23124   1.38432   -6.37536  1.000 11.86274 ? 12  LYS D N   1 
ATOM   602 C  CA  . LYS D 2 12 ? -1.00313  1.45011   -7.15511  1.000 11.87532 ? 12  LYS D CA  1 
ATOM   603 C  C   . LYS D 2 12 ? -1.34749  0.10569   -7.78725  1.000 10.94864 ? 12  LYS D C   1 
ATOM   604 O  O   . LYS D 2 12 ? -2.51546  -0.30665  -7.78855  1.000 12.92628 ? 12  LYS D O   1 
ATOM   605 C  CB  . LYS D 2 12 ? -0.86150  2.53146   -8.22123  1.000 13.32420 ? 12  LYS D CB  1 
ATOM   606 C  CG  . LYS D 2 12 ? -0.95318  3.91289   -7.64045  1.000 16.04088 ? 12  LYS D CG  1 
ATOM   607 C  CD  . LYS D 2 12 ? -0.63183  4.97353   -8.67440  1.000 17.84037 ? 12  LYS D CD  1 
ATOM   608 C  CE  . LYS D 2 12 ? -0.91863  6.34214   -8.09057  1.000 17.49506 ? 12  LYS D CE  1 
ATOM   609 N  NZ  . LYS D 2 12 ? -0.45620  7.46899   -8.95473  1.000 20.33536 ? 12  LYS D NZ  1 
ATOM   610 N  N   . GLN D 2 13 ? -0.35178  -0.60527  -8.31745  1.000 13.08909 ? 13  GLN D N   1 
ATOM   611 C  CA  . GLN D 2 13 ? -0.60480  -1.93093  -8.87590  1.000 17.00242 ? 13  GLN D CA  1 
ATOM   612 C  C   . GLN D 2 13 ? -1.10273  -2.88369  -7.79965  1.000 12.95681 ? 13  GLN D C   1 
ATOM   613 O  O   . GLN D 2 13 ? -2.05435  -3.64389  -8.01487  1.000 15.90954 ? 13  GLN D O   1 
ATOM   614 C  CB  . GLN D 2 13 ? 0.65869   -2.46776  -9.55714  1.000 17.33142 ? 13  GLN D CB  1 
ATOM   615 C  CG  . GLN D 2 13 ? 1.00154   -1.69479  -10.82943 1.000 19.57258 ? 13  GLN D CG  1 
ATOM   616 C  CD  . GLN D 2 13 ? 2.20500   -2.24394  -11.55824 1.000 31.45168 ? 13  GLN D CD  1 
ATOM   617 O  OE1 . GLN D 2 13 ? 2.60983   -3.38088  -11.33091 1.000 41.86973 ? 13  GLN D OE1 1 
ATOM   618 N  NE2 . GLN D 2 13 ? 2.78699   -1.43477  -12.44226 1.000 38.85261 ? 13  GLN D NE2 1 
ATOM   619 N  N   . LEU D 2 14 ? -0.50079  -2.82494  -6.61481  1.000 13.35797 ? 14  LEU D N   1 
ATOM   620 C  CA  A LEU D 2 14 ? -0.96563  -3.66353  -5.51403  0.443 11.92922 ? 14  LEU D CA  1 
ATOM   621 C  CA  B LEU D 2 14 ? -0.95315  -3.64944  -5.50528  0.557 11.93714 ? 14  LEU D CA  1 
ATOM   622 C  C   . LEU D 2 14 ? -2.38627  -3.30180  -5.11590  1.000 12.30862 ? 14  LEU D C   1 
ATOM   623 O  O   . LEU D 2 14 ? -3.20248  -4.18742  -4.84654  1.000 12.58904 ? 14  LEU D O   1 
ATOM   624 C  CB  A LEU D 2 14 ? -0.03906  -3.55754  -4.30133  0.443 12.53414 ? 14  LEU D CB  1 
ATOM   625 C  CB  B LEU D 2 14 ? -0.00559  -3.41661  -4.33417  0.557 12.58512 ? 14  LEU D CB  1 
ATOM   626 C  CG  A LEU D 2 14 ? 1.23308   -4.39348  -4.21978  0.443 16.24977 ? 14  LEU D CG  1 
ATOM   627 C  CG  B LEU D 2 14 ? -0.18341  -4.31830  -3.13535  0.557 9.19223  ? 14  LEU D CG  1 
ATOM   628 C  CD1 A LEU D 2 14 ? 1.93858   -4.08287  -2.91538  0.443 14.80052 ? 14  LEU D CD1 1 
ATOM   629 C  CD1 B LEU D 2 14 ? -0.19645  -5.74623  -3.60393  0.557 14.80390 ? 14  LEU D CD1 1 
ATOM   630 C  CD2 A LEU D 2 14 ? 0.93460   -5.87807  -4.31272  0.443 12.76590 ? 14  LEU D CD2 1 
ATOM   631 C  CD2 B LEU D 2 14 ? 0.94251   -4.07573  -2.16760  0.557 15.07997 ? 14  LEU D CD2 1 
ATOM   632 N  N   . ALA D 2 15 ? -2.71495  -2.00767  -5.09966  1.000 11.88578 ? 15  ALA D N   1 
ATOM   633 C  CA  . ALA D 2 15 ? -4.08540  -1.60405  -4.79967  1.000 11.20863 ? 15  ALA D CA  1 
ATOM   634 C  C   . ALA D 2 15 ? -5.07327  -2.20826  -5.78895  1.000 12.04399 ? 15  ALA D C   1 
ATOM   635 O  O   . ALA D 2 15 ? -6.17264  -2.62670  -5.40078  1.000 13.30833 ? 15  ALA D O   1 
ATOM   636 C  CB  . ALA D 2 15 ? -4.17266  -0.08624  -4.82638  1.000 13.04993 ? 15  ALA D CB  1 
ATOM   637 N  N   . TYR D 2 16 ? -4.71573  -2.24657  -7.07637  1.000 15.39984 ? 16  TYR D N   1 
ATOM   638 C  CA  . TYR D 2 16 ? -5.59132  -2.87582  -8.06261  1.000 15.37561 ? 16  TYR D CA  1 
ATOM   639 C  C   . TYR D 2 16 ? -5.85779  -4.34361  -7.73989  1.000 13.96391 ? 16  TYR D C   1 
ATOM   640 O  O   . TYR D 2 16 ? -6.96549  -4.83930  -7.96951  1.000 15.99879 ? 16  TYR D O   1 
ATOM   641 C  CB  . TYR D 2 16 ? -5.00152  -2.72831  -9.46140  1.000 16.30147 ? 16  TYR D CB  1 
ATOM   642 C  CG  . TYR D 2 16 ? -4.71333  -1.31620  -9.94553  1.000 30.10330 ? 16  TYR D CG  1 
ATOM   643 C  CD1 . TYR D 2 16 ? -5.09924  -0.19444  -9.21843  1.000 32.44884 ? 16  TYR D CD1 1 
ATOM   644 C  CD2 . TYR D 2 16 ? -4.01481  -1.11372  -11.13579 1.000 35.17337 ? 16  TYR D CD2 1 
ATOM   645 C  CE1 . TYR D 2 16 ? -4.81874  1.08759   -9.67643  1.000 37.37641 ? 16  TYR D CE1 1 
ATOM   646 C  CE2 . TYR D 2 16 ? -3.72831  0.15731   -11.59950 1.000 38.14602 ? 16  TYR D CE2 1 
ATOM   647 C  CZ  . TYR D 2 16 ? -4.13229  1.25200   -10.87052 1.000 37.87078 ? 16  TYR D CZ  1 
ATOM   648 O  OH  . TYR D 2 16 ? -3.84197  2.50840   -11.34659 1.000 42.34822 ? 16  TYR D OH  1 
ATOM   649 N  N   . LYS D 2 17 ? -4.85213  -5.06572  -7.23512  1.000 12.25136 ? 17  LYS D N   1 
ATOM   650 C  CA  . LYS D 2 17 ? -5.06326  -6.45923  -6.85155  1.000 14.57065 ? 17  LYS D CA  1 
ATOM   651 C  C   . LYS D 2 17 ? -5.93173  -6.57792  -5.60157  1.000 10.82654 ? 17  LYS D C   1 
ATOM   652 O  O   . LYS D 2 17 ? -6.82355  -7.43047  -5.53345  1.000 14.82058 ? 17  LYS D O   1 
ATOM   653 C  CB  . LYS D 2 17 ? -3.73547  -7.19270  -6.66160  1.000 14.81404 ? 17  LYS D CB  1 
ATOM   654 C  CG  . LYS D 2 17 ? -2.78729  -7.17501  -7.85582  1.000 20.41250 ? 17  LYS D CG  1 
ATOM   655 C  CD  . LYS D 2 17 ? -1.41414  -7.69678  -7.43118  1.000 31.50105 ? 17  LYS D CD  1 
ATOM   656 C  CE  . LYS D 2 17 ? -0.46334  -7.92124  -8.60497  1.000 33.43495 ? 17  LYS D CE  1 
ATOM   657 N  NZ  . LYS D 2 17 ? -1.09290  -7.78541  -9.94669  1.000 45.14047 ? 17  LYS D NZ  1 
ATOM   658 N  N   . VAL D 2 18 ? -5.69392  -5.72923  -4.59931  1.000 11.93229 ? 18  VAL D N   1 
ATOM   659 C  CA  . VAL D 2 18 ? -6.51796  -5.75585  -3.39102  1.000 13.11240 ? 18  VAL D CA  1 
ATOM   660 C  C   . VAL D 2 18 ? -7.97629  -5.48288  -3.73895  1.000 11.52077 ? 18  VAL D C   1 
ATOM   661 O  O   . VAL D 2 18 ? -8.89082  -6.14740  -3.23282  1.000 12.78979 ? 18  VAL D O   1 
ATOM   662 C  CB  . VAL D 2 18 ? -5.98040  -4.75250  -2.34920  1.000 12.38453 ? 18  VAL D CB  1 
ATOM   663 C  CG1 . VAL D 2 18 ? -6.92714  -4.66343  -1.16559  1.000 13.17089 ? 18  VAL D CG1 1 
ATOM   664 C  CG2 . VAL D 2 18 ? -4.59215  -5.15586  -1.89132  1.000 12.12251 ? 18  VAL D CG2 1 
ATOM   665 N  N   . LYS D 2 19 ? -8.20152  -4.52282  -4.64460  1.000 11.23536 ? 19  LYS D N   1 
ATOM   666 C  CA  . LYS D 2 19 ? -9.52129  -4.11383  -5.11437  1.000 15.10728 ? 19  LYS D CA  1 
ATOM   667 C  C   . LYS D 2 19 ? -10.33267 -5.28144  -5.63721  1.000 14.05223 ? 19  LYS D C   1 
ATOM   668 O  O   . LYS D 2 19 ? -11.56819 -5.26942  -5.54568  1.000 12.64064 ? 19  LYS D O   1 
ATOM   669 C  CB  . LYS D 2 19 ? -9.28537  -3.12262  -6.25498  1.000 13.92835 ? 19  LYS D CB  1 
ATOM   670 C  CG  . LYS D 2 19 ? -10.45519 -2.71190  -7.10830  1.000 23.86628 ? 19  LYS D CG  1 
ATOM   671 C  CD  . LYS D 2 19 ? -10.12583 -1.39974  -7.77838  1.000 27.87726 ? 19  LYS D CD  1 
ATOM   672 C  CE  . LYS D 2 19 ? -11.36601 -0.72013  -8.25745  1.000 24.08092 ? 19  LYS D CE  1 
ATOM   673 N  NZ  . LYS D 2 19 ? -12.17644 -0.14762  -7.16096  1.000 31.06533 ? 19  LYS D NZ  1 
ATOM   674 N  N   . ARG D 2 20 ? -9.66832  -6.27804  -6.21986  1.000 12.73109 ? 20  ARG D N   1 
ATOM   675 C  CA  . ARG D 2 20 ? -10.38315 -7.39198  -6.83917  1.000 15.17218 ? 20  ARG D CA  1 
ATOM   676 C  C   . ARG D 2 20 ? -10.99200 -8.34100  -5.82348  1.000 16.24742 ? 20  ARG D C   1 
ATOM   677 O  O   . ARG D 2 20 ? -11.86550 -9.14058  -6.17881  1.000 16.34988 ? 20  ARG D O   1 
ATOM   678 C  CB  . ARG D 2 20 ? -9.46029  -8.19420  -7.75569  1.000 17.29511 ? 20  ARG D CB  1 
ATOM   679 C  CG  . ARG D 2 20 ? -9.00354  -7.46844  -9.00813  1.000 22.69419 ? 20  ARG D CG  1 
ATOM   680 C  CD  . ARG D 2 20 ? -7.88896  -8.28147  -9.61187  1.000 29.05002 ? 20  ARG D CD  1 
ATOM   681 N  NE  . ARG D 2 20 ? -8.37310  -9.60579  -9.98309  1.000 37.24943 ? 20  ARG D NE  1 
ATOM   682 C  CZ  . ARG D 2 20 ? -7.70882  -10.46379 -10.74402 1.000 46.16937 ? 20  ARG D CZ  1 
ATOM   683 N  NH1 . ARG D 2 20 ? -6.47079  -10.21956 -11.13904 1.000 54.33154 ? 20  ARG D NH1 1 
ATOM   684 N  NH2 . ARG D 2 20 ? -8.28817  -11.61174 -11.08682 1.000 48.28514 ? 20  ARG D NH2 1 
ATOM   685 N  N   . LEU D 2 21 ? -10.54155 -8.30179  -4.58237  1.000 12.08899 ? 21  LEU D N   1 
ATOM   686 C  CA  . LEU D 2 21 ? -11.04766 -9.22807  -3.59105  1.000 14.21896 ? 21  LEU D CA  1 
ATOM   687 C  C   . LEU D 2 21 ? -12.45041 -8.82184  -3.15873  1.000 15.62374 ? 21  LEU D C   1 
ATOM   688 O  O   . LEU D 2 21 ? -12.80039 -7.64244  -3.13275  1.000 14.71189 ? 21  LEU D O   1 
ATOM   689 C  CB  . LEU D 2 21 ? -10.13596 -9.22434  -2.36434  1.000 16.71655 ? 21  LEU D CB  1 
ATOM   690 C  CG  . LEU D 2 21 ? -8.67609  -9.55185  -2.65164  1.000 19.28106 ? 21  LEU D CG  1 
ATOM   691 C  CD1 . LEU D 2 21 ? -7.84444  -9.38890  -1.37292  1.000 20.16639 ? 21  LEU D CD1 1 
ATOM   692 C  CD2 . LEU D 2 21 ? -8.56220  -10.95679 -3.20385  1.000 22.43969 ? 21  LEU D CD2 1 
ATOM   693 N  N   . SER D 2 22 ? -13.26019 -9.81554  -2.81356  1.000 19.79924 ? 22  SER D N   1 
ATOM   694 C  CA  . SER D 2 22 ? -14.56684 -9.53838  -2.23615  1.000 19.96439 ? 22  SER D CA  1 
ATOM   695 C  C   . SER D 2 22 ? -14.46599 -9.43504  -0.71473  1.000 20.30138 ? 22  SER D C   1 
ATOM   696 O  O   . SER D 2 22 ? -13.53929 -9.95511  -0.08722  1.000 24.29997 ? 22  SER D O   1 
ATOM   697 C  CB  . SER D 2 22 ? -15.56419 -10.62744 -2.63293  1.000 23.14560 ? 22  SER D CB  1 
ATOM   698 O  OG  . SER D 2 22 ? -15.40789 -11.76593 -1.80675  1.000 32.48672 ? 22  SER D OG  1 
ATOM   699 N  N   . SER D 2 23 ? -15.42982 -8.74510  -0.11559  1.000 20.53558 ? 23  SER D N   1 
ATOM   700 C  CA  . SER D 2 23 ? -15.48837 -8.74108  1.33634   1.000 26.66280 ? 23  SER D CA  1 
ATOM   701 C  C   . SER D 2 23 ? -16.06730 -10.07350 1.80140   1.000 24.53085 ? 23  SER D C   1 
ATOM   702 O  O   . SER D 2 23 ? -16.58296 -10.88029 1.00908   1.000 19.42688 ? 23  SER D O   1 
ATOM   703 C  CB  . SER D 2 23 ? -16.33131 -7.58479  1.86413   1.000 25.29604 ? 23  SER D CB  1 
ATOM   704 O  OG  . SER D 2 23 ? -17.67930 -7.74477  1.48607   1.000 36.13000 ? 23  SER D OG  1 
ATOM   705 O  OXT . SER D 2 23 ? -16.01416 -10.36922 2.99124   1.000 28.02890 ? 23  SER D OXT 1 
HETATM 706 ZN ZN  . ZN  E 3 .  ? -6.02425  -17.05568 -5.90505  1.000 27.75535 ? 101 ZN  C ZN  1 
HETATM 707 ZN ZN  . ZN  F 3 .  ? -17.15893 -12.81827 1.08080   1.000 18.13574 ? 101 ZN  D ZN  1 
HETATM 708 O  O   . HOH G 4 .  ? -10.12221 11.32961  -2.25222  1.000 37.39833 ? 101 HOH A O   1 
HETATM 709 O  O   . HOH G 4 .  ? -10.84223 -4.61048  6.78234   1.000 30.20971 ? 102 HOH A O   1 
HETATM 710 O  O   . HOH G 4 .  ? 4.38069   13.01042  0.64235   1.000 23.19166 ? 103 HOH A O   1 
HETATM 711 O  O   . HOH G 4 .  ? -11.19585 0.62970   -4.58266  1.000 22.21304 ? 104 HOH A O   1 
HETATM 712 O  O   . HOH G 4 .  ? 3.68181   6.22633   -10.12884 1.000 20.55094 ? 105 HOH A O   1 
HETATM 713 O  O   . HOH G 4 .  ? -13.76301 -6.93059  4.20235   1.000 28.55003 ? 106 HOH A O   1 
HETATM 714 O  O   . HOH G 4 .  ? -3.51897  11.53964  -1.58742  1.000 23.27922 ? 107 HOH A O   1 
HETATM 715 O  O   . HOH G 4 .  ? -11.42153 3.92726   2.27069   1.000 28.42441 ? 108 HOH A O   1 
HETATM 716 O  O   . HOH G 4 .  ? 0.55458   10.34881  -11.36317 1.000 35.60159 ? 109 HOH A O   1 
HETATM 717 O  O   . HOH G 4 .  ? -18.77238 -5.17921  6.83243   1.000 29.59878 ? 110 HOH A O   1 
HETATM 718 O  O   . HOH G 4 .  ? -12.56636 -1.80959  9.73020   1.000 28.50644 ? 111 HOH A O   1 
HETATM 719 O  O   . HOH G 4 .  ? 5.70185   18.49754  -6.22165  1.000 34.56150 ? 112 HOH A O   1 
HETATM 720 O  O   . HOH G 4 .  ? -2.23544  10.80475  -12.13647 1.000 32.10042 ? 113 HOH A O   1 
HETATM 721 O  O   . HOH G 4 .  ? 4.10864   8.87563   -11.30521 1.000 27.73292 ? 114 HOH A O   1 
HETATM 722 O  O   . HOH G 4 .  ? -0.37501  12.28194  6.29318   1.000 33.30640 ? 115 HOH A O   1 
HETATM 723 O  O   . HOH G 4 .  ? 0.53744   15.31340  -2.08634  1.000 39.36019 ? 116 HOH A O   1 
HETATM 724 O  O   . HOH H 4 .  ? -9.84770  -12.60082 7.58133   1.000 40.72494 ? 101 HOH B O   1 
HETATM 725 O  O   . HOH H 4 .  ? 2.15291   -4.33887  8.95148   1.000 23.31368 ? 102 HOH B O   1 
HETATM 726 O  O   . HOH H 4 .  ? -7.77934  2.04031   11.87441  1.000 30.24839 ? 103 HOH B O   1 
HETATM 727 O  O   . HOH H 4 .  ? -5.58202  2.07686   7.74069   1.000 34.53889 ? 104 HOH B O   1 
HETATM 728 O  O   . HOH H 4 .  ? 7.83779   11.86874  10.59937  1.000 29.67370 ? 105 HOH B O   1 
HETATM 729 O  O   . HOH H 4 .  ? -9.20614  -6.51279  7.57585   1.000 21.25613 ? 106 HOH B O   1 
HETATM 730 O  O   . HOH H 4 .  ? 0.33147   -7.87444  10.39951  1.000 23.78143 ? 107 HOH B O   1 
HETATM 731 O  O   . HOH H 4 .  ? 7.12423   2.49753   11.19926  1.000 31.52301 ? 108 HOH B O   1 
HETATM 732 O  O   . HOH H 4 .  ? 7.61369   4.40973   9.93327   1.000 26.27272 ? 109 HOH B O   1 
HETATM 733 O  O   . HOH H 4 .  ? 8.13576   14.87310  2.85334   1.000 22.62344 ? 110 HOH B O   1 
HETATM 734 O  O   . HOH H 4 .  ? 1.61320   8.14736   10.03645  1.000 23.24604 ? 111 HOH B O   1 
HETATM 735 O  O   . HOH H 4 .  ? 16.50841  7.56224   8.56403   1.000 49.71422 ? 112 HOH B O   1 
HETATM 736 O  O   . HOH I 4 .  ? 10.65260  4.51737   11.28767  1.000 36.06646 ? 201 HOH C O   1 
HETATM 737 O  O   . HOH I 4 .  ? 14.02288  3.05302   -0.39553  1.000 27.93375 ? 202 HOH C O   1 
HETATM 738 O  O   . HOH I 4 .  ? 9.69073   -4.46654  -3.88808  1.000 46.99428 ? 203 HOH C O   1 
HETATM 739 O  O   . HOH I 4 .  ? 3.52835   -14.69886 0.91995   1.000 37.50599 ? 204 HOH C O   1 
HETATM 740 O  O   . HOH I 4 .  ? -7.12495  -14.44248 -2.87912  1.000 24.24500 ? 205 HOH C O   1 
HETATM 741 O  O   . HOH I 4 .  ? 11.82553  -3.73416  1.84484   1.000 21.83364 ? 206 HOH C O   1 
HETATM 742 O  O   . HOH I 4 .  ? -0.66576  -17.73650 -0.47780  1.000 37.66870 ? 207 HOH C O   1 
HETATM 743 O  O   . HOH I 4 .  ? 6.76179   -5.46693  -3.08597  1.000 32.58220 ? 208 HOH C O   1 
HETATM 744 O  O   . HOH I 4 .  ? -2.75149  -11.93501 -8.58016  1.000 29.94610 ? 209 HOH C O   1 
HETATM 745 O  O   . HOH J 4 .  ? -15.27622 -13.40547 0.15241   1.000 21.31498 ? 201 HOH D O   1 
HETATM 746 O  O   . HOH J 4 .  ? -19.46805 -9.62216  2.16335   1.000 22.68255 ? 202 HOH D O   1 
HETATM 747 O  O   . HOH J 4 .  ? -12.78190 -9.93945  2.67053   1.000 33.71306 ? 203 HOH D O   1 
HETATM 748 O  O   . HOH J 4 .  ? -11.90779 -12.07697 -1.67783  1.000 32.29229 ? 204 HOH D O   1 
HETATM 749 O  O   . HOH J 4 .  ? -14.07553 -5.43458  -1.70673  1.000 16.29895 ? 205 HOH D O   1 
HETATM 750 O  O   . HOH J 4 .  ? 14.01613  2.85575   -3.17486  1.000 33.73417 ? 206 HOH D O   1 
HETATM 751 O  O   . HOH J 4 .  ? 13.26137  4.35139   -10.34780 1.000 21.12226 ? 207 HOH D O   1 
HETATM 752 O  O   . HOH J 4 .  ? -2.16299  -4.76697  -10.75956 1.000 26.59271 ? 208 HOH D O   1 
HETATM 753 O  O   . HOH J 4 .  ? 16.14776  -0.15311  -5.44718  1.000 24.73230 ? 209 HOH D O   1 
HETATM 754 O  O   . HOH J 4 .  ? 10.35254  9.97565   -8.23734  1.000 27.50708 ? 210 HOH D O   1 
HETATM 755 O  O   . HOH J 4 .  ? -6.95106  -4.55230  -12.07621 1.000 29.42930 ? 211 HOH D O   1 
# 
loop_
_pdbx_poly_seq_scheme.asym_id 
_pdbx_poly_seq_scheme.entity_id 
_pdbx_poly_seq_scheme.seq_id 
_pdbx_poly_seq_scheme.mon_id 
_pdbx_poly_seq_scheme.ndb_seq_num 
_pdbx_poly_seq_scheme.pdb_seq_num 
_pdbx_poly_seq_scheme.auth_seq_num 
_pdbx_poly_seq_scheme.pdb_mon_id 
_pdbx_poly_seq_scheme.auth_mon_id 
_pdbx_poly_seq_scheme.pdb_strand_id 
_pdbx_poly_seq_scheme.pdb_ins_code 
_pdbx_poly_seq_scheme.hetero 
A 1 1  THR 1  1  1  THR THR A . n 
A 1 2  ALA 2  2  2  ALA ALA A . n 
A 1 3  SER 3  3  3  SER SER A . n 
A 1 4  PRO 4  4  4  PRO PRO A . n 
A 1 5  ARG 5  5  5  ARG ARG A . n 
A 1 6  ALA 6  6  6  ALA ALA A . n 
A 1 7  LEU 7  7  7  LEU LEU A . n 
A 1 8  ALA 8  8  8  ALA ALA A . n 
A 1 9  ASP 9  9  9  ASP ASP A . n 
A 1 10 GLU 10 10 10 GLU GLU A . n 
A 1 11 LEU 11 11 11 LEU LEU A . n 
A 1 12 GLU 12 12 12 GLU GLU A . n 
A 1 13 GLN 13 13 13 GLN GLN A . n 
A 1 14 LEU 14 14 14 LEU LEU A . n 
A 1 15 ALA 15 15 15 ALA ALA A . n 
A 1 16 TYR 16 16 16 TYR TYR A . n 
A 1 17 GLU 17 17 17 GLU GLU A . n 
A 1 18 VAL 18 18 18 VAL VAL A . n 
A 1 19 GLU 19 19 19 GLU GLU A . n 
A 1 20 ARG 20 20 20 ARG ARG A . n 
A 1 21 LEU 21 21 21 LEU LEU A . n 
A 1 22 SER 22 22 22 SER SER A . n 
A 1 23 SER 23 23 ?  ?   ?   A . n 
B 2 1  THR 1  1  1  THR THR B . n 
B 2 2  ALA 2  2  2  ALA ALA B . n 
B 2 3  SER 3  3  3  SER SER B . n 
B 2 4  PRO 4  4  4  PRO PRO B . n 
B 2 5  ARG 5  5  5  ARG ARG B . n 
B 2 6  ALA 6  6  6  ALA ALA B . n 
B 2 7  LEU 7  7  7  LEU LEU B . n 
B 2 8  ALA 8  8  8  ALA ALA B . n 
B 2 9  ASP 9  9  9  ASP ASP B . n 
B 2 10 LYS 10 10 10 LYS LYS B . n 
B 2 11 LEU 11 11 11 LEU LEU B . n 
B 2 12 LYS 12 12 12 LYS LYS B . n 
B 2 13 GLN 13 13 13 GLN GLN B . n 
B 2 14 LEU 14 14 14 LEU LEU B . n 
B 2 15 ALA 15 15 15 ALA ALA B . n 
B 2 16 TYR 16 16 16 TYR TYR B . n 
B 2 17 LYS 17 17 17 LYS LYS B . n 
B 2 18 VAL 18 18 18 VAL VAL B . n 
B 2 19 LYS 19 19 19 LYS LYS B . n 
B 2 20 ARG 20 20 20 ARG ARG B . n 
B 2 21 LEU 21 21 21 LEU LEU B . n 
B 2 22 SER 22 22 22 SER SER B . n 
B 2 23 SER 23 23 ?  ?   ?   B . n 
C 1 1  THR 1  1  1  THR THR C . n 
C 1 2  ALA 2  2  2  ALA ALA C . n 
C 1 3  SER 3  3  3  SER SER C . n 
C 1 4  PRO 4  4  4  PRO PRO C . n 
C 1 5  ARG 5  5  5  ARG ARG C . n 
C 1 6  ALA 6  6  6  ALA ALA C . n 
C 1 7  LEU 7  7  7  LEU LEU C . n 
C 1 8  ALA 8  8  8  ALA ALA C . n 
C 1 9  ASP 9  9  9  ASP ASP C . n 
C 1 10 GLU 10 10 10 GLU GLU C . n 
C 1 11 LEU 11 11 11 LEU LEU C . n 
C 1 12 GLU 12 12 12 GLU GLU C . n 
C 1 13 GLN 13 13 13 GLN GLN C . n 
C 1 14 LEU 14 14 14 LEU LEU C . n 
C 1 15 ALA 15 15 15 ALA ALA C . n 
C 1 16 TYR 16 16 16 TYR TYR C . n 
C 1 17 GLU 17 17 17 GLU GLU C . n 
C 1 18 VAL 18 18 18 VAL VAL C . n 
C 1 19 GLU 19 19 19 GLU GLU C . n 
C 1 20 ARG 20 20 20 ARG ARG C . n 
C 1 21 LEU 21 21 21 LEU LEU C . n 
C 1 22 SER 22 22 ?  ?   ?   C . n 
C 1 23 SER 23 23 ?  ?   ?   C . n 
D 2 1  THR 1  1  1  THR THR D . n 
D 2 2  ALA 2  2  2  ALA ALA D . n 
D 2 3  SER 3  3  3  SER SER D . n 
D 2 4  PRO 4  4  4  PRO PRO D . n 
D 2 5  ARG 5  5  5  ARG ARG D . n 
D 2 6  ALA 6  6  6  ALA ALA D . n 
D 2 7  LEU 7  7  7  LEU LEU D . n 
D 2 8  ALA 8  8  8  ALA ALA D . n 
D 2 9  ASP 9  9  9  ASP ASP D . n 
D 2 10 LYS 10 10 10 LYS LYS D . n 
D 2 11 LEU 11 11 11 LEU LEU D . n 
D 2 12 LYS 12 12 12 LYS LYS D . n 
D 2 13 GLN 13 13 13 GLN GLN D . n 
D 2 14 LEU 14 14 14 LEU LEU D . n 
D 2 15 ALA 15 15 15 ALA ALA D . n 
D 2 16 TYR 16 16 16 TYR TYR D . n 
D 2 17 LYS 17 17 17 LYS LYS D . n 
D 2 18 VAL 18 18 18 VAL VAL D . n 
D 2 19 LYS 19 19 19 LYS LYS D . n 
D 2 20 ARG 20 20 20 ARG ARG D . n 
D 2 21 LEU 21 21 21 LEU LEU D . n 
D 2 22 SER 22 22 22 SER SER D . n 
D 2 23 SER 23 23 23 SER SER D . n 
# 
_pdbx_contact_author.id                 2 
_pdbx_contact_author.email              kumasaka@spring8.or.jp 
_pdbx_contact_author.name_first         Takashi 
_pdbx_contact_author.name_last          Kumasaka 
_pdbx_contact_author.name_mi            ? 
_pdbx_contact_author.role               'principal investigator/group leader' 
_pdbx_contact_author.identifier_ORCID   0000-0001-9289-1557 
# 
loop_
_pdbx_nonpoly_scheme.asym_id 
_pdbx_nonpoly_scheme.entity_id 
_pdbx_nonpoly_scheme.mon_id 
_pdbx_nonpoly_scheme.ndb_seq_num 
_pdbx_nonpoly_scheme.pdb_seq_num 
_pdbx_nonpoly_scheme.auth_seq_num 
_pdbx_nonpoly_scheme.pdb_mon_id 
_pdbx_nonpoly_scheme.auth_mon_id 
_pdbx_nonpoly_scheme.pdb_strand_id 
_pdbx_nonpoly_scheme.pdb_ins_code 
E 3 ZN  1  101 31 ZN  ZN  C . 
F 3 ZN  1  101 31 ZN  ZN  D . 
G 4 HOH 1  101 50 HOH HOH A . 
G 4 HOH 2  102 45 HOH HOH A . 
G 4 HOH 3  103 42 HOH HOH A . 
G 4 HOH 4  104 44 HOH HOH A . 
G 4 HOH 5  105 42 HOH HOH A . 
G 4 HOH 6  106 46 HOH HOH A . 
G 4 HOH 7  107 41 HOH HOH A . 
G 4 HOH 8  108 47 HOH HOH A . 
G 4 HOH 9  109 51 HOH HOH A . 
G 4 HOH 10 110 41 HOH HOH A . 
G 4 HOH 11 111 44 HOH HOH A . 
G 4 HOH 12 112 49 HOH HOH A . 
G 4 HOH 13 113 48 HOH HOH A . 
G 4 HOH 14 114 43 HOH HOH A . 
G 4 HOH 15 115 50 HOH HOH A . 
G 4 HOH 16 116 52 HOH HOH A . 
H 4 HOH 1  101 52 HOH HOH B . 
H 4 HOH 2  102 43 HOH HOH B . 
H 4 HOH 3  103 48 HOH HOH B . 
H 4 HOH 4  104 50 HOH HOH B . 
H 4 HOH 5  105 49 HOH HOH B . 
H 4 HOH 6  106 41 HOH HOH B . 
H 4 HOH 7  107 45 HOH HOH B . 
H 4 HOH 8  108 51 HOH HOH B . 
H 4 HOH 9  109 47 HOH HOH B . 
H 4 HOH 10 110 42 HOH HOH B . 
H 4 HOH 11 111 44 HOH HOH B . 
H 4 HOH 12 112 51 HOH HOH B . 
I 4 HOH 1  201 48 HOH HOH C . 
I 4 HOH 2  202 44 HOH HOH C . 
I 4 HOH 3  203 52 HOH HOH C . 
I 4 HOH 4  204 49 HOH HOH C . 
I 4 HOH 5  205 43 HOH HOH C . 
I 4 HOH 6  206 42 HOH HOH C . 
I 4 HOH 7  207 47 HOH HOH C . 
I 4 HOH 8  208 46 HOH HOH C . 
I 4 HOH 9  209 45 HOH HOH C . 
J 4 HOH 1  201 43 HOH HOH D . 
J 4 HOH 2  202 46 HOH HOH D . 
J 4 HOH 3  203 51 HOH HOH D . 
J 4 HOH 4  204 50 HOH HOH D . 
J 4 HOH 5  205 41 HOH HOH D . 
J 4 HOH 6  206 52 HOH HOH D . 
J 4 HOH 7  207 45 HOH HOH D . 
J 4 HOH 8  208 47 HOH HOH D . 
J 4 HOH 9  209 46 HOH HOH D . 
J 4 HOH 10 210 48 HOH HOH D . 
J 4 HOH 11 211 49 HOH HOH D . 
# 
_pdbx_struct_assembly.id                   1 
_pdbx_struct_assembly.details              author_and_software_defined_assembly 
_pdbx_struct_assembly.method_details       PISA 
_pdbx_struct_assembly.oligomeric_details   tetrameric 
_pdbx_struct_assembly.oligomeric_count     4 
# 
_pdbx_struct_assembly_gen.assembly_id       1 
_pdbx_struct_assembly_gen.oper_expression   1 
_pdbx_struct_assembly_gen.asym_id_list      A,B,C,D,E,F,G,H,I,J 
# 
loop_
_pdbx_struct_assembly_prop.biol_id 
_pdbx_struct_assembly_prop.type 
_pdbx_struct_assembly_prop.value 
_pdbx_struct_assembly_prop.details 
1 'ABSA (A^2)' 4390 ? 
1 MORE         -65  ? 
1 'SSA (A^2)'  5420 ? 
# 
_pdbx_struct_oper_list.id                   1 
_pdbx_struct_oper_list.type                 'identity operation' 
_pdbx_struct_oper_list.name                 1_555 
_pdbx_struct_oper_list.symmetry_operation   x,y,z 
_pdbx_struct_oper_list.matrix[1][1]         1.0000000000 
_pdbx_struct_oper_list.matrix[1][2]         0.0000000000 
_pdbx_struct_oper_list.matrix[1][3]         0.0000000000 
_pdbx_struct_oper_list.vector[1]            0.0000000000 
_pdbx_struct_oper_list.matrix[2][1]         0.0000000000 
_pdbx_struct_oper_list.matrix[2][2]         1.0000000000 
_pdbx_struct_oper_list.matrix[2][3]         0.0000000000 
_pdbx_struct_oper_list.vector[2]            0.0000000000 
_pdbx_struct_oper_list.matrix[3][1]         0.0000000000 
_pdbx_struct_oper_list.matrix[3][2]         0.0000000000 
_pdbx_struct_oper_list.matrix[3][3]         1.0000000000 
_pdbx_struct_oper_list.vector[3]            0.0000000000 
# 
loop_
_pdbx_struct_conn_angle.id 
_pdbx_struct_conn_angle.ptnr1_label_atom_id 
_pdbx_struct_conn_angle.ptnr1_label_alt_id 
_pdbx_struct_conn_angle.ptnr1_label_asym_id 
_pdbx_struct_conn_angle.ptnr1_label_comp_id 
_pdbx_struct_conn_angle.ptnr1_label_seq_id 
_pdbx_struct_conn_angle.ptnr1_auth_atom_id 
_pdbx_struct_conn_angle.ptnr1_auth_asym_id 
_pdbx_struct_conn_angle.ptnr1_auth_comp_id 
_pdbx_struct_conn_angle.ptnr1_auth_seq_id 
_pdbx_struct_conn_angle.ptnr1_PDB_ins_code 
_pdbx_struct_conn_angle.ptnr1_symmetry 
_pdbx_struct_conn_angle.ptnr2_label_atom_id 
_pdbx_struct_conn_angle.ptnr2_label_alt_id 
_pdbx_struct_conn_angle.ptnr2_label_asym_id 
_pdbx_struct_conn_angle.ptnr2_label_comp_id 
_pdbx_struct_conn_angle.ptnr2_label_seq_id 
_pdbx_struct_conn_angle.ptnr2_auth_atom_id 
_pdbx_struct_conn_angle.ptnr2_auth_asym_id 
_pdbx_struct_conn_angle.ptnr2_auth_comp_id 
_pdbx_struct_conn_angle.ptnr2_auth_seq_id 
_pdbx_struct_conn_angle.ptnr2_PDB_ins_code 
_pdbx_struct_conn_angle.ptnr2_symmetry 
_pdbx_struct_conn_angle.ptnr3_label_atom_id 
_pdbx_struct_conn_angle.ptnr3_label_alt_id 
_pdbx_struct_conn_angle.ptnr3_label_asym_id 
_pdbx_struct_conn_angle.ptnr3_label_comp_id 
_pdbx_struct_conn_angle.ptnr3_label_seq_id 
_pdbx_struct_conn_angle.ptnr3_auth_atom_id 
_pdbx_struct_conn_angle.ptnr3_auth_asym_id 
_pdbx_struct_conn_angle.ptnr3_auth_comp_id 
_pdbx_struct_conn_angle.ptnr3_auth_seq_id 
_pdbx_struct_conn_angle.ptnr3_PDB_ins_code 
_pdbx_struct_conn_angle.ptnr3_symmetry 
_pdbx_struct_conn_angle.value 
_pdbx_struct_conn_angle.value_esd 
1  N ? A THR 1  ? A THR 1   ? 1_555 ZN ? E ZN . ? C ZN 101 ? 1_655 O ? A THR 1  ? A THR 1   ? 1_555 73.6 ? 
2  N ? A THR 1  ? A THR 1   ? 1_555 ZN ? E ZN . ? C ZN 101 ? 1_655 O ? G HOH .  ? A HOH 110 ? 1_455 72.3 ? 
3  O ? A THR 1  ? A THR 1   ? 1_555 ZN ? E ZN . ? C ZN 101 ? 1_655 O ? G HOH .  ? A HOH 110 ? 1_455 39.3 ? 
4  N ? A THR 1  ? A THR 1   ? 1_555 ZN ? E ZN . ? C ZN 101 ? 1_655 N ? C THR 1  ? C THR 1   ? 1_555 77.8 ? 
5  O ? A THR 1  ? A THR 1   ? 1_555 ZN ? E ZN . ? C ZN 101 ? 1_655 N ? C THR 1  ? C THR 1   ? 1_555 33.4 ? 
6  O ? G HOH .  ? A HOH 110 ? 1_455 ZN ? E ZN . ? C ZN 101 ? 1_655 N ? C THR 1  ? C THR 1   ? 1_555 8.6  ? 
7  N ? A THR 1  ? A THR 1   ? 1_555 ZN ? E ZN . ? C ZN 101 ? 1_655 O ? C THR 1  ? C THR 1   ? 1_555 71.8 ? 
8  O ? A THR 1  ? A THR 1   ? 1_555 ZN ? E ZN . ? C ZN 101 ? 1_655 O ? C THR 1  ? C THR 1   ? 1_555 29.7 ? 
9  O ? G HOH .  ? A HOH 110 ? 1_455 ZN ? E ZN . ? C ZN 101 ? 1_655 O ? C THR 1  ? C THR 1   ? 1_555 9.6  ? 
10 N ? C THR 1  ? C THR 1   ? 1_555 ZN ? E ZN . ? C ZN 101 ? 1_655 O ? C THR 1  ? C THR 1   ? 1_555 6.7  ? 
11 N ? B THR 1  ? B THR 1   ? 1_555 ZN ? F ZN . ? D ZN 101 ? 1_554 O ? B THR 1  ? B THR 1   ? 1_555 80.5 ? 
12 N ? B THR 1  ? B THR 1   ? 1_555 ZN ? F ZN . ? D ZN 101 ? 1_554 N ? D THR 1  ? D THR 1   ? 1_555 87.5 ? 
13 O ? B THR 1  ? B THR 1   ? 1_555 ZN ? F ZN . ? D ZN 101 ? 1_554 N ? D THR 1  ? D THR 1   ? 1_555 62.6 ? 
14 N ? B THR 1  ? B THR 1   ? 1_555 ZN ? F ZN . ? D ZN 101 ? 1_554 O ? D THR 1  ? D THR 1   ? 1_555 81.7 ? 
15 O ? B THR 1  ? B THR 1   ? 1_555 ZN ? F ZN . ? D ZN 101 ? 1_554 O ? D THR 1  ? D THR 1   ? 1_555 59.8 ? 
16 N ? D THR 1  ? D THR 1   ? 1_555 ZN ? F ZN . ? D ZN 101 ? 1_554 O ? D THR 1  ? D THR 1   ? 1_555 6.1  ? 
17 N ? B THR 1  ? B THR 1   ? 1_555 ZN ? F ZN . ? D ZN 101 ? 1_554 O ? D SER 23 ? D SER 23  ? 1_555 68.7 ? 
18 O ? B THR 1  ? B THR 1   ? 1_555 ZN ? F ZN . ? D ZN 101 ? 1_554 O ? D SER 23 ? D SER 23  ? 1_555 19.0 ? 
19 N ? D THR 1  ? D THR 1   ? 1_555 ZN ? F ZN . ? D ZN 101 ? 1_554 O ? D SER 23 ? D SER 23  ? 1_555 78.0 ? 
20 O ? D THR 1  ? D THR 1   ? 1_555 ZN ? F ZN . ? D ZN 101 ? 1_554 O ? D SER 23 ? D SER 23  ? 1_555 74.1 ? 
21 N ? B THR 1  ? B THR 1   ? 1_555 ZN ? F ZN . ? D ZN 101 ? 1_554 O ? J HOH .  ? D HOH 201 ? 1_555 69.9 ? 
22 O ? B THR 1  ? B THR 1   ? 1_555 ZN ? F ZN . ? D ZN 101 ? 1_554 O ? J HOH .  ? D HOH 201 ? 1_555 15.3 ? 
23 N ? D THR 1  ? D THR 1   ? 1_555 ZN ? F ZN . ? D ZN 101 ? 1_554 O ? J HOH .  ? D HOH 201 ? 1_555 74.1 ? 
24 O ? D THR 1  ? D THR 1   ? 1_555 ZN ? F ZN . ? D ZN 101 ? 1_554 O ? J HOH .  ? D HOH 201 ? 1_555 70.3 ? 
25 O ? D SER 23 ? D SER 23  ? 1_555 ZN ? F ZN . ? D ZN 101 ? 1_554 O ? J HOH .  ? D HOH 201 ? 1_555 4.0  ? 
# 
_pdbx_audit_revision_history.ordinal             1 
_pdbx_audit_revision_history.data_content_type   'Structure model' 
_pdbx_audit_revision_history.major_revision      1 
_pdbx_audit_revision_history.minor_revision      0 
_pdbx_audit_revision_history.revision_date       2023-08-30 
# 
_pdbx_audit_revision_details.ordinal             1 
_pdbx_audit_revision_details.revision_ordinal    1 
_pdbx_audit_revision_details.data_content_type   'Structure model' 
_pdbx_audit_revision_details.provider            repository 
_pdbx_audit_revision_details.type                'Initial release' 
_pdbx_audit_revision_details.description         ? 
_pdbx_audit_revision_details.details             ? 
# 
loop_
_space_group_symop.id 
_space_group_symop.operation_xyz 
1 x,y,z       
2 -x,y+1/2,-z 
# 
loop_
_software.citation_id 
_software.classification 
_software.compiler_name 
_software.compiler_version 
_software.contact_author 
_software.contact_author_email 
_software.date 
_software.description 
_software.dependencies 
_software.hardware 
_software.language 
_software.location 
_software.mods 
_software.name 
_software.os 
_software.os_version 
_software.type 
_software.version 
_software.pdbx_ordinal 
? refinement       ? ? ? ? ? ? ? ? ? ? ? PHENIX ? ? ? 1.20.1_4487 1 
? 'data reduction' ? ? ? ? ? ? ? ? ? ? ? XDS    ? ? ? .           2 
? phasing          ? ? ? ? ? ? ? ? ? ? ? MOLREP ? ? ? .           3 
# 
_pdbx_entry_details.entry_id                 8GOJ 
_pdbx_entry_details.has_ligand_of_interest   N 
_pdbx_entry_details.compound_details         ? 
_pdbx_entry_details.source_details           ? 
_pdbx_entry_details.nonpolymer_details       ? 
_pdbx_entry_details.sequence_details         ? 
# 
_pdbx_validate_rmsd_angle.id                         1 
_pdbx_validate_rmsd_angle.PDB_model_num              1 
_pdbx_validate_rmsd_angle.auth_atom_id_1             CB 
_pdbx_validate_rmsd_angle.auth_asym_id_1             A 
_pdbx_validate_rmsd_angle.auth_comp_id_1             ARG 
_pdbx_validate_rmsd_angle.auth_seq_id_1              20 
_pdbx_validate_rmsd_angle.PDB_ins_code_1             ? 
_pdbx_validate_rmsd_angle.label_alt_id_1             ? 
_pdbx_validate_rmsd_angle.auth_atom_id_2             CG 
_pdbx_validate_rmsd_angle.auth_asym_id_2             A 
_pdbx_validate_rmsd_angle.auth_comp_id_2             ARG 
_pdbx_validate_rmsd_angle.auth_seq_id_2              20 
_pdbx_validate_rmsd_angle.PDB_ins_code_2             ? 
_pdbx_validate_rmsd_angle.label_alt_id_2             ? 
_pdbx_validate_rmsd_angle.auth_atom_id_3             CD 
_pdbx_validate_rmsd_angle.auth_asym_id_3             A 
_pdbx_validate_rmsd_angle.auth_comp_id_3             ARG 
_pdbx_validate_rmsd_angle.auth_seq_id_3              20 
_pdbx_validate_rmsd_angle.PDB_ins_code_3             ? 
_pdbx_validate_rmsd_angle.label_alt_id_3             ? 
_pdbx_validate_rmsd_angle.angle_value                94.47 
_pdbx_validate_rmsd_angle.angle_target_value         111.60 
_pdbx_validate_rmsd_angle.angle_deviation            -17.13 
_pdbx_validate_rmsd_angle.angle_standard_deviation   2.60 
_pdbx_validate_rmsd_angle.linker_flag                N 
# 
_pdbx_validate_planes.id              1 
_pdbx_validate_planes.PDB_model_num   1 
_pdbx_validate_planes.auth_comp_id    ARG 
_pdbx_validate_planes.auth_asym_id    A 
_pdbx_validate_planes.auth_seq_id     20 
_pdbx_validate_planes.PDB_ins_code    ? 
_pdbx_validate_planes.label_alt_id    ? 
_pdbx_validate_planes.rmsd            0.142 
_pdbx_validate_planes.type            'SIDE CHAIN' 
# 
loop_
_pdbx_unobs_or_zero_occ_atoms.id 
_pdbx_unobs_or_zero_occ_atoms.PDB_model_num 
_pdbx_unobs_or_zero_occ_atoms.polymer_flag 
_pdbx_unobs_or_zero_occ_atoms.occupancy_flag 
_pdbx_unobs_or_zero_occ_atoms.auth_asym_id 
_pdbx_unobs_or_zero_occ_atoms.auth_comp_id 
_pdbx_unobs_or_zero_occ_atoms.auth_seq_id 
_pdbx_unobs_or_zero_occ_atoms.PDB_ins_code 
_pdbx_unobs_or_zero_occ_atoms.auth_atom_id 
_pdbx_unobs_or_zero_occ_atoms.label_alt_id 
_pdbx_unobs_or_zero_occ_atoms.label_asym_id 
_pdbx_unobs_or_zero_occ_atoms.label_comp_id 
_pdbx_unobs_or_zero_occ_atoms.label_seq_id 
_pdbx_unobs_or_zero_occ_atoms.label_atom_id 
1 1 Y 1 A THR 1  ? OG1 ? A THR 1  OG1 
2 1 Y 1 A THR 1  ? CG2 ? A THR 1  CG2 
3 1 Y 1 C THR 1  ? OG1 ? C THR 1  OG1 
4 1 Y 1 C THR 1  ? CG2 ? C THR 1  CG2 
5 1 Y 1 D LYS 10 ? CE  ? D LYS 10 CE  
6 1 Y 1 D LYS 10 ? NZ  ? D LYS 10 NZ  
# 
loop_
_pdbx_unobs_or_zero_occ_residues.id 
_pdbx_unobs_or_zero_occ_residues.PDB_model_num 
_pdbx_unobs_or_zero_occ_residues.polymer_flag 
_pdbx_unobs_or_zero_occ_residues.occupancy_flag 
_pdbx_unobs_or_zero_occ_residues.auth_asym_id 
_pdbx_unobs_or_zero_occ_residues.auth_comp_id 
_pdbx_unobs_or_zero_occ_residues.auth_seq_id 
_pdbx_unobs_or_zero_occ_residues.PDB_ins_code 
_pdbx_unobs_or_zero_occ_residues.label_asym_id 
_pdbx_unobs_or_zero_occ_residues.label_comp_id 
_pdbx_unobs_or_zero_occ_residues.label_seq_id 
1 1 Y 1 A SER 23 ? A SER 23 
2 1 Y 1 B SER 23 ? B SER 23 
3 1 Y 1 C SER 22 ? C SER 22 
4 1 Y 1 C SER 23 ? C SER 23 
# 
loop_
_chem_comp_atom.comp_id 
_chem_comp_atom.atom_id 
_chem_comp_atom.type_symbol 
_chem_comp_atom.pdbx_aromatic_flag 
_chem_comp_atom.pdbx_stereo_config 
_chem_comp_atom.pdbx_ordinal 
ALA N    N  N N 1   
ALA CA   C  N S 2   
ALA C    C  N N 3   
ALA O    O  N N 4   
ALA CB   C  N N 5   
ALA OXT  O  N N 6   
ALA H    H  N N 7   
ALA H2   H  N N 8   
ALA HA   H  N N 9   
ALA HB1  H  N N 10  
ALA HB2  H  N N 11  
ALA HB3  H  N N 12  
ALA HXT  H  N N 13  
ARG N    N  N N 14  
ARG CA   C  N S 15  
ARG C    C  N N 16  
ARG O    O  N N 17  
ARG CB   C  N N 18  
ARG CG   C  N N 19  
ARG CD   C  N N 20  
ARG NE   N  N N 21  
ARG CZ   C  N N 22  
ARG NH1  N  N N 23  
ARG NH2  N  N N 24  
ARG OXT  O  N N 25  
ARG H    H  N N 26  
ARG H2   H  N N 27  
ARG HA   H  N N 28  
ARG HB2  H  N N 29  
ARG HB3  H  N N 30  
ARG HG2  H  N N 31  
ARG HG3  H  N N 32  
ARG HD2  H  N N 33  
ARG HD3  H  N N 34  
ARG HE   H  N N 35  
ARG HH11 H  N N 36  
ARG HH12 H  N N 37  
ARG HH21 H  N N 38  
ARG HH22 H  N N 39  
ARG HXT  H  N N 40  
ASP N    N  N N 41  
ASP CA   C  N S 42  
ASP C    C  N N 43  
ASP O    O  N N 44  
ASP CB   C  N N 45  
ASP CG   C  N N 46  
ASP OD1  O  N N 47  
ASP OD2  O  N N 48  
ASP OXT  O  N N 49  
ASP H    H  N N 50  
ASP H2   H  N N 51  
ASP HA   H  N N 52  
ASP HB2  H  N N 53  
ASP HB3  H  N N 54  
ASP HD2  H  N N 55  
ASP HXT  H  N N 56  
GLN N    N  N N 57  
GLN CA   C  N S 58  
GLN C    C  N N 59  
GLN O    O  N N 60  
GLN CB   C  N N 61  
GLN CG   C  N N 62  
GLN CD   C  N N 63  
GLN OE1  O  N N 64  
GLN NE2  N  N N 65  
GLN OXT  O  N N 66  
GLN H    H  N N 67  
GLN H2   H  N N 68  
GLN HA   H  N N 69  
GLN HB2  H  N N 70  
GLN HB3  H  N N 71  
GLN HG2  H  N N 72  
GLN HG3  H  N N 73  
GLN HE21 H  N N 74  
GLN HE22 H  N N 75  
GLN HXT  H  N N 76  
GLU N    N  N N 77  
GLU CA   C  N S 78  
GLU C    C  N N 79  
GLU O    O  N N 80  
GLU CB   C  N N 81  
GLU CG   C  N N 82  
GLU CD   C  N N 83  
GLU OE1  O  N N 84  
GLU OE2  O  N N 85  
GLU OXT  O  N N 86  
GLU H    H  N N 87  
GLU H2   H  N N 88  
GLU HA   H  N N 89  
GLU HB2  H  N N 90  
GLU HB3  H  N N 91  
GLU HG2  H  N N 92  
GLU HG3  H  N N 93  
GLU HE2  H  N N 94  
GLU HXT  H  N N 95  
HOH O    O  N N 96  
HOH H1   H  N N 97  
HOH H2   H  N N 98  
LEU N    N  N N 99  
LEU CA   C  N S 100 
LEU C    C  N N 101 
LEU O    O  N N 102 
LEU CB   C  N N 103 
LEU CG   C  N N 104 
LEU CD1  C  N N 105 
LEU CD2  C  N N 106 
LEU OXT  O  N N 107 
LEU H    H  N N 108 
LEU H2   H  N N 109 
LEU HA   H  N N 110 
LEU HB2  H  N N 111 
LEU HB3  H  N N 112 
LEU HG   H  N N 113 
LEU HD11 H  N N 114 
LEU HD12 H  N N 115 
LEU HD13 H  N N 116 
LEU HD21 H  N N 117 
LEU HD22 H  N N 118 
LEU HD23 H  N N 119 
LEU HXT  H  N N 120 
LYS N    N  N N 121 
LYS CA   C  N S 122 
LYS C    C  N N 123 
LYS O    O  N N 124 
LYS CB   C  N N 125 
LYS CG   C  N N 126 
LYS CD   C  N N 127 
LYS CE   C  N N 128 
LYS NZ   N  N N 129 
LYS OXT  O  N N 130 
LYS H    H  N N 131 
LYS H2   H  N N 132 
LYS HA   H  N N 133 
LYS HB2  H  N N 134 
LYS HB3  H  N N 135 
LYS HG2  H  N N 136 
LYS HG3  H  N N 137 
LYS HD2  H  N N 138 
LYS HD3  H  N N 139 
LYS HE2  H  N N 140 
LYS HE3  H  N N 141 
LYS HZ1  H  N N 142 
LYS HZ2  H  N N 143 
LYS HZ3  H  N N 144 
LYS HXT  H  N N 145 
PRO N    N  N N 146 
PRO CA   C  N S 147 
PRO C    C  N N 148 
PRO O    O  N N 149 
PRO CB   C  N N 150 
PRO CG   C  N N 151 
PRO CD   C  N N 152 
PRO OXT  O  N N 153 
PRO H    H  N N 154 
PRO HA   H  N N 155 
PRO HB2  H  N N 156 
PRO HB3  H  N N 157 
PRO HG2  H  N N 158 
PRO HG3  H  N N 159 
PRO HD2  H  N N 160 
PRO HD3  H  N N 161 
PRO HXT  H  N N 162 
SER N    N  N N 163 
SER CA   C  N S 164 
SER C    C  N N 165 
SER O    O  N N 166 
SER CB   C  N N 167 
SER OG   O  N N 168 
SER OXT  O  N N 169 
SER H    H  N N 170 
SER H2   H  N N 171 
SER HA   H  N N 172 
SER HB2  H  N N 173 
SER HB3  H  N N 174 
SER HG   H  N N 175 
SER HXT  H  N N 176 
THR N    N  N N 177 
THR CA   C  N S 178 
THR C    C  N N 179 
THR O    O  N N 180 
THR CB   C  N R 181 
THR OG1  O  N N 182 
THR CG2  C  N N 183 
THR OXT  O  N N 184 
THR H    H  N N 185 
THR H2   H  N N 186 
THR HA   H  N N 187 
THR HB   H  N N 188 
THR HG1  H  N N 189 
THR HG21 H  N N 190 
THR HG22 H  N N 191 
THR HG23 H  N N 192 
THR HXT  H  N N 193 
TYR N    N  N N 194 
TYR CA   C  N S 195 
TYR C    C  N N 196 
TYR O    O  N N 197 
TYR CB   C  N N 198 
TYR CG   C  Y N 199 
TYR CD1  C  Y N 200 
TYR CD2  C  Y N 201 
TYR CE1  C  Y N 202 
TYR CE2  C  Y N 203 
TYR CZ   C  Y N 204 
TYR OH   O  N N 205 
TYR OXT  O  N N 206 
TYR H    H  N N 207 
TYR H2   H  N N 208 
TYR HA   H  N N 209 
TYR HB2  H  N N 210 
TYR HB3  H  N N 211 
TYR HD1  H  N N 212 
TYR HD2  H  N N 213 
TYR HE1  H  N N 214 
TYR HE2  H  N N 215 
TYR HH   H  N N 216 
TYR HXT  H  N N 217 
VAL N    N  N N 218 
VAL CA   C  N S 219 
VAL C    C  N N 220 
VAL O    O  N N 221 
VAL CB   C  N N 222 
VAL CG1  C  N N 223 
VAL CG2  C  N N 224 
VAL OXT  O  N N 225 
VAL H    H  N N 226 
VAL H2   H  N N 227 
VAL HA   H  N N 228 
VAL HB   H  N N 229 
VAL HG11 H  N N 230 
VAL HG12 H  N N 231 
VAL HG13 H  N N 232 
VAL HG21 H  N N 233 
VAL HG22 H  N N 234 
VAL HG23 H  N N 235 
VAL HXT  H  N N 236 
ZN  ZN   ZN N N 237 
# 
loop_
_chem_comp_bond.comp_id 
_chem_comp_bond.atom_id_1 
_chem_comp_bond.atom_id_2 
_chem_comp_bond.value_order 
_chem_comp_bond.pdbx_aromatic_flag 
_chem_comp_bond.pdbx_stereo_config 
_chem_comp_bond.pdbx_ordinal 
ALA N   CA   sing N N 1   
ALA N   H    sing N N 2   
ALA N   H2   sing N N 3   
ALA CA  C    sing N N 4   
ALA CA  CB   sing N N 5   
ALA CA  HA   sing N N 6   
ALA C   O    doub N N 7   
ALA C   OXT  sing N N 8   
ALA CB  HB1  sing N N 9   
ALA CB  HB2  sing N N 10  
ALA CB  HB3  sing N N 11  
ALA OXT HXT  sing N N 12  
ARG N   CA   sing N N 13  
ARG N   H    sing N N 14  
ARG N   H2   sing N N 15  
ARG CA  C    sing N N 16  
ARG CA  CB   sing N N 17  
ARG CA  HA   sing N N 18  
ARG C   O    doub N N 19  
ARG C   OXT  sing N N 20  
ARG CB  CG   sing N N 21  
ARG CB  HB2  sing N N 22  
ARG CB  HB3  sing N N 23  
ARG CG  CD   sing N N 24  
ARG CG  HG2  sing N N 25  
ARG CG  HG3  sing N N 26  
ARG CD  NE   sing N N 27  
ARG CD  HD2  sing N N 28  
ARG CD  HD3  sing N N 29  
ARG NE  CZ   sing N N 30  
ARG NE  HE   sing N N 31  
ARG CZ  NH1  sing N N 32  
ARG CZ  NH2  doub N N 33  
ARG NH1 HH11 sing N N 34  
ARG NH1 HH12 sing N N 35  
ARG NH2 HH21 sing N N 36  
ARG NH2 HH22 sing N N 37  
ARG OXT HXT  sing N N 38  
ASP N   CA   sing N N 39  
ASP N   H    sing N N 40  
ASP N   H2   sing N N 41  
ASP CA  C    sing N N 42  
ASP CA  CB   sing N N 43  
ASP CA  HA   sing N N 44  
ASP C   O    doub N N 45  
ASP C   OXT  sing N N 46  
ASP CB  CG   sing N N 47  
ASP CB  HB2  sing N N 48  
ASP CB  HB3  sing N N 49  
ASP CG  OD1  doub N N 50  
ASP CG  OD2  sing N N 51  
ASP OD2 HD2  sing N N 52  
ASP OXT HXT  sing N N 53  
GLN N   CA   sing N N 54  
GLN N   H    sing N N 55  
GLN N   H2   sing N N 56  
GLN CA  C    sing N N 57  
GLN CA  CB   sing N N 58  
GLN CA  HA   sing N N 59  
GLN C   O    doub N N 60  
GLN C   OXT  sing N N 61  
GLN CB  CG   sing N N 62  
GLN CB  HB2  sing N N 63  
GLN CB  HB3  sing N N 64  
GLN CG  CD   sing N N 65  
GLN CG  HG2  sing N N 66  
GLN CG  HG3  sing N N 67  
GLN CD  OE1  doub N N 68  
GLN CD  NE2  sing N N 69  
GLN NE2 HE21 sing N N 70  
GLN NE2 HE22 sing N N 71  
GLN OXT HXT  sing N N 72  
GLU N   CA   sing N N 73  
GLU N   H    sing N N 74  
GLU N   H2   sing N N 75  
GLU CA  C    sing N N 76  
GLU CA  CB   sing N N 77  
GLU CA  HA   sing N N 78  
GLU C   O    doub N N 79  
GLU C   OXT  sing N N 80  
GLU CB  CG   sing N N 81  
GLU CB  HB2  sing N N 82  
GLU CB  HB3  sing N N 83  
GLU CG  CD   sing N N 84  
GLU CG  HG2  sing N N 85  
GLU CG  HG3  sing N N 86  
GLU CD  OE1  doub N N 87  
GLU CD  OE2  sing N N 88  
GLU OE2 HE2  sing N N 89  
GLU OXT HXT  sing N N 90  
HOH O   H1   sing N N 91  
HOH O   H2   sing N N 92  
LEU N   CA   sing N N 93  
LEU N   H    sing N N 94  
LEU N   H2   sing N N 95  
LEU CA  C    sing N N 96  
LEU CA  CB   sing N N 97  
LEU CA  HA   sing N N 98  
LEU C   O    doub N N 99  
LEU C   OXT  sing N N 100 
LEU CB  CG   sing N N 101 
LEU CB  HB2  sing N N 102 
LEU CB  HB3  sing N N 103 
LEU CG  CD1  sing N N 104 
LEU CG  CD2  sing N N 105 
LEU CG  HG   sing N N 106 
LEU CD1 HD11 sing N N 107 
LEU CD1 HD12 sing N N 108 
LEU CD1 HD13 sing N N 109 
LEU CD2 HD21 sing N N 110 
LEU CD2 HD22 sing N N 111 
LEU CD2 HD23 sing N N 112 
LEU OXT HXT  sing N N 113 
LYS N   CA   sing N N 114 
LYS N   H    sing N N 115 
LYS N   H2   sing N N 116 
LYS CA  C    sing N N 117 
LYS CA  CB   sing N N 118 
LYS CA  HA   sing N N 119 
LYS C   O    doub N N 120 
LYS C   OXT  sing N N 121 
LYS CB  CG   sing N N 122 
LYS CB  HB2  sing N N 123 
LYS CB  HB3  sing N N 124 
LYS CG  CD   sing N N 125 
LYS CG  HG2  sing N N 126 
LYS CG  HG3  sing N N 127 
LYS CD  CE   sing N N 128 
LYS CD  HD2  sing N N 129 
LYS CD  HD3  sing N N 130 
LYS CE  NZ   sing N N 131 
LYS CE  HE2  sing N N 132 
LYS CE  HE3  sing N N 133 
LYS NZ  HZ1  sing N N 134 
LYS NZ  HZ2  sing N N 135 
LYS NZ  HZ3  sing N N 136 
LYS OXT HXT  sing N N 137 
PRO N   CA   sing N N 138 
PRO N   CD   sing N N 139 
PRO N   H    sing N N 140 
PRO CA  C    sing N N 141 
PRO CA  CB   sing N N 142 
PRO CA  HA   sing N N 143 
PRO C   O    doub N N 144 
PRO C   OXT  sing N N 145 
PRO CB  CG   sing N N 146 
PRO CB  HB2  sing N N 147 
PRO CB  HB3  sing N N 148 
PRO CG  CD   sing N N 149 
PRO CG  HG2  sing N N 150 
PRO CG  HG3  sing N N 151 
PRO CD  HD2  sing N N 152 
PRO CD  HD3  sing N N 153 
PRO OXT HXT  sing N N 154 
SER N   CA   sing N N 155 
SER N   H    sing N N 156 
SER N   H2   sing N N 157 
SER CA  C    sing N N 158 
SER CA  CB   sing N N 159 
SER CA  HA   sing N N 160 
SER C   O    doub N N 161 
SER C   OXT  sing N N 162 
SER CB  OG   sing N N 163 
SER CB  HB2  sing N N 164 
SER CB  HB3  sing N N 165 
SER OG  HG   sing N N 166 
SER OXT HXT  sing N N 167 
THR N   CA   sing N N 168 
THR N   H    sing N N 169 
THR N   H2   sing N N 170 
THR CA  C    sing N N 171 
THR CA  CB   sing N N 172 
THR CA  HA   sing N N 173 
THR C   O    doub N N 174 
THR C   OXT  sing N N 175 
THR CB  OG1  sing N N 176 
THR CB  CG2  sing N N 177 
THR CB  HB   sing N N 178 
THR OG1 HG1  sing N N 179 
THR CG2 HG21 sing N N 180 
THR CG2 HG22 sing N N 181 
THR CG2 HG23 sing N N 182 
THR OXT HXT  sing N N 183 
TYR N   CA   sing N N 184 
TYR N   H    sing N N 185 
TYR N   H2   sing N N 186 
TYR CA  C    sing N N 187 
TYR CA  CB   sing N N 188 
TYR CA  HA   sing N N 189 
TYR C   O    doub N N 190 
TYR C   OXT  sing N N 191 
TYR CB  CG   sing N N 192 
TYR CB  HB2  sing N N 193 
TYR CB  HB3  sing N N 194 
TYR CG  CD1  doub Y N 195 
TYR CG  CD2  sing Y N 196 
TYR CD1 CE1  sing Y N 197 
TYR CD1 HD1  sing N N 198 
TYR CD2 CE2  doub Y N 199 
TYR CD2 HD2  sing N N 200 
TYR CE1 CZ   doub Y N 201 
TYR CE1 HE1  sing N N 202 
TYR CE2 CZ   sing Y N 203 
TYR CE2 HE2  sing N N 204 
TYR CZ  OH   sing N N 205 
TYR OH  HH   sing N N 206 
TYR OXT HXT  sing N N 207 
VAL N   CA   sing N N 208 
VAL N   H    sing N N 209 
VAL N   H2   sing N N 210 
VAL CA  C    sing N N 211 
VAL CA  CB   sing N N 212 
VAL CA  HA   sing N N 213 
VAL C   O    doub N N 214 
VAL C   OXT  sing N N 215 
VAL CB  CG1  sing N N 216 
VAL CB  CG2  sing N N 217 
VAL CB  HB   sing N N 218 
VAL CG1 HG11 sing N N 219 
VAL CG1 HG12 sing N N 220 
VAL CG1 HG13 sing N N 221 
VAL CG2 HG21 sing N N 222 
VAL CG2 HG22 sing N N 223 
VAL CG2 HG23 sing N N 224 
VAL OXT HXT  sing N N 225 
# 
_pdbx_audit_support.funding_organization   'Japan Science and Technology' 
_pdbx_audit_support.country                Japan 
_pdbx_audit_support.grant_number           JPMJAC1304 
_pdbx_audit_support.ordinal                1 
# 
loop_
_pdbx_entity_nonpoly.entity_id 
_pdbx_entity_nonpoly.name 
_pdbx_entity_nonpoly.comp_id 
3 'ZINC ION' ZN  
4 water      HOH 
# 
_pdbx_struct_assembly_auth_evidence.id                     1 
_pdbx_struct_assembly_auth_evidence.assembly_id            1 
_pdbx_struct_assembly_auth_evidence.experimental_support   'gel filtration' 
_pdbx_struct_assembly_auth_evidence.details                'tetramer detected by a sedimentation velocity analysis.' 
# 
_space_group.name_H-M_alt     'P 1 21 1' 
_space_group.name_Hall        'P 2yb' 
_space_group.IT_number        4 
_space_group.crystal_system   monoclinic 
_space_group.id               1 
# 
